data_5OFQ
#
_entry.id   5OFQ
#
_cell.length_a   77.125
_cell.length_b   155.534
_cell.length_c   158.151
_cell.angle_alpha   90.000
_cell.angle_beta   90.000
_cell.angle_gamma   90.000
#
_symmetry.space_group_name_H-M   'P 21 21 21'
#
loop_
_entity.id
_entity.type
_entity.pdbx_description
1 polymer 'Cytochrome P450'
2 non-polymer 'PROTOPORPHYRIN IX CONTAINING FE'
3 non-polymer 'PENTAETHYLENE GLYCOL'
4 non-polymer 'SULFATE ION'
5 water water
#
_entity_poly.entity_id   1
_entity_poly.type   'polypeptide(L)'
_entity_poly.pdbx_seq_one_letter_code
;MNPKAVKRENRYANLIPMQEIKSVEQQLYPFDIYNSLRQEAPIRYDESRNCWDVFDYETVKYILKNPSLFSSKRAMEERQ
ESILMMDPPKHTKLRNLVNKAFTPRAIQHLEGHIEEIADYLLDEVSSKEKFDIVEDFAGPLPIIVIAELLGVPIQDRALF
KKYSDDLVSGAENNSDEAFAKMMQKRNEGVIFLQGYFKEIIAERQQNKQEDLISLLLEAEIDGEHLTEEEVLGFCILLLV
AGNETTTNLITNGVRYMTEDVDVQNEVRRDISLVPNLVEETLRYYPPIQAIGRIAAEDVELGECKIKRGQQVISWAASAN
RDSAKFEWPDTFVVHRKTNPHVSFGFGIHFCLGAPLARMEGKIAFTKLLEKGGFSKVQNQSLKPIDSPFVFGVKKYEIAF
NNAHHHHHH
;
_entity_poly.pdbx_strand_id   A,B,C,D
#
loop_
_chem_comp.id
_chem_comp.type
_chem_comp.name
_chem_comp.formula
1PE non-polymer 'PENTAETHYLENE GLYCOL' 'C10 H22 O6'
HEM non-polymer 'PROTOPORPHYRIN IX CONTAINING FE' 'C34 H32 Fe N4 O4'
SO4 non-polymer 'SULFATE ION' 'O4 S -2'
#
# COMPACT_ATOMS: atom_id res chain seq x y z
N ILE A 16 -2.22 -33.95 15.03
CA ILE A 16 -1.97 -35.36 15.44
C ILE A 16 -0.66 -35.51 16.27
N PRO A 17 -0.77 -35.79 17.58
CA PRO A 17 0.38 -35.68 18.49
C PRO A 17 1.18 -36.98 18.56
N MET A 18 2.42 -36.89 19.07
CA MET A 18 3.22 -38.10 19.12
C MET A 18 2.77 -38.95 20.30
N GLN A 19 3.02 -40.27 20.22
CA GLN A 19 2.43 -41.18 21.19
C GLN A 19 3.07 -41.04 22.56
N GLU A 20 4.32 -40.53 22.64
CA GLU A 20 4.97 -40.32 23.94
C GLU A 20 4.25 -39.27 24.76
N ILE A 21 3.56 -38.33 24.11
CA ILE A 21 2.74 -37.36 24.80
C ILE A 21 1.39 -38.02 25.03
N LYS A 22 1.09 -38.35 26.30
CA LYS A 22 -0.15 -39.06 26.59
C LYS A 22 -1.16 -38.12 27.21
N SER A 23 -0.89 -37.61 28.40
CA SER A 23 -1.94 -36.90 29.10
C SER A 23 -1.99 -35.46 28.69
N VAL A 24 -3.03 -34.79 29.17
CA VAL A 24 -3.13 -33.34 29.03
C VAL A 24 -1.96 -32.68 29.72
N GLU A 25 -1.62 -33.15 30.91
CA GLU A 25 -0.52 -32.56 31.67
C GLU A 25 0.84 -32.68 30.96
N GLN A 26 1.02 -33.65 30.08
CA GLN A 26 2.24 -33.73 29.29
C GLN A 26 2.24 -32.74 28.13
N GLN A 27 1.10 -32.56 27.45
CA GLN A 27 1.04 -31.51 26.45
C GLN A 27 1.41 -30.16 27.04
N LEU A 28 1.05 -29.95 28.31
CA LEU A 28 1.29 -28.68 28.96
C LEU A 28 2.72 -28.54 29.42
N TYR A 29 3.44 -29.66 29.56
CA TYR A 29 4.88 -29.66 29.87
C TYR A 29 5.47 -30.93 29.29
N PRO A 30 5.74 -30.95 27.99
CA PRO A 30 6.28 -32.13 27.33
C PRO A 30 7.80 -32.16 27.30
N PHE A 31 8.44 -31.20 27.96
CA PHE A 31 9.87 -31.01 27.76
C PHE A 31 10.67 -32.15 28.38
N ASP A 32 10.25 -32.68 29.50
CA ASP A 32 10.90 -33.87 29.98
C ASP A 32 10.73 -35.03 29.00
N ILE A 33 9.55 -35.19 28.38
CA ILE A 33 9.40 -36.23 27.38
C ILE A 33 10.39 -36.02 26.24
N TYR A 34 10.47 -34.81 25.70
CA TYR A 34 11.33 -34.60 24.54
C TYR A 34 12.79 -34.81 24.92
N ASN A 35 13.14 -34.39 26.13
CA ASN A 35 14.50 -34.54 26.64
C ASN A 35 14.89 -36.00 26.67
N SER A 36 14.05 -36.85 27.28
CA SER A 36 14.26 -38.30 27.25
C SER A 36 14.44 -38.78 25.81
N LEU A 37 13.50 -38.41 24.93
CA LEU A 37 13.59 -38.86 23.54
C LEU A 37 14.90 -38.42 22.92
N ARG A 38 15.32 -37.19 23.21
CA ARG A 38 16.56 -36.68 22.64
C ARG A 38 17.74 -37.51 23.08
N GLN A 39 17.70 -38.04 24.32
CA GLN A 39 18.82 -38.85 24.80
C GLN A 39 18.82 -40.21 24.11
N GLU A 40 17.66 -40.85 24.01
CA GLU A 40 17.63 -42.15 23.38
C GLU A 40 18.06 -41.93 21.96
N ALA A 41 17.17 -41.31 21.20
CA ALA A 41 17.33 -41.20 19.75
C ALA A 41 17.23 -39.73 19.36
N PRO A 42 18.36 -39.07 19.08
CA PRO A 42 18.26 -37.71 18.53
C PRO A 42 17.44 -37.64 17.24
N ILE A 43 17.54 -38.66 16.36
CA ILE A 43 16.69 -38.77 15.19
C ILE A 43 15.87 -40.04 15.33
N ARG A 44 14.59 -39.98 15.01
CA ARG A 44 13.81 -41.21 15.01
C ARG A 44 12.68 -41.12 14.01
N TYR A 45 12.35 -42.26 13.42
CA TYR A 45 11.20 -42.34 12.54
C TYR A 45 10.02 -42.80 13.40
N ASP A 46 8.93 -42.01 13.40
CA ASP A 46 7.70 -42.37 14.12
C ASP A 46 6.75 -42.93 13.09
N GLU A 47 6.63 -44.28 13.08
CA GLU A 47 5.79 -44.97 12.09
C GLU A 47 4.35 -44.45 12.14
N SER A 48 3.84 -44.21 13.34
CA SER A 48 2.48 -43.74 13.51
C SER A 48 2.24 -42.44 12.77
N ARG A 49 3.10 -41.45 12.98
CA ARG A 49 2.95 -40.14 12.33
C ARG A 49 3.65 -40.03 10.96
N ASN A 50 4.40 -41.07 10.56
CA ASN A 50 4.94 -41.16 9.21
C ASN A 50 5.89 -39.99 8.91
N CYS A 51 6.82 -39.75 9.85
CA CYS A 51 7.73 -38.62 9.75
C CYS A 51 8.99 -38.90 10.56
N TRP A 52 10.04 -38.17 10.25
CA TRP A 52 11.23 -38.12 11.11
C TRP A 52 11.06 -37.00 12.12
N ASP A 53 11.41 -37.28 13.38
CA ASP A 53 11.56 -36.27 14.43
C ASP A 53 13.03 -36.06 14.71
N VAL A 54 13.44 -34.81 14.80
CA VAL A 54 14.81 -34.47 15.20
C VAL A 54 14.77 -33.68 16.51
N PHE A 55 15.53 -34.13 17.52
CA PHE A 55 15.47 -33.54 18.85
C PHE A 55 16.71 -32.76 19.24
N ASP A 56 17.84 -33.06 18.65
CA ASP A 56 19.11 -32.46 19.04
C ASP A 56 19.33 -31.15 18.34
N TYR A 57 20.00 -30.23 19.03
CA TYR A 57 20.12 -28.88 18.52
C TYR A 57 20.87 -28.88 17.21
N GLU A 58 22.09 -29.42 17.22
CA GLU A 58 22.98 -29.42 16.07
C GLU A 58 22.29 -29.91 14.79
N THR A 59 21.43 -30.92 14.90
CA THR A 59 20.72 -31.44 13.73
C THR A 59 19.47 -30.61 13.38
N VAL A 60 18.77 -30.02 14.36
CA VAL A 60 17.75 -29.02 14.03
C VAL A 60 18.39 -27.85 13.30
N LYS A 61 19.48 -27.31 13.85
CA LYS A 61 20.16 -26.22 13.17
C LYS A 61 20.48 -26.56 11.73
N TYR A 62 20.99 -27.77 11.50
CA TYR A 62 21.46 -28.16 10.15
C TYR A 62 20.31 -28.28 9.17
N ILE A 63 19.23 -28.90 9.59
CA ILE A 63 18.07 -28.97 8.74
C ILE A 63 17.67 -27.59 8.28
N LEU A 64 17.47 -26.68 9.22
CA LEU A 64 17.01 -25.35 8.84
C LEU A 64 18.02 -24.63 7.98
N LYS A 65 19.29 -24.92 8.17
CA LYS A 65 20.33 -24.16 7.51
C LYS A 65 20.57 -24.64 6.08
N ASN A 66 19.85 -25.68 5.63
CA ASN A 66 20.09 -26.30 4.34
C ASN A 66 18.77 -26.46 3.60
N PRO A 67 18.17 -25.36 3.16
CA PRO A 67 16.89 -25.47 2.46
C PRO A 67 16.96 -26.33 1.23
N SER A 68 18.13 -26.49 0.62
CA SER A 68 18.26 -27.31 -0.59
C SER A 68 18.00 -28.79 -0.29
N LEU A 69 18.43 -29.26 0.86
CA LEU A 69 18.18 -30.63 1.27
C LEU A 69 16.80 -30.78 1.90
N PHE A 70 16.41 -29.78 2.69
CA PHE A 70 15.21 -29.83 3.50
C PHE A 70 14.32 -28.64 3.13
N SER A 71 13.19 -28.94 2.47
CA SER A 71 12.40 -27.98 1.72
C SER A 71 11.23 -27.47 2.56
N SER A 72 10.88 -26.20 2.33
CA SER A 72 9.70 -25.59 2.96
C SER A 72 8.47 -25.67 2.08
N LYS A 73 8.64 -26.20 0.86
CA LYS A 73 7.56 -26.32 -0.11
C LYS A 73 6.50 -27.29 0.40
N ARG A 74 5.27 -27.09 -0.08
CA ARG A 74 4.19 -27.95 0.32
C ARG A 74 3.36 -28.29 -0.90
N ALA A 75 2.60 -29.39 -0.76
CA ALA A 75 1.63 -29.78 -1.77
C ALA A 75 0.74 -28.59 -2.14
N MET A 76 0.52 -28.36 -3.44
CA MET A 76 -0.22 -27.17 -3.87
C MET A 76 -1.70 -27.20 -3.42
N GLU A 77 -2.24 -28.36 -3.01
CA GLU A 77 -3.60 -28.43 -2.46
C GLU A 77 -3.75 -27.63 -1.18
N GLU A 78 -2.78 -27.76 -0.25
CA GLU A 78 -2.76 -26.94 0.95
C GLU A 78 -2.49 -25.49 0.55
N ARG A 79 -2.95 -24.54 1.35
CA ARG A 79 -2.69 -23.18 0.92
C ARG A 79 -1.19 -22.89 1.00
N GLN A 80 -0.74 -21.98 0.13
CA GLN A 80 0.64 -21.49 0.14
C GLN A 80 0.67 -20.22 0.96
N GLU A 81 1.07 -20.33 2.23
CA GLU A 81 1.13 -19.16 3.11
C GLU A 81 2.38 -18.35 2.78
N SER A 82 2.30 -17.66 1.62
CA SER A 82 3.28 -16.67 1.18
C SER A 82 4.68 -17.27 1.36
N ILE A 83 5.62 -16.54 1.96
CA ILE A 83 7.03 -16.93 1.93
C ILE A 83 7.35 -18.11 2.83
N LEU A 84 6.57 -18.36 3.87
CA LEU A 84 6.82 -19.49 4.74
C LEU A 84 6.95 -20.82 3.99
N MET A 85 6.25 -20.99 2.86
CA MET A 85 6.17 -22.28 2.16
C MET A 85 6.80 -22.19 0.77
N MET A 86 7.83 -21.37 0.66
CA MET A 86 8.63 -21.25 -0.55
C MET A 86 10.08 -21.63 -0.29
N ASP A 87 10.79 -22.06 -1.32
CA ASP A 87 12.22 -22.27 -1.26
C ASP A 87 12.98 -21.24 -2.10
N PRO A 88 14.30 -21.09 -1.89
CA PRO A 88 15.00 -20.22 -2.84
C PRO A 88 14.97 -20.80 -4.25
N PRO A 89 15.11 -19.97 -5.26
CA PRO A 89 15.32 -18.53 -5.34
C PRO A 89 14.10 -17.64 -5.16
N LYS A 90 12.91 -18.26 -5.23
CA LYS A 90 11.69 -17.50 -5.06
C LYS A 90 11.61 -16.93 -3.66
N HIS A 91 11.82 -17.77 -2.65
CA HIS A 91 11.71 -17.29 -1.28
C HIS A 91 12.62 -16.12 -1.04
N THR A 92 13.78 -16.17 -1.66
CA THR A 92 14.77 -15.14 -1.44
C THR A 92 14.26 -13.82 -1.97
N LYS A 93 13.71 -13.83 -3.18
CA LYS A 93 13.24 -12.59 -3.79
C LYS A 93 12.13 -11.95 -2.98
N LEU A 94 11.15 -12.74 -2.55
CA LEU A 94 10.00 -12.20 -1.85
C LEU A 94 10.38 -11.72 -0.46
N ARG A 95 11.07 -12.53 0.31
CA ARG A 95 11.57 -12.08 1.61
C ARG A 95 12.31 -10.76 1.47
N ASN A 96 13.18 -10.64 0.46
CA ASN A 96 13.97 -9.43 0.31
C ASN A 96 13.10 -8.20 0.11
N LEU A 97 11.95 -8.37 -0.53
CA LEU A 97 11.01 -7.27 -0.74
C LEU A 97 10.23 -6.93 0.52
N VAL A 98 9.88 -7.89 1.36
CA VAL A 98 9.21 -7.55 2.63
C VAL A 98 10.16 -7.25 3.79
N ASN A 99 11.46 -7.59 3.68
CA ASN A 99 12.43 -7.43 4.77
C ASN A 99 12.45 -6.05 5.42
N LYS A 100 12.60 -4.97 4.62
CA LYS A 100 12.98 -3.68 5.21
C LYS A 100 12.07 -3.23 6.35
N ALA A 101 10.82 -3.66 6.32
CA ALA A 101 9.83 -3.19 7.28
C ALA A 101 9.88 -3.88 8.63
N PHE A 102 10.65 -4.96 8.80
CA PHE A 102 10.57 -5.75 10.01
C PHE A 102 11.82 -5.71 10.88
N THR A 103 12.90 -5.05 10.44
CA THR A 103 14.10 -4.92 11.22
C THR A 103 13.80 -4.22 12.54
N PRO A 104 14.64 -4.45 13.55
CA PRO A 104 14.47 -3.76 14.82
C PRO A 104 14.41 -2.26 14.72
N ARG A 105 15.20 -1.64 13.82
CA ARG A 105 15.19 -0.17 13.65
C ARG A 105 13.89 0.29 13.00
N ALA A 106 13.43 -0.43 11.99
CA ALA A 106 12.23 -0.05 11.28
C ALA A 106 11.01 0.00 12.21
N ILE A 107 10.85 -0.99 13.08
CA ILE A 107 9.65 -1.04 13.90
C ILE A 107 9.85 -0.36 15.23
N GLN A 108 11.06 -0.01 15.59
CA GLN A 108 11.33 0.53 16.92
C GLN A 108 10.40 1.68 17.25
N HIS A 109 10.03 2.50 16.26
CA HIS A 109 9.18 3.67 16.51
C HIS A 109 7.79 3.34 17.04
N LEU A 110 7.35 2.10 16.92
CA LEU A 110 6.04 1.69 17.41
C LEU A 110 5.96 1.52 18.93
N GLU A 111 7.10 1.47 19.61
CA GLU A 111 7.13 1.26 21.06
C GLU A 111 6.03 2.05 21.77
N GLY A 112 5.92 3.36 21.49
CA GLY A 112 4.90 4.15 22.15
C GLY A 112 3.50 3.63 21.91
N HIS A 113 3.14 3.41 20.66
CA HIS A 113 1.81 2.91 20.40
C HIS A 113 1.57 1.57 21.10
N ILE A 114 2.51 0.64 20.96
CA ILE A 114 2.30 -0.64 21.62
C ILE A 114 2.17 -0.44 23.11
N GLU A 115 2.93 0.51 23.66
CA GLU A 115 2.75 0.84 25.06
C GLU A 115 1.36 1.38 25.33
N GLU A 116 0.85 2.23 24.44
CA GLU A 116 -0.46 2.80 24.68
C GLU A 116 -1.49 1.69 24.72
N ILE A 117 -1.33 0.71 23.84
CA ILE A 117 -2.29 -0.38 23.75
C ILE A 117 -2.26 -1.25 25.00
N ALA A 118 -1.07 -1.68 25.40
CA ALA A 118 -0.96 -2.51 26.59
C ALA A 118 -1.48 -1.78 27.82
N ASP A 119 -1.15 -0.48 27.94
CA ASP A 119 -1.75 0.34 28.97
C ASP A 119 -3.26 0.27 28.86
N TYR A 120 -3.77 0.43 27.64
CA TYR A 120 -5.20 0.41 27.44
C TYR A 120 -5.80 -0.90 27.90
N LEU A 121 -5.21 -2.01 27.48
CA LEU A 121 -5.78 -3.32 27.79
C LEU A 121 -5.76 -3.60 29.29
N LEU A 122 -4.69 -3.18 30.00
CA LEU A 122 -4.63 -3.37 31.44
C LEU A 122 -5.57 -2.43 32.17
N ASP A 123 -5.79 -1.21 31.65
CA ASP A 123 -6.78 -0.32 32.24
C ASP A 123 -8.18 -0.95 32.12
N GLU A 124 -8.45 -1.74 31.09
CA GLU A 124 -9.77 -2.34 31.00
C GLU A 124 -10.01 -3.46 31.98
N VAL A 125 -9.05 -3.84 32.82
CA VAL A 125 -9.25 -4.93 33.77
C VAL A 125 -8.76 -4.52 35.16
N SER A 126 -8.86 -3.23 35.47
CA SER A 126 -8.35 -2.70 36.74
C SER A 126 -9.20 -3.16 37.93
N SER A 127 -10.49 -2.75 37.96
CA SER A 127 -11.45 -3.19 38.98
C SER A 127 -11.80 -4.67 38.87
N LYS A 128 -11.38 -5.34 37.80
CA LYS A 128 -11.54 -6.79 37.77
C LYS A 128 -10.49 -7.36 38.72
N GLU A 129 -10.91 -8.28 39.57
CA GLU A 129 -10.00 -8.92 40.49
C GLU A 129 -9.27 -10.13 39.90
N LYS A 130 -9.71 -10.62 38.75
CA LYS A 130 -8.96 -11.65 38.06
C LYS A 130 -9.36 -11.56 36.60
N PHE A 131 -8.49 -12.06 35.73
CA PHE A 131 -8.71 -11.92 34.30
C PHE A 131 -7.88 -12.96 33.57
N ASP A 132 -8.32 -13.23 32.35
CA ASP A 132 -7.66 -14.12 31.42
C ASP A 132 -6.65 -13.32 30.61
N ILE A 133 -5.37 -13.61 30.80
CA ILE A 133 -4.34 -12.87 30.11
C ILE A 133 -4.50 -13.08 28.62
N VAL A 134 -5.10 -14.19 28.20
CA VAL A 134 -5.28 -14.45 26.78
C VAL A 134 -6.35 -13.53 26.17
N GLU A 135 -7.59 -13.62 26.66
CA GLU A 135 -8.68 -12.90 26.00
C GLU A 135 -8.60 -11.41 26.22
N ASP A 136 -8.08 -10.99 27.37
CA ASP A 136 -8.11 -9.62 27.86
C ASP A 136 -6.86 -8.81 27.54
N PHE A 137 -5.76 -9.49 27.21
CA PHE A 137 -4.47 -8.81 27.09
C PHE A 137 -3.61 -9.33 25.95
N ALA A 138 -3.17 -10.58 26.07
CA ALA A 138 -2.13 -11.15 25.20
C ALA A 138 -2.66 -11.51 23.83
N GLY A 139 -3.96 -11.82 23.72
CA GLY A 139 -4.59 -12.18 22.47
C GLY A 139 -4.81 -10.97 21.61
N PRO A 140 -5.37 -9.92 22.23
CA PRO A 140 -5.65 -8.68 21.49
C PRO A 140 -4.43 -7.88 21.11
N LEU A 141 -3.39 -7.84 21.95
CA LEU A 141 -2.27 -6.96 21.65
C LEU A 141 -1.75 -7.20 20.23
N PRO A 142 -1.38 -8.42 19.85
CA PRO A 142 -0.88 -8.61 18.49
C PRO A 142 -1.87 -8.18 17.41
N ILE A 143 -3.15 -8.41 17.65
CA ILE A 143 -4.15 -8.09 16.64
C ILE A 143 -4.20 -6.58 16.41
N ILE A 144 -4.26 -5.81 17.52
CA ILE A 144 -4.32 -4.35 17.44
C ILE A 144 -3.07 -3.80 16.76
N VAL A 145 -1.92 -4.32 17.16
CA VAL A 145 -0.65 -3.83 16.66
C VAL A 145 -0.49 -4.12 15.19
N ILE A 146 -0.73 -5.36 14.79
CA ILE A 146 -0.57 -5.69 13.39
C ILE A 146 -1.64 -4.97 12.57
N ALA A 147 -2.76 -4.59 13.21
CA ALA A 147 -3.75 -3.81 12.50
C ALA A 147 -3.21 -2.43 12.25
N GLU A 148 -2.78 -1.76 13.30
CA GLU A 148 -2.04 -0.52 13.16
C GLU A 148 -0.95 -0.66 12.10
N LEU A 149 -0.08 -1.66 12.26
CA LEU A 149 1.04 -1.82 11.34
C LEU A 149 0.57 -1.95 9.91
N LEU A 150 -0.36 -2.88 9.66
CA LEU A 150 -0.83 -3.14 8.30
C LEU A 150 -1.55 -1.94 7.72
N GLY A 151 -2.21 -1.16 8.56
CA GLY A 151 -3.04 -0.07 8.12
C GLY A 151 -4.51 -0.36 8.13
N VAL A 152 -4.99 -1.18 9.06
CA VAL A 152 -6.41 -1.37 9.25
C VAL A 152 -6.96 -0.15 10.00
N PRO A 153 -7.94 0.57 9.46
CA PRO A 153 -8.44 1.74 10.16
C PRO A 153 -9.05 1.30 11.47
N ILE A 154 -8.97 2.16 12.46
CA ILE A 154 -9.40 1.73 13.78
C ILE A 154 -10.86 1.27 13.74
N GLN A 155 -11.68 1.91 12.90
CA GLN A 155 -13.12 1.65 12.86
C GLN A 155 -13.49 0.30 12.26
N ASP A 156 -12.51 -0.39 11.70
CA ASP A 156 -12.68 -1.68 11.06
C ASP A 156 -12.03 -2.81 11.82
N ARG A 157 -11.42 -2.50 12.98
CA ARG A 157 -10.70 -3.49 13.78
C ARG A 157 -11.61 -4.59 14.28
N ALA A 158 -12.80 -4.22 14.74
CA ALA A 158 -13.71 -5.18 15.35
C ALA A 158 -13.94 -6.41 14.48
N LEU A 159 -14.36 -6.24 13.22
CA LEU A 159 -14.47 -7.41 12.36
C LEU A 159 -13.10 -8.00 12.11
N PHE A 160 -12.07 -7.15 11.98
CA PHE A 160 -10.72 -7.63 11.77
C PHE A 160 -10.29 -8.56 12.89
N LYS A 161 -10.43 -8.09 14.11
CA LYS A 161 -10.09 -8.92 15.25
C LYS A 161 -10.90 -10.18 15.22
N LYS A 162 -12.20 -10.06 14.97
CA LYS A 162 -13.11 -11.20 15.06
C LYS A 162 -12.69 -12.35 14.16
N TYR A 163 -12.39 -12.07 12.90
CA TYR A 163 -12.01 -13.15 12.02
C TYR A 163 -10.55 -13.56 12.19
N SER A 164 -9.69 -12.69 12.73
CA SER A 164 -8.38 -13.18 13.11
C SER A 164 -8.49 -14.15 14.28
N ASP A 165 -9.30 -13.80 15.27
CA ASP A 165 -9.65 -14.73 16.33
C ASP A 165 -10.20 -16.04 15.76
N ASP A 166 -11.24 -15.95 14.94
CA ASP A 166 -11.82 -17.10 14.25
C ASP A 166 -10.76 -17.91 13.49
N LEU A 167 -9.71 -17.25 13.01
CA LEU A 167 -8.68 -17.92 12.23
C LEU A 167 -8.04 -19.09 12.98
N VAL A 168 -7.94 -19.02 14.31
CA VAL A 168 -7.16 -20.00 15.06
C VAL A 168 -8.00 -20.55 16.22
N SER A 169 -9.32 -20.45 16.09
CA SER A 169 -10.17 -20.81 17.21
C SER A 169 -10.03 -22.32 17.51
N GLY A 170 -10.35 -22.69 18.76
CA GLY A 170 -10.26 -24.08 19.20
C GLY A 170 -11.44 -24.91 18.76
N ALA A 171 -11.91 -25.87 19.57
CA ALA A 171 -13.15 -26.57 19.29
C ALA A 171 -13.92 -26.78 20.59
N GLU A 172 -15.22 -27.10 20.45
CA GLU A 172 -16.06 -27.48 21.58
C GLU A 172 -15.76 -28.89 22.14
N ASN A 173 -15.11 -29.77 21.36
CA ASN A 173 -14.71 -31.14 21.74
C ASN A 173 -13.75 -31.60 20.63
N ASN A 174 -13.07 -32.73 20.84
CA ASN A 174 -12.16 -33.20 19.78
C ASN A 174 -12.85 -34.17 18.84
N SER A 175 -14.17 -34.04 18.71
CA SER A 175 -15.01 -34.91 17.91
C SER A 175 -14.83 -34.66 16.41
N ASP A 176 -15.66 -35.34 15.61
CA ASP A 176 -15.82 -35.05 14.18
C ASP A 176 -16.72 -33.82 13.99
N GLU A 177 -17.62 -33.59 14.95
CA GLU A 177 -18.64 -32.56 14.84
C GLU A 177 -18.07 -31.18 15.08
N ALA A 178 -17.23 -31.05 16.12
CA ALA A 178 -16.65 -29.76 16.53
C ALA A 178 -15.38 -29.42 15.77
N PHE A 179 -14.59 -30.42 15.38
CA PHE A 179 -13.50 -30.18 14.42
C PHE A 179 -14.07 -29.67 13.10
N ALA A 180 -15.17 -30.25 12.64
CA ALA A 180 -15.87 -29.72 11.48
C ALA A 180 -16.25 -28.26 11.71
N LYS A 181 -16.92 -27.97 12.83
CA LYS A 181 -17.45 -26.64 13.09
C LYS A 181 -16.32 -25.60 13.13
N MET A 182 -15.30 -25.87 13.93
CA MET A 182 -14.09 -25.05 13.96
C MET A 182 -13.55 -24.71 12.56
N MET A 183 -13.28 -25.75 11.76
CA MET A 183 -12.69 -25.59 10.43
C MET A 183 -13.57 -24.77 9.50
N GLN A 184 -14.89 -24.79 9.73
CA GLN A 184 -15.77 -23.86 9.06
C GLN A 184 -15.43 -22.47 9.51
N LYS A 185 -15.36 -22.28 10.82
CA LYS A 185 -15.08 -20.97 11.38
C LYS A 185 -13.71 -20.44 10.94
N ARG A 186 -12.66 -21.24 11.11
CA ARG A 186 -11.35 -20.83 10.61
C ARG A 186 -11.43 -20.42 9.16
N ASN A 187 -11.87 -21.34 8.33
CA ASN A 187 -11.94 -21.07 6.90
C ASN A 187 -12.85 -19.88 6.60
N GLU A 188 -13.96 -19.73 7.35
CA GLU A 188 -14.79 -18.54 7.18
C GLU A 188 -13.97 -17.27 7.41
N GLY A 189 -13.04 -17.31 8.38
CA GLY A 189 -12.20 -16.16 8.64
C GLY A 189 -11.15 -15.92 7.56
N VAL A 190 -10.47 -16.96 7.08
CA VAL A 190 -9.54 -16.74 5.99
C VAL A 190 -10.25 -16.06 4.85
N ILE A 191 -11.47 -16.49 4.54
CA ILE A 191 -12.24 -15.91 3.45
C ILE A 191 -12.53 -14.44 3.73
N PHE A 192 -13.07 -14.16 4.91
CA PHE A 192 -13.30 -12.77 5.26
C PHE A 192 -12.04 -11.94 5.14
N LEU A 193 -10.94 -12.42 5.72
CA LEU A 193 -9.71 -11.65 5.76
C LEU A 193 -9.13 -11.49 4.37
N GLN A 194 -9.23 -12.52 3.52
CA GLN A 194 -8.81 -12.38 2.12
C GLN A 194 -9.64 -11.30 1.42
N GLY A 195 -10.95 -11.33 1.61
CA GLY A 195 -11.78 -10.30 1.04
C GLY A 195 -11.44 -8.92 1.57
N TYR A 196 -11.26 -8.80 2.89
CA TYR A 196 -11.00 -7.50 3.49
C TYR A 196 -9.66 -6.93 3.06
N PHE A 197 -8.63 -7.76 3.02
CA PHE A 197 -7.34 -7.24 2.60
C PHE A 197 -7.38 -6.88 1.12
N LYS A 198 -7.72 -7.84 0.26
CA LYS A 198 -8.02 -7.54 -1.15
C LYS A 198 -8.67 -6.17 -1.29
N GLU A 199 -9.67 -5.89 -0.48
CA GLU A 199 -10.25 -4.55 -0.52
C GLU A 199 -9.24 -3.45 -0.13
N ILE A 200 -8.46 -3.66 0.93
CA ILE A 200 -7.53 -2.66 1.45
C ILE A 200 -6.32 -2.53 0.55
N ILE A 201 -5.81 -3.67 0.05
CA ILE A 201 -4.69 -3.63 -0.87
C ILE A 201 -5.04 -2.75 -2.05
N ALA A 202 -6.24 -2.99 -2.59
CA ALA A 202 -6.72 -2.23 -3.73
C ALA A 202 -6.83 -0.74 -3.39
N GLU A 203 -7.46 -0.44 -2.22
CA GLU A 203 -7.54 0.93 -1.74
C GLU A 203 -6.19 1.59 -1.79
N ARG A 204 -5.20 0.93 -1.20
CA ARG A 204 -3.86 1.47 -1.09
C ARG A 204 -3.12 1.35 -2.40
N GLN A 205 -3.50 0.37 -3.21
CA GLN A 205 -2.89 0.26 -4.52
C GLN A 205 -3.05 1.56 -5.30
N GLN A 206 -4.17 2.27 -5.12
CA GLN A 206 -4.36 3.51 -5.88
C GLN A 206 -4.28 4.79 -5.03
N ASN A 207 -4.14 4.66 -3.73
CA ASN A 207 -3.90 5.82 -2.91
C ASN A 207 -3.08 5.27 -1.78
N LYS A 208 -1.87 5.78 -1.60
CA LYS A 208 -1.00 5.20 -0.60
C LYS A 208 -1.28 5.89 0.71
N GLN A 209 -1.04 5.16 1.79
CA GLN A 209 -1.17 5.65 3.15
C GLN A 209 0.09 5.31 3.95
N GLU A 210 0.15 5.82 5.15
CA GLU A 210 1.38 5.74 5.94
C GLU A 210 1.46 4.41 6.69
N ASP A 211 1.38 3.32 5.94
CA ASP A 211 1.23 2.01 6.56
C ASP A 211 2.05 0.97 5.83
N LEU A 212 1.99 -0.26 6.34
CA LEU A 212 2.84 -1.31 5.84
C LEU A 212 2.35 -1.81 4.49
N ILE A 213 1.05 -2.02 4.34
CA ILE A 213 0.51 -2.47 3.06
C ILE A 213 0.98 -1.56 1.94
N SER A 214 0.91 -0.25 2.13
CA SER A 214 1.41 0.68 1.11
C SER A 214 2.91 0.52 0.94
N LEU A 215 3.62 0.39 2.04
CA LEU A 215 5.05 0.24 1.94
C LEU A 215 5.40 -1.00 1.14
N LEU A 216 4.63 -2.09 1.32
CA LEU A 216 4.90 -3.34 0.61
C LEU A 216 4.63 -3.23 -0.87
N LEU A 217 3.57 -2.49 -1.23
CA LEU A 217 3.23 -2.24 -2.64
C LEU A 217 4.28 -1.41 -3.36
N GLU A 218 4.97 -0.51 -2.66
CA GLU A 218 6.00 0.34 -3.24
C GLU A 218 7.39 -0.30 -3.29
N ALA A 219 7.61 -1.44 -2.61
CA ALA A 219 8.93 -2.08 -2.57
C ALA A 219 9.43 -2.46 -3.97
N GLU A 220 10.74 -2.37 -4.16
CA GLU A 220 11.33 -2.72 -5.44
C GLU A 220 12.74 -3.23 -5.23
N ILE A 221 13.05 -4.38 -5.83
CA ILE A 221 14.37 -4.99 -5.71
C ILE A 221 14.74 -5.62 -7.04
N ASP A 222 15.78 -5.09 -7.68
CA ASP A 222 16.11 -5.51 -9.03
C ASP A 222 14.96 -5.27 -9.99
N GLY A 223 14.27 -4.14 -9.82
CA GLY A 223 13.19 -3.80 -10.69
C GLY A 223 11.92 -4.58 -10.53
N GLU A 224 11.90 -5.56 -9.65
CA GLU A 224 10.71 -6.34 -9.42
C GLU A 224 9.89 -5.70 -8.30
N HIS A 225 8.59 -5.79 -8.42
CA HIS A 225 7.72 -5.44 -7.32
C HIS A 225 7.01 -6.70 -6.86
N LEU A 226 6.41 -6.62 -5.69
CA LEU A 226 5.46 -7.64 -5.29
C LEU A 226 4.14 -7.45 -6.05
N THR A 227 3.51 -8.56 -6.36
CA THR A 227 2.17 -8.51 -6.88
C THR A 227 1.20 -8.32 -5.74
N GLU A 228 0.05 -7.74 -6.05
CA GLU A 228 -1.01 -7.58 -5.06
C GLU A 228 -1.34 -8.90 -4.40
N GLU A 229 -1.35 -9.99 -5.18
CA GLU A 229 -1.65 -11.29 -4.61
C GLU A 229 -0.57 -11.74 -3.62
N GLU A 230 0.69 -11.34 -3.86
CA GLU A 230 1.76 -11.67 -2.93
C GLU A 230 1.61 -10.87 -1.64
N VAL A 231 1.22 -9.60 -1.74
CA VAL A 231 0.92 -8.78 -0.58
C VAL A 231 -0.27 -9.35 0.18
N LEU A 232 -1.33 -9.71 -0.56
CA LEU A 232 -2.47 -10.36 0.08
C LEU A 232 -2.03 -11.59 0.88
N GLY A 233 -1.32 -12.52 0.25
CA GLY A 233 -0.90 -13.71 0.94
C GLY A 233 0.06 -13.43 2.09
N PHE A 234 0.90 -12.41 1.92
CA PHE A 234 1.81 -12.05 2.99
C PHE A 234 1.05 -11.44 4.16
N CYS A 235 0.02 -10.67 3.88
CA CYS A 235 -0.80 -10.12 4.96
C CYS A 235 -1.54 -11.22 5.71
N ILE A 236 -2.02 -12.24 5.00
CA ILE A 236 -2.66 -13.35 5.70
C ILE A 236 -1.62 -14.11 6.50
N LEU A 237 -0.42 -14.24 5.95
CA LEU A 237 0.62 -14.91 6.72
C LEU A 237 0.91 -14.16 8.03
N LEU A 238 1.13 -12.84 7.97
CA LEU A 238 1.43 -12.10 9.19
C LEU A 238 0.41 -12.36 10.29
N LEU A 239 -0.83 -12.62 9.91
CA LEU A 239 -1.80 -12.88 10.96
C LEU A 239 -1.61 -14.29 11.48
N VAL A 240 -1.51 -15.23 10.55
CA VAL A 240 -1.31 -16.62 10.91
C VAL A 240 -0.02 -16.79 11.69
N ALA A 241 1.06 -16.22 11.18
CA ALA A 241 2.36 -16.40 11.80
C ALA A 241 2.54 -15.55 13.03
N GLY A 242 1.84 -14.42 13.14
CA GLY A 242 2.17 -13.39 14.07
C GLY A 242 1.30 -13.22 15.30
N ASN A 243 0.05 -13.67 15.22
CA ASN A 243 -0.89 -13.38 16.30
C ASN A 243 -0.85 -14.39 17.44
N GLU A 244 -1.11 -15.66 17.14
CA GLU A 244 -1.21 -16.66 18.19
C GLU A 244 0.13 -16.94 18.83
N THR A 245 1.18 -16.87 18.04
CA THR A 245 2.52 -17.07 18.58
C THR A 245 2.91 -15.98 19.58
N THR A 246 2.77 -14.71 19.21
CA THR A 246 3.01 -13.61 20.14
C THR A 246 2.10 -13.73 21.36
N THR A 247 0.81 -13.99 21.12
CA THR A 247 -0.10 -14.26 22.21
C THR A 247 0.43 -15.38 23.10
N ASN A 248 1.01 -16.40 22.51
CA ASN A 248 1.56 -17.47 23.33
C ASN A 248 2.85 -17.06 24.01
N LEU A 249 3.65 -16.20 23.37
CA LEU A 249 4.81 -15.65 24.07
C LEU A 249 4.39 -14.92 25.33
N ILE A 250 3.43 -14.01 25.24
CA ILE A 250 3.06 -13.21 26.40
C ILE A 250 2.48 -14.13 27.47
N THR A 251 1.56 -14.99 27.05
CA THR A 251 0.90 -15.91 27.97
C THR A 251 1.89 -16.95 28.56
N ASN A 252 2.72 -17.57 27.72
CA ASN A 252 3.70 -18.49 28.27
C ASN A 252 4.58 -17.78 29.28
N GLY A 253 5.00 -16.55 28.96
CA GLY A 253 5.81 -15.82 29.89
C GLY A 253 5.07 -15.55 31.18
N VAL A 254 3.84 -15.06 31.09
CA VAL A 254 3.05 -14.84 32.30
C VAL A 254 2.86 -16.14 33.07
N ARG A 255 2.66 -17.23 32.33
CA ARG A 255 2.58 -18.52 32.98
C ARG A 255 3.87 -18.81 33.77
N TYR A 256 5.05 -18.76 33.10
CA TYR A 256 6.28 -19.00 33.83
C TYR A 256 6.43 -18.05 35.01
N MET A 257 6.16 -16.77 34.78
CA MET A 257 6.39 -15.82 35.85
C MET A 257 5.46 -16.03 37.03
N THR A 258 4.39 -16.82 36.88
CA THR A 258 3.53 -17.16 38.00
C THR A 258 3.83 -18.54 38.54
N GLU A 259 4.50 -19.37 37.73
CA GLU A 259 5.00 -20.63 38.21
C GLU A 259 6.27 -20.47 39.05
N ASP A 260 7.12 -19.47 38.73
CA ASP A 260 8.38 -19.21 39.44
C ASP A 260 8.36 -17.72 39.72
N VAL A 261 7.82 -17.36 40.87
CA VAL A 261 7.59 -15.97 41.22
C VAL A 261 8.90 -15.22 41.43
N ASP A 262 9.96 -15.91 41.83
CA ASP A 262 11.23 -15.23 42.01
C ASP A 262 11.70 -14.62 40.70
N VAL A 263 11.48 -15.34 39.60
CA VAL A 263 11.86 -14.81 38.30
C VAL A 263 11.06 -13.57 37.98
N GLN A 264 9.75 -13.60 38.24
CA GLN A 264 8.93 -12.40 38.06
C GLN A 264 9.46 -11.23 38.88
N ASN A 265 9.69 -11.45 40.18
CA ASN A 265 10.16 -10.38 41.07
C ASN A 265 11.57 -9.93 40.74
N GLU A 266 12.45 -10.83 40.33
CA GLU A 266 13.78 -10.38 39.91
C GLU A 266 13.67 -9.38 38.78
N VAL A 267 12.83 -9.70 37.79
CA VAL A 267 12.74 -8.88 36.59
C VAL A 267 11.97 -7.61 36.89
N ARG A 268 11.01 -7.64 37.80
CA ARG A 268 10.35 -6.39 38.16
C ARG A 268 11.33 -5.39 38.78
N ARG A 269 12.39 -5.87 39.45
CA ARG A 269 13.33 -4.99 40.14
C ARG A 269 14.47 -4.58 39.23
N ASP A 270 14.93 -5.44 38.35
CA ASP A 270 15.83 -5.03 37.27
C ASP A 270 15.05 -5.13 35.96
N ILE A 271 14.37 -4.04 35.63
CA ILE A 271 13.53 -4.03 34.44
C ILE A 271 14.35 -4.19 33.17
N SER A 272 15.66 -4.00 33.24
CA SER A 272 16.48 -4.20 32.05
C SER A 272 16.60 -5.67 31.71
N LEU A 273 16.15 -6.52 32.60
CA LEU A 273 16.19 -7.92 32.31
C LEU A 273 15.08 -8.39 31.39
N VAL A 274 14.11 -7.54 31.06
CA VAL A 274 12.98 -8.03 30.28
C VAL A 274 13.40 -8.61 28.94
N PRO A 275 14.31 -8.02 28.19
CA PRO A 275 14.74 -8.70 26.95
C PRO A 275 15.28 -10.11 27.21
N ASN A 276 15.98 -10.35 28.32
CA ASN A 276 16.39 -11.71 28.61
C ASN A 276 15.20 -12.57 28.98
N LEU A 277 14.24 -11.99 29.70
CA LEU A 277 13.02 -12.72 30.03
C LEU A 277 12.30 -13.22 28.78
N VAL A 278 12.26 -12.39 27.75
CA VAL A 278 11.58 -12.71 26.51
C VAL A 278 12.30 -13.84 25.78
N GLU A 279 13.63 -13.77 25.70
CA GLU A 279 14.37 -14.81 25.00
C GLU A 279 14.31 -16.11 25.78
N GLU A 280 14.35 -16.02 27.11
CA GLU A 280 14.29 -17.21 27.92
C GLU A 280 12.89 -17.78 27.93
N THR A 281 11.85 -16.95 27.89
CA THR A 281 10.51 -17.51 27.65
C THR A 281 10.46 -18.24 26.31
N LEU A 282 11.00 -17.64 25.24
CA LEU A 282 11.00 -18.31 23.94
C LEU A 282 11.73 -19.64 23.99
N ARG A 283 12.87 -19.68 24.69
CA ARG A 283 13.66 -20.91 24.80
C ARG A 283 12.91 -21.97 25.60
N TYR A 284 12.40 -21.59 26.77
CA TYR A 284 11.83 -22.54 27.72
C TYR A 284 10.40 -22.93 27.38
N TYR A 285 9.57 -21.95 26.97
CA TYR A 285 8.17 -22.21 26.63
C TYR A 285 7.88 -21.79 25.17
N PRO A 286 8.58 -22.38 24.21
CA PRO A 286 8.52 -21.89 22.82
C PRO A 286 7.13 -21.94 22.25
N PRO A 287 6.58 -20.82 21.81
CA PRO A 287 5.26 -20.86 21.20
C PRO A 287 5.16 -21.86 20.07
N ILE A 288 6.20 -21.98 19.27
CA ILE A 288 6.20 -22.97 18.20
C ILE A 288 7.15 -24.08 18.60
N GLN A 289 6.67 -25.27 18.86
CA GLN A 289 7.65 -26.24 19.33
C GLN A 289 8.23 -27.08 18.22
N ALA A 290 7.68 -27.05 17.02
CA ALA A 290 8.23 -27.88 15.97
C ALA A 290 8.12 -27.18 14.63
N ILE A 291 9.11 -27.44 13.76
CA ILE A 291 9.22 -26.88 12.42
C ILE A 291 9.17 -28.06 11.45
N GLY A 292 8.30 -27.98 10.47
CA GLY A 292 8.24 -29.02 9.48
C GLY A 292 9.09 -28.71 8.26
N ARG A 293 9.61 -29.76 7.66
CA ARG A 293 10.28 -29.69 6.36
C ARG A 293 9.95 -30.99 5.62
N ILE A 294 10.05 -30.95 4.28
CA ILE A 294 9.99 -32.15 3.44
C ILE A 294 11.38 -32.33 2.87
N ALA A 295 11.97 -33.52 3.05
CA ALA A 295 13.29 -33.78 2.51
C ALA A 295 13.27 -33.74 0.98
N ALA A 296 14.22 -32.99 0.40
CA ALA A 296 14.29 -32.87 -1.04
C ALA A 296 15.29 -33.84 -1.65
N GLU A 297 16.20 -34.32 -0.86
CA GLU A 297 17.12 -35.32 -1.31
C GLU A 297 17.13 -36.46 -0.29
N ASP A 298 17.75 -37.56 -0.69
CA ASP A 298 18.29 -38.51 0.27
C ASP A 298 19.37 -37.79 1.05
N VAL A 299 19.37 -37.95 2.37
CA VAL A 299 20.47 -37.41 3.15
C VAL A 299 20.66 -38.28 4.39
N GLU A 300 21.91 -38.54 4.74
CA GLU A 300 22.27 -39.22 5.97
C GLU A 300 22.39 -38.19 7.06
N LEU A 301 21.56 -38.31 8.09
CA LEU A 301 21.77 -37.59 9.34
C LEU A 301 22.23 -38.59 10.39
N GLY A 302 23.40 -38.33 10.98
CA GLY A 302 24.03 -39.34 11.80
C GLY A 302 23.99 -40.63 11.01
N GLU A 303 23.32 -41.62 11.57
CA GLU A 303 23.16 -42.93 10.96
C GLU A 303 21.79 -43.12 10.33
N CYS A 304 20.94 -42.10 10.34
CA CYS A 304 19.60 -42.26 9.79
C CYS A 304 19.56 -41.87 8.30
N LYS A 305 18.84 -42.66 7.51
CA LYS A 305 18.81 -42.50 6.06
C LYS A 305 17.48 -41.85 5.72
N ILE A 306 17.50 -40.52 5.56
CA ILE A 306 16.30 -39.76 5.20
C ILE A 306 16.19 -39.72 3.69
N LYS A 307 15.00 -40.05 3.21
CA LYS A 307 14.68 -40.19 1.80
C LYS A 307 13.93 -38.99 1.30
N ARG A 308 14.27 -38.56 0.09
CA ARG A 308 13.47 -37.62 -0.68
C ARG A 308 11.97 -37.89 -0.54
N GLY A 309 11.23 -36.84 -0.22
CA GLY A 309 9.80 -36.88 -0.06
C GLY A 309 9.33 -37.05 1.35
N GLN A 310 10.24 -37.29 2.30
CA GLN A 310 9.85 -37.60 3.67
C GLN A 310 9.80 -36.36 4.56
N GLN A 311 8.83 -36.37 5.47
CA GLN A 311 8.59 -35.26 6.39
C GLN A 311 9.62 -35.27 7.54
N VAL A 312 10.24 -34.12 7.82
CA VAL A 312 11.31 -34.02 8.81
C VAL A 312 10.93 -32.93 9.81
N ILE A 313 10.43 -33.36 10.97
CA ILE A 313 10.01 -32.46 12.05
C ILE A 313 11.19 -32.21 12.97
N SER A 314 11.64 -30.96 13.03
CA SER A 314 12.68 -30.52 13.97
C SER A 314 12.01 -29.87 15.17
N TRP A 315 12.34 -30.34 16.36
CA TRP A 315 11.65 -29.90 17.57
C TRP A 315 12.49 -28.85 18.28
N ALA A 316 12.09 -27.58 18.15
CA ALA A 316 12.82 -26.53 18.81
C ALA A 316 12.74 -26.64 20.30
N ALA A 317 11.61 -27.11 20.80
CA ALA A 317 11.42 -27.27 22.23
C ALA A 317 12.39 -28.30 22.81
N SER A 318 12.71 -29.33 22.04
CA SER A 318 13.75 -30.25 22.45
C SER A 318 15.11 -29.59 22.26
N ALA A 319 15.38 -29.10 21.05
CA ALA A 319 16.62 -28.42 20.73
C ALA A 319 16.97 -27.31 21.74
N ASN A 320 15.98 -26.56 22.20
CA ASN A 320 16.24 -25.43 23.08
C ASN A 320 16.79 -25.83 24.46
N ARG A 321 16.75 -27.12 24.80
CA ARG A 321 17.16 -27.68 26.09
C ARG A 321 18.37 -28.62 25.96
N ASP A 322 19.06 -28.58 24.84
CA ASP A 322 20.15 -29.51 24.57
C ASP A 322 21.38 -29.14 25.39
N SER A 323 21.74 -30.03 26.34
CA SER A 323 22.95 -29.89 27.14
C SER A 323 24.15 -29.50 26.30
N ALA A 324 24.13 -29.87 25.02
CA ALA A 324 25.26 -29.56 24.16
C ALA A 324 25.33 -28.11 23.80
N LYS A 325 24.23 -27.37 23.96
CA LYS A 325 24.20 -25.97 23.53
C LYS A 325 23.85 -24.99 24.61
N PHE A 326 23.09 -25.40 25.58
CA PHE A 326 22.62 -24.50 26.60
C PHE A 326 23.00 -25.03 27.95
N GLU A 327 23.61 -24.17 28.76
CA GLU A 327 23.78 -24.40 30.17
C GLU A 327 22.42 -24.42 30.86
N TRP A 328 22.33 -25.19 31.95
CA TRP A 328 21.14 -25.27 32.79
C TRP A 328 19.87 -25.27 31.92
N PRO A 329 19.72 -26.27 31.06
CA PRO A 329 18.68 -26.21 30.03
C PRO A 329 17.27 -26.38 30.53
N ASP A 330 17.07 -26.78 31.76
CA ASP A 330 15.73 -26.98 32.27
C ASP A 330 15.51 -26.04 33.44
N THR A 331 16.28 -24.97 33.47
CA THR A 331 16.18 -23.98 34.52
C THR A 331 15.95 -22.68 33.78
N PHE A 332 14.99 -21.89 34.25
CA PHE A 332 14.68 -20.60 33.64
C PHE A 332 15.56 -19.54 34.28
N VAL A 333 16.50 -19.05 33.48
CA VAL A 333 17.59 -18.17 33.85
C VAL A 333 17.49 -16.87 33.07
N VAL A 334 17.49 -15.73 33.76
CA VAL A 334 17.38 -14.43 33.10
C VAL A 334 18.73 -13.73 32.92
N HIS A 335 19.86 -14.44 33.05
CA HIS A 335 21.16 -13.80 32.92
C HIS A 335 22.04 -14.49 31.88
N ARG A 336 21.46 -15.24 30.99
CA ARG A 336 22.28 -15.94 30.03
C ARG A 336 23.05 -14.90 29.25
N LYS A 337 24.28 -15.26 28.88
CA LYS A 337 25.15 -14.41 28.04
C LYS A 337 24.81 -14.53 26.56
N THR A 338 24.34 -15.69 26.11
CA THR A 338 23.77 -15.86 24.79
C THR A 338 22.58 -16.77 24.95
N ASN A 339 21.60 -16.65 24.06
CA ASN A 339 20.40 -17.49 24.09
C ASN A 339 20.09 -17.84 22.65
N PRO A 340 20.88 -18.72 22.09
CA PRO A 340 20.75 -19.12 20.68
C PRO A 340 19.68 -20.19 20.43
N HIS A 341 18.50 -19.99 21.01
CA HIS A 341 17.39 -20.85 20.71
C HIS A 341 17.05 -20.78 19.24
N VAL A 342 16.16 -21.68 18.87
CA VAL A 342 15.58 -21.78 17.54
C VAL A 342 14.08 -21.65 17.64
N SER A 343 13.62 -20.90 18.63
CA SER A 343 12.21 -20.60 18.76
C SER A 343 11.72 -19.72 17.62
N PHE A 344 12.59 -18.95 16.98
CA PHE A 344 12.24 -18.22 15.77
C PHE A 344 12.76 -18.90 14.52
N GLY A 345 13.18 -20.14 14.62
CA GLY A 345 13.78 -20.86 13.52
C GLY A 345 15.27 -20.58 13.43
N PHE A 346 15.80 -20.80 12.24
CA PHE A 346 17.18 -20.45 11.98
C PHE A 346 17.39 -20.47 10.47
N GLY A 347 18.18 -19.54 9.99
CA GLY A 347 18.49 -19.49 8.58
C GLY A 347 17.63 -18.51 7.80
N ILE A 348 17.29 -18.93 6.58
CA ILE A 348 16.64 -18.03 5.64
C ILE A 348 15.18 -17.82 5.98
N HIS A 349 14.54 -18.73 6.72
CA HIS A 349 13.14 -18.54 7.07
C HIS A 349 12.98 -17.96 8.48
N PHE A 350 14.08 -17.51 9.10
CA PHE A 350 14.08 -17.01 10.47
C PHE A 350 13.02 -15.93 10.65
N CYS A 351 12.19 -16.11 11.67
CA CYS A 351 11.00 -15.29 11.82
C CYS A 351 11.26 -13.86 11.39
N LEU A 352 10.53 -13.45 10.39
CA LEU A 352 10.53 -12.07 10.00
C LEU A 352 9.98 -11.19 11.10
N GLY A 353 9.20 -11.77 12.02
CA GLY A 353 8.53 -11.00 13.05
C GLY A 353 9.19 -11.01 14.39
N ALA A 354 10.42 -11.51 14.48
CA ALA A 354 11.12 -11.57 15.76
C ALA A 354 11.34 -10.20 16.36
N PRO A 355 11.74 -9.17 15.63
CA PRO A 355 11.83 -7.86 16.28
C PRO A 355 10.50 -7.39 16.82
N LEU A 356 9.43 -7.56 16.04
CA LEU A 356 8.12 -7.16 16.50
C LEU A 356 7.65 -8.02 17.68
N ALA A 357 7.77 -9.33 17.57
CA ALA A 357 7.41 -10.20 18.68
C ALA A 357 8.25 -9.87 19.92
N ARG A 358 9.56 -9.65 19.73
CA ARG A 358 10.43 -9.29 20.84
C ARG A 358 10.03 -7.95 21.46
N MET A 359 9.55 -7.00 20.67
CA MET A 359 9.13 -5.72 21.23
C MET A 359 7.78 -5.81 21.92
N GLU A 360 6.78 -6.45 21.29
CA GLU A 360 5.49 -6.66 21.94
C GLU A 360 5.66 -7.50 23.19
N GLY A 361 6.51 -8.52 23.10
CA GLY A 361 6.84 -9.30 24.29
C GLY A 361 7.46 -8.45 25.38
N LYS A 362 8.45 -7.65 25.03
CA LYS A 362 9.09 -6.79 26.01
C LYS A 362 8.12 -5.82 26.65
N ILE A 363 7.34 -5.09 25.84
CA ILE A 363 6.40 -4.11 26.40
C ILE A 363 5.34 -4.80 27.25
N ALA A 364 4.80 -5.92 26.77
CA ALA A 364 3.75 -6.62 27.52
C ALA A 364 4.24 -7.02 28.90
N PHE A 365 5.40 -7.69 28.97
CA PHE A 365 5.94 -8.06 30.26
C PHE A 365 6.19 -6.85 31.12
N THR A 366 6.69 -5.75 30.53
CA THR A 366 6.99 -4.58 31.35
C THR A 366 5.72 -4.00 31.97
N LYS A 367 4.71 -3.71 31.18
CA LYS A 367 3.53 -3.08 31.75
C LYS A 367 2.96 -3.95 32.86
N LEU A 368 2.92 -5.26 32.66
CA LEU A 368 2.44 -6.20 33.67
C LEU A 368 3.23 -6.09 34.96
N LEU A 369 4.56 -6.19 34.86
CA LEU A 369 5.39 -6.12 36.05
C LEU A 369 5.22 -4.78 36.74
N GLU A 370 5.06 -3.72 35.98
CA GLU A 370 4.97 -2.42 36.62
C GLU A 370 3.66 -2.24 37.38
N LYS A 371 2.60 -2.90 36.95
CA LYS A 371 1.33 -2.90 37.69
C LYS A 371 1.44 -3.55 39.06
N GLY A 372 2.41 -4.43 39.26
CA GLY A 372 2.63 -5.01 40.55
C GLY A 372 2.63 -6.50 40.47
N GLY A 373 2.89 -7.12 41.59
CA GLY A 373 2.87 -8.55 41.68
C GLY A 373 1.60 -9.12 41.10
N PHE A 374 1.71 -10.27 40.46
CA PHE A 374 0.54 -10.96 40.00
C PHE A 374 0.74 -12.45 40.25
N SER A 375 -0.37 -13.14 40.42
CA SER A 375 -0.34 -14.55 40.73
C SER A 375 -1.29 -15.29 39.80
N LYS A 376 -0.98 -16.56 39.61
CA LYS A 376 -1.87 -17.47 38.93
C LYS A 376 -3.09 -17.71 39.81
N VAL A 377 -4.29 -17.69 39.20
CA VAL A 377 -5.52 -17.95 39.94
C VAL A 377 -5.68 -19.43 40.26
N GLN A 378 -6.14 -19.71 41.48
CA GLN A 378 -6.39 -21.08 41.92
C GLN A 378 -7.44 -21.79 41.05
N ASN A 379 -7.24 -23.09 40.86
CA ASN A 379 -8.23 -24.04 40.35
C ASN A 379 -8.78 -23.62 38.99
N GLN A 380 -7.86 -23.60 38.04
CA GLN A 380 -8.09 -23.51 36.61
C GLN A 380 -7.93 -24.90 36.04
N SER A 381 -8.56 -25.12 34.93
CA SER A 381 -8.29 -26.31 34.16
C SER A 381 -7.57 -25.80 32.91
N LEU A 382 -6.24 -25.71 32.99
CA LEU A 382 -5.48 -25.20 31.86
C LEU A 382 -5.66 -26.07 30.63
N LYS A 383 -6.08 -25.46 29.52
CA LYS A 383 -6.46 -26.19 28.32
C LYS A 383 -5.39 -25.90 27.30
N PRO A 384 -4.57 -26.88 26.92
CA PRO A 384 -3.57 -26.66 25.87
C PRO A 384 -4.16 -26.38 24.50
N ILE A 385 -3.41 -25.67 23.66
CA ILE A 385 -3.82 -25.48 22.28
C ILE A 385 -3.81 -26.83 21.56
N ASP A 386 -4.80 -27.05 20.70
CA ASP A 386 -4.99 -28.36 20.08
C ASP A 386 -3.73 -28.85 19.33
N SER A 387 -3.09 -27.99 18.57
CA SER A 387 -2.01 -28.49 17.73
C SER A 387 -0.90 -29.08 18.60
N PRO A 388 -0.24 -30.15 18.16
CA PRO A 388 0.98 -30.60 18.83
C PRO A 388 2.25 -29.89 18.38
N PHE A 389 2.16 -28.99 17.40
CA PHE A 389 3.27 -28.14 17.00
C PHE A 389 3.30 -26.83 17.76
N VAL A 390 2.21 -26.48 18.44
CA VAL A 390 2.11 -25.23 19.17
C VAL A 390 2.18 -25.53 20.64
N PHE A 391 2.75 -24.62 21.40
CA PHE A 391 2.81 -24.75 22.85
C PHE A 391 2.27 -23.46 23.47
N GLY A 392 1.11 -23.57 24.08
CA GLY A 392 0.47 -22.45 24.75
C GLY A 392 -0.88 -22.90 25.22
N VAL A 393 -1.52 -22.03 25.98
CA VAL A 393 -2.83 -22.32 26.55
C VAL A 393 -3.90 -21.39 25.99
N LYS A 394 -5.14 -21.88 26.01
CA LYS A 394 -6.30 -21.13 25.56
C LYS A 394 -6.72 -20.05 26.56
N LYS A 395 -6.34 -20.22 27.82
CA LYS A 395 -6.82 -19.37 28.87
C LYS A 395 -5.81 -19.45 29.98
N TYR A 396 -5.59 -18.34 30.64
CA TYR A 396 -4.70 -18.31 31.79
C TYR A 396 -5.15 -17.16 32.64
N GLU A 397 -5.79 -17.45 33.77
CA GLU A 397 -6.34 -16.41 34.64
C GLU A 397 -5.27 -16.01 35.66
N ILE A 398 -5.00 -14.72 35.76
CA ILE A 398 -4.08 -14.22 36.78
C ILE A 398 -4.77 -13.13 37.61
N ALA A 399 -4.10 -12.72 38.68
CA ALA A 399 -4.65 -11.69 39.55
C ALA A 399 -3.53 -10.80 40.04
N PHE A 400 -3.81 -9.52 40.11
CA PHE A 400 -2.85 -8.63 40.72
C PHE A 400 -3.16 -8.51 42.21
N ASN A 401 -2.10 -8.32 42.99
CA ASN A 401 -2.19 -8.36 44.45
C ASN A 401 -2.53 -6.96 45.06
N ILE B 16 32.36 20.18 20.37
CA ILE B 16 32.24 19.44 21.65
C ILE B 16 31.01 18.46 21.78
N PRO B 17 31.15 17.22 21.29
CA PRO B 17 29.98 16.30 21.13
C PRO B 17 29.28 15.96 22.45
N MET B 18 28.04 15.48 22.37
CA MET B 18 27.32 15.14 23.61
C MET B 18 27.75 13.75 24.11
N GLN B 19 27.57 13.55 25.43
CA GLN B 19 28.16 12.41 26.15
C GLN B 19 27.64 11.08 25.63
N GLU B 20 26.35 11.04 25.23
CA GLU B 20 25.77 9.81 24.72
C GLU B 20 26.45 9.34 23.44
N ILE B 21 27.06 10.27 22.70
CA ILE B 21 27.87 9.97 21.52
C ILE B 21 29.28 9.62 22.02
N LYS B 22 29.61 8.33 22.11
CA LYS B 22 30.89 7.90 22.68
C LYS B 22 31.89 7.63 21.57
N SER B 23 31.62 6.55 20.81
CA SER B 23 32.54 5.98 19.84
C SER B 23 32.51 6.75 18.54
N VAL B 24 33.46 6.43 17.68
CA VAL B 24 33.36 6.95 16.33
C VAL B 24 32.13 6.35 15.66
N GLU B 25 31.90 5.05 15.89
CA GLU B 25 30.77 4.37 15.25
C GLU B 25 29.46 5.09 15.53
N GLN B 26 29.28 5.59 16.75
CA GLN B 26 28.09 6.36 17.07
C GLN B 26 28.07 7.74 16.39
N GLN B 27 29.20 8.45 16.27
CA GLN B 27 29.16 9.69 15.49
C GLN B 27 28.72 9.47 14.05
N LEU B 28 29.07 8.31 13.47
CA LEU B 28 28.73 8.05 12.09
C LEU B 28 27.29 7.62 11.93
N TYR B 29 26.63 7.25 13.02
CA TYR B 29 25.20 6.99 13.03
C TYR B 29 24.68 7.20 14.44
N PRO B 30 24.38 8.44 14.81
CA PRO B 30 23.90 8.75 16.16
C PRO B 30 22.39 8.73 16.34
N PHE B 31 21.65 8.34 15.31
CA PHE B 31 20.21 8.57 15.28
C PHE B 31 19.47 7.70 16.28
N ASP B 32 19.92 6.44 16.44
CA ASP B 32 19.42 5.59 17.50
C ASP B 32 19.68 6.19 18.89
N ILE B 33 20.83 6.84 19.12
CA ILE B 33 21.00 7.56 20.39
C ILE B 33 19.95 8.66 20.51
N TYR B 34 19.84 9.52 19.48
CA TYR B 34 18.90 10.63 19.55
C TYR B 34 17.48 10.12 19.66
N ASN B 35 17.18 9.01 18.99
CA ASN B 35 15.84 8.43 19.11
C ASN B 35 15.56 8.03 20.54
N SER B 36 16.48 7.26 21.14
CA SER B 36 16.41 6.93 22.57
C SER B 36 16.17 8.17 23.40
N LEU B 37 17.04 9.18 23.24
CA LEU B 37 16.90 10.41 24.03
C LEU B 37 15.53 11.06 23.85
N ARG B 38 15.00 11.06 22.61
CA ARG B 38 13.73 11.73 22.34
C ARG B 38 12.59 11.09 23.13
N GLN B 39 12.62 9.76 23.29
CA GLN B 39 11.53 9.09 23.99
C GLN B 39 11.64 9.30 25.50
N GLU B 40 12.84 9.21 26.04
CA GLU B 40 13.07 9.45 27.46
C GLU B 40 12.75 10.89 27.81
N ALA B 41 13.48 11.82 27.21
CA ALA B 41 13.37 13.24 27.51
C ALA B 41 13.37 14.02 26.21
N PRO B 42 12.19 14.43 25.70
CA PRO B 42 12.15 15.29 24.49
C PRO B 42 13.06 16.51 24.58
N ILE B 43 13.14 17.09 25.77
CA ILE B 43 13.89 18.31 26.00
C ILE B 43 14.62 18.17 27.33
N ARG B 44 15.91 18.43 27.35
CA ARG B 44 16.71 18.14 28.53
C ARG B 44 17.87 19.10 28.63
N TYR B 45 18.28 19.40 29.86
CA TYR B 45 19.45 20.24 30.09
C TYR B 45 20.69 19.37 30.23
N ASP B 46 21.72 19.65 29.43
CA ASP B 46 23.00 18.95 29.51
C ASP B 46 23.99 19.83 30.27
N GLU B 47 24.24 19.46 31.53
CA GLU B 47 25.12 20.25 32.41
C GLU B 47 26.50 20.43 31.80
N SER B 48 27.02 19.40 31.14
CA SER B 48 28.34 19.48 30.50
C SER B 48 28.40 20.56 29.41
N ARG B 49 27.52 20.47 28.41
CA ARG B 49 27.55 21.41 27.30
C ARG B 49 26.76 22.66 27.62
N ASN B 50 26.10 22.66 28.77
CA ASN B 50 25.55 23.88 29.33
C ASN B 50 24.45 24.45 28.44
N CYS B 51 23.58 23.58 27.94
CA CYS B 51 22.62 23.94 26.92
C CYS B 51 21.47 22.98 26.97
N TRP B 52 20.33 23.46 26.48
CA TRP B 52 19.16 22.64 26.32
C TRP B 52 19.23 21.97 24.97
N ASP B 53 18.93 20.66 24.97
CA ASP B 53 18.74 19.87 23.77
C ASP B 53 17.26 19.66 23.58
N VAL B 54 16.77 19.89 22.39
CA VAL B 54 15.38 19.61 22.05
C VAL B 54 15.40 18.51 21.00
N PHE B 55 14.69 17.42 21.26
CA PHE B 55 14.75 16.25 20.41
C PHE B 55 13.47 15.97 19.62
N ASP B 56 12.32 16.45 20.07
CA ASP B 56 11.07 16.20 19.35
C ASP B 56 10.86 17.23 18.24
N TYR B 57 10.14 16.79 17.20
CA TYR B 57 9.89 17.62 16.03
C TYR B 57 9.11 18.86 16.39
N GLU B 58 7.93 18.67 16.95
CA GLU B 58 7.00 19.79 17.06
C GLU B 58 7.55 20.92 17.91
N THR B 59 8.39 20.60 18.90
CA THR B 59 9.03 21.64 19.69
C THR B 59 10.23 22.24 18.96
N VAL B 60 10.97 21.43 18.22
CA VAL B 60 11.96 22.00 17.31
C VAL B 60 11.28 22.98 16.38
N LYS B 61 10.19 22.56 15.74
CA LYS B 61 9.45 23.49 14.89
C LYS B 61 9.10 24.74 15.67
N TYR B 62 8.66 24.59 16.90
CA TYR B 62 8.17 25.73 17.66
C TYR B 62 9.30 26.72 17.95
N ILE B 63 10.49 26.21 18.32
CA ILE B 63 11.66 27.07 18.49
C ILE B 63 11.81 27.92 17.25
N LEU B 64 11.99 27.26 16.12
CA LEU B 64 12.35 27.95 14.90
C LEU B 64 11.24 28.87 14.46
N LYS B 65 10.01 28.49 14.74
CA LYS B 65 8.84 29.25 14.33
C LYS B 65 8.64 30.49 15.20
N ASN B 66 9.47 30.65 16.24
CA ASN B 66 9.35 31.73 17.22
C ASN B 66 10.68 32.48 17.42
N PRO B 67 11.08 33.27 16.43
CA PRO B 67 12.30 34.06 16.58
C PRO B 67 12.26 35.05 17.73
N SER B 68 11.08 35.55 18.07
CA SER B 68 11.02 36.51 19.17
C SER B 68 11.42 35.87 20.51
N LEU B 69 11.07 34.59 20.74
CA LEU B 69 11.50 33.88 21.96
C LEU B 69 12.90 33.30 21.84
N PHE B 70 13.28 32.86 20.62
CA PHE B 70 14.54 32.14 20.41
C PHE B 70 15.36 32.82 19.31
N SER B 71 16.46 33.45 19.70
CA SER B 71 17.21 34.40 18.88
C SER B 71 18.37 33.75 18.16
N SER B 72 18.65 34.23 16.95
CA SER B 72 19.80 33.77 16.19
C SER B 72 21.04 34.65 16.42
N LYS B 73 20.90 35.68 17.25
CA LYS B 73 21.97 36.60 17.54
C LYS B 73 23.04 35.87 18.34
N ARG B 74 24.27 36.35 18.23
CA ARG B 74 25.38 35.79 18.97
C ARG B 74 26.24 36.92 19.54
N ALA B 75 26.95 36.60 20.62
CA ALA B 75 27.85 37.56 21.25
C ALA B 75 28.71 38.22 20.17
N MET B 76 28.93 39.54 20.31
CA MET B 76 29.63 40.33 19.28
C MET B 76 31.08 39.92 19.07
N GLU B 77 31.69 39.22 20.02
CA GLU B 77 33.05 38.71 19.88
C GLU B 77 33.12 37.64 18.79
N GLU B 78 32.08 36.81 18.66
CA GLU B 78 31.92 35.90 17.54
C GLU B 78 31.62 36.62 16.22
N ARG B 79 31.93 35.91 15.13
CA ARG B 79 31.81 36.49 13.80
C ARG B 79 30.34 36.57 13.44
N GLN B 80 29.89 37.76 13.01
CA GLN B 80 28.50 37.99 12.64
C GLN B 80 28.34 37.63 11.16
N GLU B 81 27.89 36.40 10.91
CA GLU B 81 27.73 35.81 9.58
C GLU B 81 26.40 36.24 8.98
N SER B 82 26.37 37.48 8.49
CA SER B 82 25.27 38.03 7.67
C SER B 82 23.93 37.73 8.33
N ILE B 83 22.95 37.22 7.59
CA ILE B 83 21.58 37.11 8.08
C ILE B 83 21.40 35.94 9.03
N LEU B 84 22.23 34.91 8.90
CA LEU B 84 22.12 33.75 9.76
C LEU B 84 22.13 34.10 11.23
N MET B 85 22.77 35.19 11.62
CA MET B 85 22.91 35.56 13.03
C MET B 85 22.22 36.89 13.33
N MET B 86 21.14 37.17 12.61
CA MET B 86 20.32 38.34 12.82
C MET B 86 18.90 37.94 13.22
N ASP B 87 18.25 38.80 13.98
CA ASP B 87 16.85 38.63 14.31
C ASP B 87 16.06 39.63 13.53
N PRO B 88 14.74 39.44 13.41
CA PRO B 88 13.88 40.51 12.89
C PRO B 88 13.92 41.76 13.77
N PRO B 89 13.61 42.94 13.22
CA PRO B 89 13.21 43.16 11.83
C PRO B 89 14.39 43.32 10.89
N LYS B 90 15.61 43.33 11.42
CA LYS B 90 16.79 43.46 10.60
C LYS B 90 16.92 42.30 9.62
N HIS B 91 16.72 41.07 10.11
CA HIS B 91 16.85 39.88 9.27
C HIS B 91 15.84 39.91 8.15
N THR B 92 14.66 40.39 8.44
CA THR B 92 13.60 40.40 7.46
C THR B 92 13.98 41.33 6.31
N LYS B 93 14.48 42.53 6.62
CA LYS B 93 14.93 43.45 5.57
C LYS B 93 15.94 42.77 4.65
N LEU B 94 17.05 42.28 5.21
CA LEU B 94 18.15 41.78 4.39
C LEU B 94 17.78 40.49 3.65
N ARG B 95 17.18 39.52 4.32
CA ARG B 95 16.71 38.34 3.61
C ARG B 95 15.83 38.72 2.42
N ASN B 96 14.92 39.67 2.60
CA ASN B 96 14.07 40.10 1.49
C ASN B 96 14.91 40.68 0.34
N LEU B 97 16.08 41.23 0.66
CA LEU B 97 16.95 41.80 -0.35
C LEU B 97 17.70 40.73 -1.15
N VAL B 98 18.04 39.61 -0.51
CA VAL B 98 18.75 38.54 -1.22
C VAL B 98 17.83 37.49 -1.79
N ASN B 99 16.55 37.50 -1.43
CA ASN B 99 15.63 36.45 -1.82
C ASN B 99 15.63 36.16 -3.33
N LYS B 100 15.44 37.17 -4.19
CA LYS B 100 15.04 36.85 -5.55
C LYS B 100 16.03 35.93 -6.28
N ALA B 101 17.30 35.97 -5.91
CA ALA B 101 18.27 35.24 -6.70
C ALA B 101 18.31 33.76 -6.41
N PHE B 102 17.52 33.28 -5.44
CA PHE B 102 17.64 31.92 -4.93
C PHE B 102 16.36 31.08 -5.03
N THR B 103 15.24 31.64 -5.48
CA THR B 103 14.03 30.84 -5.73
C THR B 103 14.35 29.69 -6.68
N PRO B 104 13.58 28.62 -6.68
CA PRO B 104 13.82 27.58 -7.65
C PRO B 104 13.84 28.08 -9.08
N ARG B 105 12.95 29.03 -9.44
CA ARG B 105 12.93 29.52 -10.82
C ARG B 105 14.18 30.34 -11.16
N ALA B 106 14.60 31.19 -10.25
CA ALA B 106 15.74 32.05 -10.50
C ALA B 106 16.97 31.23 -10.79
N ILE B 107 17.15 30.11 -10.11
CA ILE B 107 18.38 29.34 -10.26
C ILE B 107 18.25 28.22 -11.27
N GLN B 108 17.04 27.89 -11.69
CA GLN B 108 16.80 26.68 -12.48
C GLN B 108 17.49 26.70 -13.83
N HIS B 109 17.79 27.88 -14.35
CA HIS B 109 18.61 27.96 -15.56
C HIS B 109 20.03 27.40 -15.38
N LEU B 110 20.50 27.27 -14.15
CA LEU B 110 21.84 26.77 -13.92
C LEU B 110 21.98 25.27 -14.18
N GLU B 111 20.87 24.54 -14.27
CA GLU B 111 20.87 23.10 -14.42
C GLU B 111 21.94 22.59 -15.40
N GLY B 112 21.84 22.99 -16.67
CA GLY B 112 22.79 22.51 -17.67
C GLY B 112 24.22 22.83 -17.28
N HIS B 113 24.47 24.01 -16.73
CA HIS B 113 25.84 24.32 -16.33
C HIS B 113 26.28 23.41 -15.21
N ILE B 114 25.38 23.08 -14.28
CA ILE B 114 25.77 22.22 -13.17
C ILE B 114 26.01 20.80 -13.69
N GLU B 115 25.13 20.34 -14.60
CA GLU B 115 25.29 19.03 -15.22
C GLU B 115 26.64 18.93 -15.92
N GLU B 116 27.04 20.03 -16.57
CA GLU B 116 28.32 20.02 -17.24
C GLU B 116 29.44 19.90 -16.21
N ILE B 117 29.31 20.60 -15.07
CA ILE B 117 30.36 20.46 -14.04
C ILE B 117 30.40 19.02 -13.52
N ALA B 118 29.24 18.43 -13.24
CA ALA B 118 29.18 17.07 -12.72
C ALA B 118 29.77 16.09 -13.72
N ASP B 119 29.37 16.20 -14.97
CA ASP B 119 29.99 15.37 -15.99
C ASP B 119 31.49 15.54 -16.00
N TYR B 120 31.98 16.79 -16.01
CA TYR B 120 33.43 16.99 -16.06
C TYR B 120 34.11 16.31 -14.88
N LEU B 121 33.55 16.47 -13.68
CA LEU B 121 34.20 15.92 -12.49
C LEU B 121 34.25 14.40 -12.51
N LEU B 122 33.21 13.76 -13.05
CA LEU B 122 33.23 12.31 -13.07
C LEU B 122 34.18 11.78 -14.13
N ASP B 123 34.27 12.43 -15.29
CA ASP B 123 35.21 11.95 -16.31
C ASP B 123 36.65 12.00 -15.79
N GLU B 124 36.90 12.71 -14.71
CA GLU B 124 38.21 12.69 -14.07
C GLU B 124 38.44 11.43 -13.24
N VAL B 125 37.46 10.55 -13.13
CA VAL B 125 37.63 9.36 -12.31
C VAL B 125 37.05 8.16 -13.04
N SER B 126 37.12 8.22 -14.37
CA SER B 126 36.64 7.14 -15.24
C SER B 126 37.62 5.97 -15.22
N SER B 127 38.84 6.23 -15.70
CA SER B 127 39.96 5.28 -15.64
C SER B 127 40.44 5.06 -14.20
N LYS B 128 39.97 5.86 -13.23
CA LYS B 128 40.16 5.52 -11.82
C LYS B 128 39.19 4.39 -11.41
N GLU B 129 39.75 3.41 -10.68
CA GLU B 129 39.04 2.25 -10.17
C GLU B 129 38.40 2.48 -8.80
N LYS B 130 38.83 3.51 -8.08
CA LYS B 130 38.15 3.92 -6.87
C LYS B 130 38.57 5.36 -6.59
N PHE B 131 37.66 6.11 -5.99
CA PHE B 131 37.87 7.52 -5.76
C PHE B 131 37.01 7.99 -4.62
N ASP B 132 37.47 9.06 -3.99
CA ASP B 132 36.80 9.70 -2.88
C ASP B 132 35.77 10.70 -3.40
N ILE B 133 34.49 10.41 -3.17
CA ILE B 133 33.42 11.26 -3.64
C ILE B 133 33.49 12.66 -3.02
N VAL B 134 34.20 12.83 -1.89
CA VAL B 134 34.38 14.16 -1.31
C VAL B 134 35.40 14.97 -2.09
N GLU B 135 36.65 14.48 -2.16
CA GLU B 135 37.69 15.31 -2.75
C GLU B 135 37.49 15.49 -4.25
N ASP B 136 36.95 14.47 -4.91
CA ASP B 136 36.88 14.45 -6.37
C ASP B 136 35.59 14.98 -6.95
N PHE B 137 34.52 14.90 -6.19
CA PHE B 137 33.19 15.15 -6.74
C PHE B 137 32.35 16.06 -5.86
N ALA B 138 31.95 15.57 -4.68
CA ALA B 138 30.95 16.27 -3.85
C ALA B 138 31.51 17.55 -3.25
N GLY B 139 32.79 17.60 -3.00
CA GLY B 139 33.39 18.77 -2.43
C GLY B 139 33.55 19.87 -3.46
N PRO B 140 34.09 19.50 -4.62
CA PRO B 140 34.35 20.49 -5.68
C PRO B 140 33.12 21.11 -6.30
N LEU B 141 32.06 20.33 -6.51
CA LEU B 141 30.88 20.83 -7.20
C LEU B 141 30.31 22.07 -6.53
N PRO B 142 29.99 22.08 -5.24
CA PRO B 142 29.45 23.33 -4.68
C PRO B 142 30.36 24.51 -4.91
N ILE B 143 31.66 24.31 -4.79
CA ILE B 143 32.62 25.42 -4.88
C ILE B 143 32.59 26.04 -6.26
N ILE B 144 32.70 25.20 -7.30
CA ILE B 144 32.63 25.67 -8.68
C ILE B 144 31.29 26.34 -8.95
N VAL B 145 30.20 25.77 -8.43
CA VAL B 145 28.88 26.32 -8.70
C VAL B 145 28.73 27.68 -8.07
N ILE B 146 29.08 27.82 -6.80
CA ILE B 146 28.97 29.12 -6.16
C ILE B 146 29.96 30.07 -6.78
N ALA B 147 31.06 29.56 -7.35
CA ALA B 147 32.01 30.46 -7.98
C ALA B 147 31.41 31.03 -9.24
N GLU B 148 30.83 30.17 -10.07
CA GLU B 148 30.12 30.66 -11.23
C GLU B 148 29.10 31.69 -10.80
N LEU B 149 28.27 31.33 -9.86
CA LEU B 149 27.14 32.15 -9.47
C LEU B 149 27.60 33.54 -9.03
N LEU B 150 28.63 33.58 -8.16
CA LEU B 150 29.23 34.78 -7.60
C LEU B 150 29.98 35.62 -8.62
N GLY B 151 30.52 35.04 -9.68
CA GLY B 151 31.32 35.82 -10.60
C GLY B 151 32.78 35.75 -10.32
N VAL B 152 33.24 34.64 -9.79
CA VAL B 152 34.66 34.52 -9.56
C VAL B 152 35.25 34.34 -10.95
N PRO B 153 36.19 35.18 -11.39
CA PRO B 153 36.76 35.01 -12.73
C PRO B 153 37.45 33.66 -12.86
N ILE B 154 37.45 33.13 -14.08
CA ILE B 154 37.98 31.79 -14.28
C ILE B 154 39.45 31.71 -13.88
N GLN B 155 40.18 32.81 -14.00
CA GLN B 155 41.60 32.84 -13.65
C GLN B 155 41.86 32.83 -12.15
N ASP B 156 40.83 32.99 -11.33
CA ASP B 156 40.95 32.90 -9.87
C ASP B 156 40.30 31.65 -9.25
N ARG B 157 39.71 30.75 -10.04
CA ARG B 157 39.03 29.59 -9.44
C ARG B 157 40.01 28.79 -8.61
N ALA B 158 41.27 28.72 -9.05
CA ALA B 158 42.33 28.05 -8.29
C ALA B 158 42.44 28.59 -6.87
N LEU B 159 42.69 29.90 -6.74
CA LEU B 159 42.82 30.48 -5.40
C LEU B 159 41.52 30.34 -4.60
N PHE B 160 40.37 30.48 -5.27
CA PHE B 160 39.09 30.40 -4.58
C PHE B 160 38.87 29.02 -3.98
N LYS B 161 39.04 27.98 -4.78
CA LYS B 161 38.86 26.65 -4.23
C LYS B 161 39.82 26.42 -3.10
N LYS B 162 41.07 26.86 -3.28
CA LYS B 162 42.12 26.65 -2.28
C LYS B 162 41.69 27.15 -0.90
N TYR B 163 41.28 28.42 -0.82
CA TYR B 163 40.86 29.04 0.43
C TYR B 163 39.43 28.67 0.80
N SER B 164 38.59 28.30 -0.17
CA SER B 164 37.30 27.72 0.17
C SER B 164 37.50 26.36 0.81
N ASP B 165 38.37 25.55 0.22
CA ASP B 165 38.80 24.31 0.86
C ASP B 165 39.32 24.58 2.27
N ASP B 166 40.29 25.49 2.39
CA ASP B 166 40.82 25.86 3.70
C ASP B 166 39.72 26.26 4.68
N LEU B 167 38.62 26.83 4.20
CA LEU B 167 37.53 27.26 5.08
C LEU B 167 37.02 26.13 5.97
N VAL B 168 37.01 24.89 5.45
CA VAL B 168 36.31 23.75 6.07
C VAL B 168 37.31 22.60 6.28
N SER B 169 38.58 22.93 6.47
CA SER B 169 39.60 21.90 6.54
C SER B 169 39.42 21.03 7.82
N GLY B 170 39.95 19.80 7.75
CA GLY B 170 39.90 18.89 8.87
C GLY B 170 40.92 19.13 9.97
N ALA B 171 41.40 18.03 10.55
CA ALA B 171 42.49 18.07 11.51
C ALA B 171 43.42 16.90 11.19
N GLU B 172 44.41 16.71 12.07
CA GLU B 172 45.22 15.49 12.08
C GLU B 172 45.20 14.82 13.46
N ASN B 173 44.31 15.27 14.36
CA ASN B 173 44.02 14.66 15.65
C ASN B 173 43.15 15.61 16.47
N ASN B 174 42.61 15.16 17.61
CA ASN B 174 41.80 16.00 18.50
C ASN B 174 42.64 16.60 19.62
N SER B 175 43.91 16.87 19.35
CA SER B 175 44.80 17.51 20.30
C SER B 175 44.51 19.00 20.38
N ASP B 176 45.32 19.71 21.15
CA ASP B 176 45.36 21.16 21.10
C ASP B 176 46.20 21.64 19.92
N GLU B 177 47.04 20.73 19.39
CA GLU B 177 48.08 20.97 18.41
C GLU B 177 47.52 21.10 16.98
N ALA B 178 46.53 20.25 16.63
CA ALA B 178 45.87 20.29 15.33
C ALA B 178 44.59 21.12 15.33
N PHE B 179 43.81 21.11 16.43
CA PHE B 179 42.74 22.09 16.58
C PHE B 179 43.30 23.51 16.40
N ALA B 180 44.53 23.74 16.86
CA ALA B 180 45.23 25.00 16.59
C ALA B 180 45.51 25.17 15.10
N LYS B 181 46.26 24.22 14.53
CA LYS B 181 46.71 24.35 13.16
C LYS B 181 45.56 24.28 12.16
N MET B 182 44.42 23.79 12.57
CA MET B 182 43.27 23.82 11.70
C MET B 182 42.64 25.21 11.70
N MET B 183 42.30 25.71 12.90
CA MET B 183 41.63 27.01 13.01
C MET B 183 42.44 28.09 12.35
N GLN B 184 43.78 27.93 12.33
CA GLN B 184 44.61 28.85 11.57
C GLN B 184 44.29 28.75 10.10
N LYS B 185 44.12 27.53 9.59
CA LYS B 185 43.88 27.42 8.17
C LYS B 185 42.48 27.86 7.78
N ARG B 186 41.48 27.67 8.66
CA ARG B 186 40.17 28.24 8.42
C ARG B 186 40.20 29.76 8.45
N ASN B 187 40.61 30.33 9.58
CA ASN B 187 40.62 31.79 9.66
C ASN B 187 41.46 32.36 8.53
N GLU B 188 42.56 31.70 8.20
CA GLU B 188 43.32 32.12 7.02
C GLU B 188 42.46 32.07 5.77
N GLY B 189 41.46 31.18 5.73
CA GLY B 189 40.53 31.15 4.62
C GLY B 189 39.51 32.26 4.66
N VAL B 190 38.96 32.53 5.83
CA VAL B 190 37.99 33.60 5.96
C VAL B 190 38.62 34.93 5.61
N ILE B 191 39.84 35.18 6.09
CA ILE B 191 40.50 36.45 5.82
C ILE B 191 40.65 36.63 4.32
N PHE B 192 41.27 35.68 3.65
CA PHE B 192 41.46 35.86 2.21
C PHE B 192 40.13 36.12 1.52
N LEU B 193 39.15 35.27 1.76
CA LEU B 193 37.88 35.39 1.05
C LEU B 193 37.18 36.70 1.38
N GLN B 194 37.28 37.15 2.64
CA GLN B 194 36.76 38.46 3.00
C GLN B 194 37.46 39.55 2.19
N GLY B 195 38.78 39.49 2.10
CA GLY B 195 39.52 40.46 1.32
C GLY B 195 39.26 40.39 -0.17
N TYR B 196 39.17 39.18 -0.72
CA TYR B 196 38.93 38.99 -2.14
C TYR B 196 37.58 39.59 -2.58
N PHE B 197 36.53 39.30 -1.81
CA PHE B 197 35.18 39.77 -2.15
C PHE B 197 34.98 41.24 -1.87
N LYS B 198 35.52 41.72 -0.76
CA LYS B 198 35.58 43.16 -0.57
C LYS B 198 36.13 43.86 -1.79
N GLU B 199 37.11 43.24 -2.45
CA GLU B 199 37.68 43.81 -3.67
C GLU B 199 36.78 43.60 -4.87
N ILE B 200 36.16 42.44 -4.98
CA ILE B 200 35.28 42.18 -6.13
C ILE B 200 34.01 43.01 -6.02
N ILE B 201 33.47 43.14 -4.83
CA ILE B 201 32.30 43.96 -4.61
C ILE B 201 32.58 45.40 -5.01
N ALA B 202 33.73 45.94 -4.60
CA ALA B 202 34.01 47.33 -4.94
C ALA B 202 34.13 47.50 -6.44
N GLU B 203 34.86 46.59 -7.12
CA GLU B 203 34.92 46.56 -8.59
C GLU B 203 33.53 46.59 -9.19
N ARG B 204 32.63 45.76 -8.65
CA ARG B 204 31.28 45.59 -9.20
C ARG B 204 30.33 46.71 -8.76
N GLN B 205 30.56 47.33 -7.61
CA GLN B 205 29.70 48.44 -7.21
C GLN B 205 29.80 49.60 -8.17
N GLN B 206 30.88 49.68 -8.93
CA GLN B 206 31.06 50.73 -9.92
C GLN B 206 31.02 50.21 -11.35
N ASN B 207 31.25 48.93 -11.54
CA ASN B 207 31.02 48.28 -12.82
C ASN B 207 30.23 47.00 -12.57
N LYS B 208 29.00 46.93 -13.12
CA LYS B 208 28.14 45.79 -12.93
C LYS B 208 28.39 44.75 -13.99
N GLN B 209 28.11 43.52 -13.64
CA GLN B 209 28.27 42.38 -14.52
C GLN B 209 27.04 41.49 -14.43
N GLU B 210 27.07 40.40 -15.22
CA GLU B 210 25.98 39.43 -15.29
C GLU B 210 26.10 38.47 -14.12
N ASP B 211 26.13 38.97 -12.89
CA ASP B 211 26.42 38.05 -11.81
C ASP B 211 25.64 38.38 -10.56
N LEU B 212 25.78 37.48 -9.58
CA LEU B 212 25.00 37.55 -8.35
C LEU B 212 25.46 38.71 -7.49
N ILE B 213 26.77 38.95 -7.42
CA ILE B 213 27.21 40.10 -6.66
C ILE B 213 26.50 41.34 -7.15
N SER B 214 26.56 41.54 -8.46
CA SER B 214 25.98 42.74 -9.06
C SER B 214 24.47 42.78 -8.85
N LEU B 215 23.79 41.66 -9.06
CA LEU B 215 22.38 41.61 -8.77
C LEU B 215 22.11 42.03 -7.35
N LEU B 216 22.98 41.65 -6.41
CA LEU B 216 22.77 41.99 -5.01
C LEU B 216 22.97 43.46 -4.76
N LEU B 217 23.99 44.04 -5.37
CA LEU B 217 24.18 45.49 -5.25
C LEU B 217 23.03 46.25 -5.88
N GLU B 218 22.41 45.70 -6.92
CA GLU B 218 21.31 46.41 -7.56
C GLU B 218 19.97 46.19 -6.89
N ALA B 219 19.84 45.21 -6.00
CA ALA B 219 18.55 44.94 -5.40
C ALA B 219 18.04 46.17 -4.65
N GLU B 220 16.75 46.38 -4.68
CA GLU B 220 16.15 47.50 -3.98
C GLU B 220 14.77 47.09 -3.51
N ILE B 221 14.62 47.03 -2.18
CA ILE B 221 13.33 46.92 -1.49
C ILE B 221 13.16 48.16 -0.61
N ASP B 222 12.14 48.99 -0.93
CA ASP B 222 11.72 50.18 -0.15
C ASP B 222 12.79 51.27 -0.12
N GLY B 223 13.43 51.49 -1.26
CA GLY B 223 14.50 52.43 -1.36
C GLY B 223 15.78 52.03 -0.67
N GLU B 224 15.80 50.90 0.04
CA GLU B 224 16.99 50.42 0.71
C GLU B 224 17.81 49.51 -0.19
N HIS B 225 19.13 49.63 -0.08
CA HIS B 225 20.04 48.69 -0.70
C HIS B 225 20.83 47.99 0.37
N LEU B 226 21.48 46.92 -0.04
CA LEU B 226 22.48 46.32 0.80
C LEU B 226 23.73 47.19 0.71
N THR B 227 24.41 47.32 1.82
CA THR B 227 25.72 47.96 1.83
C THR B 227 26.75 46.98 1.30
N GLU B 228 27.83 47.52 0.75
CA GLU B 228 28.93 46.66 0.32
C GLU B 228 29.34 45.73 1.46
N GLU B 229 29.09 46.14 2.70
CA GLU B 229 29.48 45.36 3.87
C GLU B 229 28.45 44.30 4.18
N GLU B 230 27.20 44.54 3.83
CA GLU B 230 26.22 43.48 3.96
C GLU B 230 26.39 42.45 2.85
N VAL B 231 26.70 42.91 1.63
CA VAL B 231 26.96 41.98 0.54
C VAL B 231 28.17 41.12 0.88
N LEU B 232 29.23 41.74 1.39
CA LEU B 232 30.44 40.98 1.70
C LEU B 232 30.14 39.86 2.66
N GLY B 233 29.54 40.20 3.79
CA GLY B 233 29.21 39.20 4.78
C GLY B 233 28.27 38.15 4.23
N PHE B 234 27.40 38.55 3.31
CA PHE B 234 26.48 37.60 2.72
C PHE B 234 27.19 36.60 1.82
N CYS B 235 28.13 37.06 1.01
CA CYS B 235 28.86 36.14 0.15
C CYS B 235 29.67 35.15 0.96
N ILE B 236 30.26 35.60 2.08
CA ILE B 236 31.02 34.70 2.93
C ILE B 236 30.08 33.69 3.55
N LEU B 237 28.88 34.12 3.90
CA LEU B 237 27.89 33.20 4.45
C LEU B 237 27.57 32.12 3.44
N LEU B 238 27.29 32.51 2.19
CA LEU B 238 27.02 31.51 1.16
C LEU B 238 28.10 30.46 1.07
N LEU B 239 29.34 30.82 1.38
CA LEU B 239 30.39 29.83 1.29
C LEU B 239 30.38 28.90 2.49
N VAL B 240 30.29 29.49 3.68
CA VAL B 240 30.26 28.72 4.91
C VAL B 240 29.04 27.82 4.93
N ALA B 241 27.88 28.39 4.63
CA ALA B 241 26.60 27.72 4.75
C ALA B 241 26.33 26.75 3.63
N GLY B 242 26.96 26.92 2.48
CA GLY B 242 26.54 26.25 1.28
C GLY B 242 27.46 25.19 0.77
N ASN B 243 28.73 25.28 1.09
CA ASN B 243 29.69 24.36 0.47
C ASN B 243 29.72 23.04 1.22
N GLU B 244 30.09 23.09 2.50
CA GLU B 244 30.29 21.85 3.25
C GLU B 244 28.98 21.10 3.42
N THR B 245 27.88 21.82 3.62
CA THR B 245 26.58 21.16 3.69
C THR B 245 26.19 20.49 2.37
N THR B 246 26.23 21.21 1.26
CA THR B 246 25.91 20.59 -0.02
C THR B 246 26.80 19.38 -0.27
N THR B 247 28.09 19.53 -0.02
CA THR B 247 28.99 18.39 -0.13
C THR B 247 28.50 17.24 0.76
N ASN B 248 27.99 17.52 1.96
CA ASN B 248 27.58 16.45 2.86
C ASN B 248 26.28 15.78 2.40
N LEU B 249 25.39 16.54 1.78
CA LEU B 249 24.24 15.95 1.11
C LEU B 249 24.69 14.94 0.08
N ILE B 250 25.66 15.29 -0.77
CA ILE B 250 26.04 14.37 -1.84
C ILE B 250 26.73 13.14 -1.26
N THR B 251 27.66 13.35 -0.35
CA THR B 251 28.38 12.22 0.22
C THR B 251 27.44 11.31 1.02
N ASN B 252 26.63 11.88 1.90
CA ASN B 252 25.65 11.07 2.64
C ASN B 252 24.72 10.31 1.69
N GLY B 253 24.23 10.96 0.66
CA GLY B 253 23.39 10.24 -0.29
C GLY B 253 24.13 9.11 -0.97
N VAL B 254 25.34 9.37 -1.40
CA VAL B 254 26.18 8.32 -1.99
C VAL B 254 26.50 7.25 -0.96
N ARG B 255 26.74 7.66 0.29
CA ARG B 255 26.92 6.72 1.39
C ARG B 255 25.69 5.85 1.57
N TYR B 256 24.50 6.45 1.76
CA TYR B 256 23.30 5.63 1.93
C TYR B 256 23.16 4.67 0.76
N MET B 257 23.24 5.19 -0.46
CA MET B 257 23.00 4.36 -1.63
C MET B 257 24.01 3.26 -1.82
N THR B 258 25.14 3.31 -1.12
CA THR B 258 26.07 2.19 -1.10
C THR B 258 25.93 1.36 0.15
N GLU B 259 25.28 1.92 1.17
CA GLU B 259 24.86 1.15 2.31
C GLU B 259 23.62 0.32 1.99
N ASP B 260 22.72 0.82 1.13
CA ASP B 260 21.48 0.17 0.73
C ASP B 260 21.44 0.27 -0.77
N VAL B 261 21.95 -0.75 -1.46
CA VAL B 261 22.06 -0.71 -2.91
C VAL B 261 20.68 -0.78 -3.59
N ASP B 262 19.68 -1.38 -2.93
CA ASP B 262 18.35 -1.47 -3.51
C ASP B 262 17.75 -0.10 -3.71
N VAL B 263 17.95 0.81 -2.75
CA VAL B 263 17.53 2.19 -2.98
C VAL B 263 18.24 2.75 -4.21
N GLN B 264 19.57 2.57 -4.27
CA GLN B 264 20.35 3.01 -5.41
C GLN B 264 19.76 2.52 -6.72
N ASN B 265 19.49 1.21 -6.80
CA ASN B 265 19.01 0.62 -8.05
C ASN B 265 17.60 1.08 -8.38
N GLU B 266 16.76 1.28 -7.35
CA GLU B 266 15.40 1.75 -7.59
C GLU B 266 15.42 3.09 -8.30
N VAL B 267 16.25 4.01 -7.78
CA VAL B 267 16.33 5.38 -8.27
C VAL B 267 17.07 5.40 -9.61
N ARG B 268 18.01 4.48 -9.82
CA ARG B 268 18.63 4.42 -11.14
C ARG B 268 17.61 4.09 -12.20
N ARG B 269 16.65 3.22 -11.85
CA ARG B 269 15.70 2.67 -12.79
C ARG B 269 14.50 3.57 -12.97
N ASP B 270 14.30 4.49 -12.02
CA ASP B 270 13.27 5.55 -12.08
C ASP B 270 13.91 6.85 -11.60
N ILE B 271 14.55 7.54 -12.53
CA ILE B 271 15.27 8.76 -12.24
C ILE B 271 14.37 9.88 -11.72
N SER B 272 13.03 9.74 -11.86
CA SER B 272 12.09 10.74 -11.35
C SER B 272 12.03 10.75 -9.82
N LEU B 273 12.56 9.72 -9.18
CA LEU B 273 12.63 9.64 -7.73
C LEU B 273 13.79 10.43 -7.10
N VAL B 274 14.71 11.03 -7.88
CA VAL B 274 15.85 11.69 -7.28
C VAL B 274 15.44 12.82 -6.34
N PRO B 275 14.48 13.68 -6.67
CA PRO B 275 14.07 14.66 -5.65
C PRO B 275 13.67 14.02 -4.32
N ASN B 276 12.98 12.88 -4.36
CA ASN B 276 12.62 12.17 -3.13
C ASN B 276 13.86 11.60 -2.45
N LEU B 277 14.78 11.05 -3.24
CA LEU B 277 16.07 10.66 -2.73
C LEU B 277 16.80 11.83 -2.08
N VAL B 278 16.71 13.01 -2.70
CA VAL B 278 17.35 14.18 -2.12
C VAL B 278 16.69 14.56 -0.80
N GLU B 279 15.35 14.55 -0.76
CA GLU B 279 14.68 14.89 0.49
C GLU B 279 14.88 13.80 1.53
N GLU B 280 14.86 12.55 1.10
CA GLU B 280 15.04 11.50 2.09
C GLU B 280 16.47 11.45 2.59
N THR B 281 17.44 11.71 1.72
CA THR B 281 18.82 11.86 2.20
C THR B 281 18.91 12.97 3.24
N LEU B 282 18.28 14.12 2.98
CA LEU B 282 18.24 15.21 3.94
C LEU B 282 17.56 14.80 5.25
N ARG B 283 16.45 14.06 5.19
CA ARG B 283 15.75 13.67 6.41
C ARG B 283 16.60 12.70 7.21
N TYR B 284 17.08 11.65 6.55
CA TYR B 284 17.74 10.52 7.21
C TYR B 284 19.19 10.82 7.57
N TYR B 285 19.94 11.47 6.70
CA TYR B 285 21.34 11.77 6.96
C TYR B 285 21.58 13.28 6.95
N PRO B 286 20.92 14.01 7.84
CA PRO B 286 20.93 15.47 7.75
C PRO B 286 22.32 16.06 7.87
N PRO B 287 22.76 16.79 6.83
CA PRO B 287 24.06 17.48 6.91
C PRO B 287 24.18 18.42 8.08
N ILE B 288 23.11 19.08 8.45
CA ILE B 288 23.09 19.85 9.67
C ILE B 288 22.19 19.07 10.61
N GLN B 289 22.76 18.58 11.69
CA GLN B 289 21.91 17.82 12.58
C GLN B 289 21.40 18.66 13.71
N ALA B 290 21.93 19.87 13.88
CA ALA B 290 21.50 20.73 14.97
C ALA B 290 21.52 22.18 14.60
N ILE B 291 20.50 22.88 15.09
CA ILE B 291 20.32 24.32 14.93
C ILE B 291 20.27 24.96 16.30
N GLY B 292 21.13 25.95 16.50
CA GLY B 292 21.26 26.61 17.78
C GLY B 292 20.39 27.84 17.90
N ARG B 293 19.98 28.11 19.14
CA ARG B 293 19.29 29.33 19.48
C ARG B 293 19.78 29.76 20.85
N ILE B 294 19.61 31.05 21.14
CA ILE B 294 19.81 31.65 22.45
C ILE B 294 18.44 32.08 22.94
N ALA B 295 18.01 31.58 24.10
CA ALA B 295 16.71 32.01 24.60
C ALA B 295 16.75 33.50 24.85
N ALA B 296 15.75 34.22 24.35
CA ALA B 296 15.71 35.67 24.53
C ALA B 296 14.85 36.07 25.70
N GLU B 297 13.97 35.19 26.12
CA GLU B 297 13.16 35.40 27.29
C GLU B 297 13.22 34.12 28.12
N ASP B 298 12.75 34.20 29.36
CA ASP B 298 12.32 32.98 30.03
C ASP B 298 11.13 32.42 29.27
N VAL B 299 11.15 31.11 29.02
CA VAL B 299 10.04 30.43 28.34
C VAL B 299 9.89 29.00 28.87
N GLU B 300 8.64 28.59 29.05
CA GLU B 300 8.26 27.24 29.50
C GLU B 300 8.04 26.35 28.28
N LEU B 301 8.88 25.32 28.13
CA LEU B 301 8.58 24.26 27.17
C LEU B 301 8.21 23.00 27.95
N GLY B 302 7.01 22.47 27.66
CA GLY B 302 6.46 21.42 28.50
C GLY B 302 6.62 21.83 29.94
N GLU B 303 7.38 21.05 30.66
CA GLU B 303 7.66 21.30 32.08
C GLU B 303 9.04 21.87 32.32
N CYS B 304 9.74 22.25 31.25
CA CYS B 304 11.10 22.76 31.36
C CYS B 304 11.14 24.29 31.41
N LYS B 305 12.05 24.79 32.24
CA LYS B 305 12.21 26.21 32.53
C LYS B 305 13.49 26.66 31.84
N ILE B 306 13.34 27.33 30.69
CA ILE B 306 14.46 27.88 29.93
C ILE B 306 14.61 29.33 30.34
N LYS B 307 15.83 29.71 30.68
CA LYS B 307 16.05 31.04 31.18
C LYS B 307 16.68 31.88 30.09
N ARG B 308 16.22 33.12 29.98
CA ARG B 308 16.85 34.08 29.08
C ARG B 308 18.36 33.93 29.08
N GLY B 309 18.92 33.71 27.91
CA GLY B 309 20.35 33.70 27.73
C GLY B 309 20.93 32.33 27.51
N GLN B 310 20.10 31.31 27.60
CA GLN B 310 20.58 29.96 27.58
C GLN B 310 20.56 29.38 26.18
N GLN B 311 21.51 28.49 25.95
CA GLN B 311 21.67 27.85 24.66
C GLN B 311 20.64 26.77 24.50
N VAL B 312 19.95 26.78 23.37
CA VAL B 312 18.85 25.86 23.07
C VAL B 312 19.11 25.18 21.75
N ILE B 313 19.70 24.01 21.80
CA ILE B 313 19.99 23.26 20.58
C ILE B 313 18.78 22.43 20.19
N SER B 314 18.25 22.68 18.99
CA SER B 314 17.17 21.89 18.44
C SER B 314 17.79 20.91 17.47
N TRP B 315 17.51 19.64 17.65
CA TRP B 315 18.20 18.58 16.94
C TRP B 315 17.38 18.12 15.75
N ALA B 316 17.77 18.58 14.56
CA ALA B 316 17.05 18.18 13.36
C ALA B 316 17.17 16.69 13.11
N ALA B 317 18.30 16.08 13.45
CA ALA B 317 18.42 14.65 13.24
C ALA B 317 17.36 13.93 14.05
N SER B 318 17.08 14.42 15.23
CA SER B 318 16.06 13.84 16.10
C SER B 318 14.67 14.10 15.56
N ALA B 319 14.34 15.38 15.35
CA ALA B 319 13.05 15.78 14.77
C ALA B 319 12.77 15.05 13.46
N ASN B 320 13.77 14.86 12.63
CA ASN B 320 13.47 14.26 11.36
C ASN B 320 13.02 12.81 11.50
N ARG B 321 13.22 12.23 12.68
CA ARG B 321 12.87 10.83 12.91
C ARG B 321 11.79 10.70 13.98
N ASP B 322 11.10 11.80 14.30
CA ASP B 322 10.00 11.80 15.25
C ASP B 322 8.80 11.04 14.66
N SER B 323 8.51 9.87 15.23
CA SER B 323 7.37 9.03 14.83
C SER B 323 6.07 9.82 14.65
N ALA B 324 5.95 10.96 15.33
CA ALA B 324 4.72 11.75 15.29
C ALA B 324 4.51 12.45 13.95
N LYS B 325 5.55 12.55 13.14
CA LYS B 325 5.49 13.34 11.94
C LYS B 325 5.88 12.56 10.71
N PHE B 326 6.67 11.52 10.87
CA PHE B 326 7.17 10.74 9.76
C PHE B 326 6.79 9.29 9.95
N GLU B 327 6.07 8.75 8.96
CA GLU B 327 5.94 7.30 8.90
C GLU B 327 7.34 6.70 8.72
N TRP B 328 7.52 5.47 9.20
CA TRP B 328 8.74 4.69 9.04
C TRP B 328 9.98 5.58 9.22
N PRO B 329 10.16 6.16 10.40
CA PRO B 329 11.14 7.23 10.57
C PRO B 329 12.56 6.76 10.53
N ASP B 330 12.82 5.47 10.61
CA ASP B 330 14.18 4.98 10.60
C ASP B 330 14.38 4.10 9.39
N THR B 331 13.53 4.30 8.41
CA THR B 331 13.62 3.60 7.14
C THR B 331 13.75 4.64 6.05
N PHE B 332 14.62 4.35 5.12
CA PHE B 332 14.85 5.20 3.96
C PHE B 332 13.86 4.81 2.84
N VAL B 333 12.91 5.69 2.58
CA VAL B 333 11.79 5.48 1.65
C VAL B 333 11.85 6.56 0.58
N VAL B 334 11.89 6.15 -0.68
CA VAL B 334 11.95 7.12 -1.76
C VAL B 334 10.57 7.42 -2.33
N HIS B 335 9.50 7.02 -1.63
CA HIS B 335 8.13 7.19 -2.11
C HIS B 335 7.25 7.95 -1.12
N ARG B 336 7.85 8.75 -0.24
CA ARG B 336 7.08 9.47 0.76
C ARG B 336 6.22 10.51 0.08
N LYS B 337 4.94 10.50 0.39
CA LYS B 337 4.04 11.53 -0.15
C LYS B 337 4.46 12.90 0.33
N THR B 338 5.05 12.98 1.53
CA THR B 338 5.49 14.26 2.08
C THR B 338 6.70 13.98 2.93
N ASN B 339 7.59 14.96 2.98
CA ASN B 339 8.87 14.85 3.69
C ASN B 339 9.17 16.21 4.32
N PRO B 340 8.44 16.57 5.37
CA PRO B 340 8.59 17.87 6.03
C PRO B 340 9.69 17.90 7.08
N HIS B 341 10.87 17.41 6.71
CA HIS B 341 12.02 17.50 7.59
C HIS B 341 12.28 18.94 7.90
N VAL B 342 13.19 19.14 8.84
CA VAL B 342 13.71 20.45 9.25
C VAL B 342 15.23 20.50 9.03
N SER B 343 15.72 19.76 8.05
CA SER B 343 17.14 19.75 7.71
C SER B 343 17.60 21.08 7.13
N PHE B 344 16.70 21.86 6.53
CA PHE B 344 16.95 23.22 6.07
C PHE B 344 16.42 24.23 7.06
N GLY B 345 15.99 23.76 8.21
CA GLY B 345 15.35 24.63 9.13
C GLY B 345 13.86 24.74 8.85
N PHE B 346 13.29 25.81 9.38
CA PHE B 346 11.88 26.11 9.25
C PHE B 346 11.64 27.54 9.72
N GLY B 347 10.79 28.27 9.01
CA GLY B 347 10.51 29.64 9.38
C GLY B 347 11.39 30.64 8.67
N ILE B 348 11.72 31.73 9.36
CA ILE B 348 12.32 32.90 8.69
C ILE B 348 13.75 32.65 8.27
N HIS B 349 14.45 31.71 8.88
CA HIS B 349 15.83 31.44 8.48
C HIS B 349 15.94 30.22 7.58
N PHE B 350 14.81 29.66 7.15
CA PHE B 350 14.79 28.46 6.30
C PHE B 350 15.79 28.63 5.16
N CYS B 351 16.65 27.63 4.99
CA CYS B 351 17.79 27.75 4.08
C CYS B 351 17.41 28.42 2.78
N LEU B 352 18.05 29.58 2.54
CA LEU B 352 17.90 30.32 1.30
C LEU B 352 18.44 29.52 0.14
N GLY B 353 19.37 28.63 0.43
CA GLY B 353 20.04 27.85 -0.58
C GLY B 353 19.46 26.48 -0.73
N ALA B 354 18.31 26.23 -0.12
CA ALA B 354 17.63 24.95 -0.29
C ALA B 354 17.33 24.63 -1.73
N PRO B 355 16.85 25.56 -2.56
CA PRO B 355 16.65 25.20 -3.96
C PRO B 355 17.94 24.85 -4.68
N LEU B 356 19.00 25.63 -4.48
CA LEU B 356 20.26 25.31 -5.12
C LEU B 356 20.83 23.98 -4.61
N ALA B 357 20.78 23.77 -3.30
CA ALA B 357 21.23 22.50 -2.73
C ALA B 357 20.41 21.33 -3.30
N ARG B 358 19.10 21.50 -3.43
CA ARG B 358 18.29 20.44 -4.00
C ARG B 358 18.67 20.16 -5.44
N MET B 359 19.02 21.20 -6.19
CA MET B 359 19.32 21.01 -7.61
C MET B 359 20.66 20.33 -7.77
N GLU B 360 21.67 20.84 -7.06
CA GLU B 360 22.96 20.17 -7.06
C GLU B 360 22.84 18.75 -6.54
N GLY B 361 22.00 18.52 -5.53
CA GLY B 361 21.80 17.17 -5.06
C GLY B 361 21.30 16.29 -6.17
N LYS B 362 20.24 16.75 -6.83
CA LYS B 362 19.63 16.02 -7.93
C LYS B 362 20.64 15.75 -9.04
N ILE B 363 21.42 16.75 -9.42
CA ILE B 363 22.36 16.58 -10.53
C ILE B 363 23.42 15.57 -10.17
N ALA B 364 24.02 15.70 -8.98
CA ALA B 364 25.07 14.79 -8.54
C ALA B 364 24.56 13.36 -8.48
N PHE B 365 23.45 13.14 -7.77
CA PHE B 365 22.88 11.82 -7.68
C PHE B 365 22.44 11.35 -9.04
N THR B 366 21.86 12.26 -9.84
CA THR B 366 21.41 11.86 -11.16
C THR B 366 22.60 11.41 -11.99
N LYS B 367 23.62 12.25 -12.10
CA LYS B 367 24.78 11.87 -12.89
C LYS B 367 25.46 10.61 -12.33
N LEU B 368 25.58 10.53 -11.02
CA LEU B 368 26.25 9.37 -10.43
C LEU B 368 25.54 8.07 -10.83
N LEU B 369 24.22 8.02 -10.67
CA LEU B 369 23.47 6.84 -11.05
C LEU B 369 23.56 6.60 -12.55
N GLU B 370 23.60 7.66 -13.34
CA GLU B 370 23.63 7.47 -14.79
C GLU B 370 24.98 6.95 -15.30
N LYS B 371 26.08 7.18 -14.57
CA LYS B 371 27.33 6.50 -14.95
C LYS B 371 27.21 5.01 -14.70
N GLY B 372 26.40 4.61 -13.73
CA GLY B 372 26.15 3.21 -13.49
C GLY B 372 26.42 2.83 -12.06
N GLY B 373 26.13 1.56 -11.77
CA GLY B 373 26.29 0.98 -10.45
C GLY B 373 27.61 1.35 -9.83
N PHE B 374 27.56 1.61 -8.54
CA PHE B 374 28.72 1.94 -7.74
C PHE B 374 28.57 1.29 -6.36
N SER B 375 29.72 1.06 -5.74
CA SER B 375 29.77 0.29 -4.52
C SER B 375 30.73 0.97 -3.55
N LYS B 376 30.51 0.74 -2.26
CA LYS B 376 31.41 1.22 -1.23
C LYS B 376 32.70 0.39 -1.24
N VAL B 377 33.82 1.07 -1.08
CA VAL B 377 35.11 0.40 -0.96
C VAL B 377 35.21 -0.26 0.42
N GLN B 378 35.36 -1.59 0.42
CA GLN B 378 35.46 -2.34 1.67
C GLN B 378 36.55 -1.76 2.56
N ASN B 379 36.39 -1.95 3.89
CA ASN B 379 37.45 -1.61 4.87
C ASN B 379 37.96 -0.19 4.69
N GLN B 380 37.09 0.78 4.94
CA GLN B 380 37.48 2.17 5.15
C GLN B 380 37.32 2.51 6.61
N SER B 381 38.08 3.50 7.04
CA SER B 381 38.00 4.05 8.39
C SER B 381 37.32 5.41 8.28
N LEU B 382 36.00 5.41 8.23
CA LEU B 382 35.28 6.67 8.04
C LEU B 382 35.51 7.57 9.25
N LYS B 383 36.20 8.60 9.05
CA LYS B 383 36.33 9.64 10.07
C LYS B 383 35.18 10.62 9.88
N PRO B 384 34.41 10.94 10.94
CA PRO B 384 33.35 11.94 10.80
C PRO B 384 33.90 13.35 10.82
N ILE B 385 33.14 14.26 10.19
CA ILE B 385 33.45 15.68 10.27
C ILE B 385 33.51 16.04 11.75
N ASP B 386 34.50 16.85 12.10
CA ASP B 386 34.81 17.04 13.52
C ASP B 386 33.58 17.48 14.29
N SER B 387 32.86 18.47 13.75
CA SER B 387 31.79 19.17 14.46
C SER B 387 30.72 18.16 14.89
N PRO B 388 30.09 18.38 16.05
CA PRO B 388 28.96 17.54 16.47
C PRO B 388 27.60 18.06 16.00
N PHE B 389 27.60 19.23 15.36
CA PHE B 389 26.45 19.85 14.69
C PHE B 389 26.33 19.49 13.21
N VAL B 390 27.38 18.91 12.65
CA VAL B 390 27.43 18.46 11.26
C VAL B 390 27.31 16.96 11.24
N PHE B 391 26.71 16.41 10.19
CA PHE B 391 26.66 14.97 10.01
C PHE B 391 27.15 14.64 8.62
N GLY B 392 28.34 14.08 8.54
CA GLY B 392 28.92 13.72 7.28
C GLY B 392 30.32 13.25 7.54
N VAL B 393 30.98 12.81 6.47
CA VAL B 393 32.30 12.21 6.56
C VAL B 393 33.34 13.03 5.81
N LYS B 394 34.59 12.94 6.30
CA LYS B 394 35.73 13.57 5.67
C LYS B 394 36.11 12.90 4.37
N LYS B 395 35.75 11.64 4.18
CA LYS B 395 36.15 10.91 2.99
C LYS B 395 35.20 9.74 2.78
N TYR B 396 34.91 9.41 1.53
CA TYR B 396 34.05 8.26 1.25
C TYR B 396 34.41 7.71 -0.12
N GLU B 397 35.17 6.61 -0.12
CA GLU B 397 35.70 6.03 -1.35
C GLU B 397 34.69 5.05 -1.90
N ILE B 398 34.38 5.21 -3.17
CA ILE B 398 33.50 4.29 -3.85
C ILE B 398 34.15 3.90 -5.18
N ALA B 399 33.50 2.98 -5.88
CA ALA B 399 34.01 2.52 -7.16
C ALA B 399 32.83 2.08 -8.01
N PHE B 400 32.94 2.28 -9.31
CA PHE B 400 31.94 1.81 -10.24
C PHE B 400 32.23 0.37 -10.61
N ASN B 401 31.23 -0.31 -11.14
CA ASN B 401 31.36 -1.73 -11.34
C ASN B 401 31.97 -2.06 -12.73
N ILE C 16 -25.97 26.03 22.28
CA ILE C 16 -25.68 27.33 22.91
C ILE C 16 -24.16 27.75 22.91
N PRO C 17 -23.78 28.82 22.18
CA PRO C 17 -22.38 29.01 21.75
C PRO C 17 -21.45 29.55 22.84
N MET C 18 -20.15 29.37 22.63
CA MET C 18 -19.20 29.76 23.68
C MET C 18 -19.00 31.28 23.67
N GLN C 19 -18.56 31.80 24.83
CA GLN C 19 -18.55 33.25 25.07
C GLN C 19 -17.71 33.97 24.04
N GLU C 20 -16.66 33.30 23.55
CA GLU C 20 -15.72 33.95 22.67
C GLU C 20 -16.36 34.24 21.33
N ILE C 21 -17.39 33.48 20.98
CA ILE C 21 -18.14 33.65 19.74
C ILE C 21 -19.22 34.70 20.01
N LYS C 22 -18.96 35.94 19.58
CA LYS C 22 -19.81 37.06 19.94
C LYS C 22 -20.69 37.43 18.75
N SER C 23 -20.08 37.80 17.63
CA SER C 23 -20.84 38.25 16.48
C SER C 23 -21.27 37.07 15.61
N VAL C 24 -22.23 37.38 14.72
CA VAL C 24 -22.66 36.46 13.67
C VAL C 24 -21.51 36.19 12.71
N GLU C 25 -20.71 37.22 12.47
CA GLU C 25 -19.54 37.15 11.61
C GLU C 25 -18.46 36.25 12.20
N GLN C 26 -18.46 36.09 13.54
CA GLN C 26 -17.66 35.08 14.22
C GLN C 26 -18.28 33.69 14.13
N GLN C 27 -19.61 33.56 14.29
CA GLN C 27 -20.23 32.27 14.03
C GLN C 27 -19.89 31.81 12.62
N LEU C 28 -19.78 32.73 11.67
CA LEU C 28 -19.53 32.38 10.29
C LEU C 28 -18.07 32.12 10.01
N TYR C 29 -17.19 32.51 10.91
CA TYR C 29 -15.76 32.17 10.82
C TYR C 29 -15.17 32.17 12.21
N PRO C 30 -15.39 31.11 12.97
CA PRO C 30 -14.87 31.04 14.34
C PRO C 30 -13.46 30.48 14.48
N PHE C 31 -12.77 30.23 13.38
CA PHE C 31 -11.50 29.54 13.43
C PHE C 31 -10.38 30.38 14.05
N ASP C 32 -10.34 31.68 13.80
CA ASP C 32 -9.35 32.49 14.50
C ASP C 32 -9.62 32.54 15.99
N ILE C 33 -10.88 32.56 16.41
CA ILE C 33 -11.18 32.40 17.84
C ILE C 33 -10.66 31.04 18.34
N TYR C 34 -10.98 29.94 17.65
CA TYR C 34 -10.54 28.62 18.13
C TYR C 34 -9.02 28.51 18.14
N ASN C 35 -8.37 29.08 17.11
CA ASN C 35 -6.91 29.07 17.05
C ASN C 35 -6.32 29.83 18.24
N SER C 36 -6.81 31.04 18.50
CA SER C 36 -6.35 31.78 19.67
C SER C 36 -6.44 30.88 20.90
N LEU C 37 -7.64 30.34 21.14
CA LEU C 37 -7.88 29.50 22.30
C LEU C 37 -6.95 28.30 22.34
N ARG C 38 -6.67 27.70 21.19
CA ARG C 38 -5.84 26.50 21.20
C ARG C 38 -4.46 26.81 21.75
N GLN C 39 -3.91 27.96 21.41
CA GLN C 39 -2.57 28.31 21.87
C GLN C 39 -2.59 28.65 23.35
N GLU C 40 -3.56 29.45 23.78
CA GLU C 40 -3.68 29.82 25.18
C GLU C 40 -3.86 28.56 26.01
N ALA C 41 -5.00 27.88 25.88
CA ALA C 41 -5.28 26.65 26.63
C ALA C 41 -5.82 25.60 25.67
N PRO C 42 -4.97 24.66 25.22
CA PRO C 42 -5.46 23.54 24.39
C PRO C 42 -6.63 22.83 25.02
N ILE C 43 -6.73 22.89 26.33
CA ILE C 43 -7.82 22.31 27.09
C ILE C 43 -8.21 23.33 28.15
N ARG C 44 -9.51 23.43 28.43
CA ARG C 44 -9.98 24.45 29.35
C ARG C 44 -11.38 24.04 29.80
N TYR C 45 -11.77 24.51 30.98
CA TYR C 45 -13.12 24.34 31.45
C TYR C 45 -13.87 25.66 31.16
N ASP C 46 -15.03 25.56 30.49
CA ASP C 46 -15.89 26.72 30.22
C ASP C 46 -16.95 26.69 31.30
N GLU C 47 -16.80 27.58 32.28
CA GLU C 47 -17.74 27.66 33.39
C GLU C 47 -19.17 27.92 32.92
N SER C 48 -19.36 28.81 31.95
CA SER C 48 -20.71 29.12 31.45
C SER C 48 -21.36 27.89 30.82
N ARG C 49 -20.65 27.22 29.91
CA ARG C 49 -21.22 26.06 29.21
C ARG C 49 -21.02 24.73 29.95
N ASN C 50 -20.27 24.70 31.06
CA ASN C 50 -20.29 23.53 31.96
C ASN C 50 -19.67 22.30 31.32
N CYS C 51 -18.49 22.49 30.76
CA CYS C 51 -17.90 21.46 29.93
C CYS C 51 -16.42 21.78 29.75
N TRP C 52 -15.66 20.75 29.41
CA TRP C 52 -14.29 20.92 28.96
C TRP C 52 -14.25 21.08 27.45
N ASP C 53 -13.49 22.04 26.97
CA ASP C 53 -13.20 22.16 25.55
C ASP C 53 -11.80 21.61 25.30
N VAL C 54 -11.64 20.80 24.25
CA VAL C 54 -10.34 20.33 23.76
C VAL C 54 -10.12 20.88 22.35
N PHE C 55 -8.99 21.57 22.16
CA PHE C 55 -8.66 22.28 20.95
C PHE C 55 -7.52 21.68 20.16
N ASP C 56 -6.61 20.95 20.80
CA ASP C 56 -5.42 20.50 20.11
C ASP C 56 -5.72 19.17 19.44
N TYR C 57 -5.04 18.95 18.32
CA TYR C 57 -5.32 17.78 17.52
C TYR C 57 -5.02 16.52 18.31
N GLU C 58 -3.85 16.47 18.94
CA GLU C 58 -3.43 15.25 19.61
C GLU C 58 -4.42 14.84 20.68
N THR C 59 -4.99 15.80 21.41
CA THR C 59 -5.84 15.43 22.53
C THR C 59 -7.24 15.09 22.06
N VAL C 60 -7.73 15.78 21.03
CA VAL C 60 -8.97 15.36 20.39
C VAL C 60 -8.86 13.94 19.91
N LYS C 61 -7.84 13.67 19.12
CA LYS C 61 -7.60 12.32 18.65
C LYS C 61 -7.51 11.33 19.83
N TYR C 62 -6.82 11.70 20.90
CA TYR C 62 -6.64 10.79 22.03
C TYR C 62 -7.98 10.45 22.70
N ILE C 63 -8.85 11.46 22.86
CA ILE C 63 -10.21 11.29 23.39
C ILE C 63 -11.01 10.29 22.58
N LEU C 64 -11.17 10.58 21.27
CA LEU C 64 -12.06 9.79 20.44
C LEU C 64 -11.58 8.37 20.39
N LYS C 65 -10.27 8.21 20.48
CA LYS C 65 -9.58 6.96 20.48
C LYS C 65 -9.88 6.12 21.70
N ASN C 66 -10.26 6.73 22.81
CA ASN C 66 -10.48 5.97 24.03
C ASN C 66 -11.94 5.98 24.40
N PRO C 67 -12.80 5.25 23.67
CA PRO C 67 -14.21 5.17 24.07
C PRO C 67 -14.43 4.63 25.47
N SER C 68 -13.50 3.80 26.01
CA SER C 68 -13.56 3.39 27.41
C SER C 68 -13.37 4.56 28.37
N LEU C 69 -12.48 5.49 28.03
CA LEU C 69 -12.33 6.64 28.89
C LEU C 69 -13.41 7.66 28.61
N PHE C 70 -13.77 7.84 27.34
CA PHE C 70 -14.66 8.91 26.92
C PHE C 70 -15.79 8.33 26.10
N SER C 71 -16.95 8.36 26.71
CA SER C 71 -18.11 7.60 26.30
C SER C 71 -18.97 8.42 25.37
N SER C 72 -19.65 7.74 24.45
CA SER C 72 -20.64 8.40 23.62
C SER C 72 -22.04 8.26 24.17
N LYS C 73 -22.21 7.55 25.29
CA LYS C 73 -23.53 7.33 25.86
C LYS C 73 -24.14 8.66 26.31
N ARG C 74 -25.47 8.69 26.36
CA ARG C 74 -26.21 9.87 26.81
C ARG C 74 -27.36 9.43 27.71
N ALA C 75 -27.77 10.31 28.60
CA ALA C 75 -28.85 10.03 29.54
C ALA C 75 -30.10 9.50 28.82
N MET C 76 -30.75 8.52 29.46
CA MET C 76 -31.90 7.85 28.84
C MET C 76 -33.09 8.79 28.56
N GLU C 77 -33.13 9.99 29.17
CA GLU C 77 -34.20 10.94 28.85
C GLU C 77 -34.06 11.49 27.43
N GLU C 78 -32.84 11.79 27.00
CA GLU C 78 -32.56 12.21 25.63
C GLU C 78 -32.69 11.01 24.67
N ARG C 79 -32.97 11.30 23.40
CA ARG C 79 -33.25 10.24 22.43
C ARG C 79 -31.98 9.48 22.06
N GLN C 80 -32.06 8.12 22.08
CA GLN C 80 -30.91 7.26 21.73
C GLN C 80 -30.91 7.04 20.22
N GLU C 81 -30.10 7.84 19.50
CA GLU C 81 -29.91 7.76 18.05
C GLU C 81 -28.95 6.61 17.78
N SER C 82 -29.45 5.39 17.97
CA SER C 82 -28.77 4.15 17.55
C SER C 82 -27.32 4.17 18.01
N ILE C 83 -26.37 3.83 17.14
CA ILE C 83 -25.02 3.48 17.53
C ILE C 83 -24.21 4.70 17.98
N LEU C 84 -24.59 5.88 17.52
CA LEU C 84 -23.86 7.10 17.84
C LEU C 84 -23.75 7.30 19.33
N MET C 85 -24.69 6.77 20.08
CA MET C 85 -24.78 6.97 21.52
C MET C 85 -24.65 5.63 22.24
N MET C 86 -23.90 4.71 21.64
CA MET C 86 -23.62 3.42 22.22
C MET C 86 -22.14 3.25 22.49
N ASP C 87 -21.83 2.44 23.47
CA ASP C 87 -20.44 2.12 23.68
C ASP C 87 -20.19 0.66 23.41
N PRO C 88 -18.92 0.29 23.23
CA PRO C 88 -18.67 -1.12 23.16
C PRO C 88 -19.06 -1.77 24.49
N PRO C 89 -19.46 -3.05 24.45
CA PRO C 89 -19.56 -3.86 23.25
C PRO C 89 -20.89 -3.66 22.45
N LYS C 90 -21.86 -2.96 23.02
CA LYS C 90 -23.15 -2.81 22.35
C LYS C 90 -22.97 -2.16 20.98
N HIS C 91 -22.14 -1.12 20.92
CA HIS C 91 -21.82 -0.45 19.67
C HIS C 91 -21.20 -1.41 18.66
N THR C 92 -20.36 -2.31 19.12
CA THR C 92 -19.67 -3.18 18.17
C THR C 92 -20.63 -4.14 17.49
N LYS C 93 -21.61 -4.63 18.24
CA LYS C 93 -22.53 -5.59 17.66
C LYS C 93 -23.27 -4.97 16.50
N LEU C 94 -23.79 -3.77 16.73
CA LEU C 94 -24.59 -3.10 15.72
C LEU C 94 -23.74 -2.58 14.57
N ARG C 95 -22.63 -1.89 14.86
CA ARG C 95 -21.71 -1.44 13.82
C ARG C 95 -21.21 -2.61 12.98
N ASN C 96 -20.89 -3.72 13.61
CA ASN C 96 -20.39 -4.85 12.83
C ASN C 96 -21.40 -5.34 11.80
N LEU C 97 -22.68 -5.24 12.13
CA LEU C 97 -23.73 -5.70 11.25
C LEU C 97 -23.96 -4.73 10.10
N VAL C 98 -23.82 -3.41 10.31
CA VAL C 98 -24.08 -2.44 9.25
C VAL C 98 -22.88 -2.06 8.41
N ASN C 99 -21.66 -2.43 8.83
CA ASN C 99 -20.45 -2.00 8.14
C ASN C 99 -20.53 -2.20 6.65
N LYS C 100 -20.70 -3.47 6.23
CA LYS C 100 -20.53 -3.85 4.84
C LYS C 100 -21.33 -2.95 3.92
N ALA C 101 -22.40 -2.34 4.45
CA ALA C 101 -23.32 -1.54 3.65
C ALA C 101 -22.73 -0.21 3.24
N PHE C 102 -21.66 0.26 3.89
CA PHE C 102 -21.24 1.64 3.73
C PHE C 102 -19.84 1.82 3.13
N THR C 103 -19.14 0.71 2.86
CA THR C 103 -17.90 0.76 2.11
C THR C 103 -18.08 1.48 0.78
N PRO C 104 -17.04 2.14 0.27
CA PRO C 104 -17.15 2.74 -1.06
C PRO C 104 -17.64 1.73 -2.09
N ARG C 105 -17.18 0.49 -1.99
CA ARG C 105 -17.54 -0.57 -2.92
C ARG C 105 -19.02 -0.96 -2.80
N ALA C 106 -19.55 -1.00 -1.57
CA ALA C 106 -20.97 -1.27 -1.31
C ALA C 106 -21.88 -0.20 -1.90
N ILE C 107 -21.47 1.08 -1.83
CA ILE C 107 -22.32 2.18 -2.28
C ILE C 107 -21.99 2.64 -3.70
N GLN C 108 -20.93 2.10 -4.33
CA GLN C 108 -20.48 2.56 -5.63
C GLN C 108 -21.60 2.69 -6.65
N HIS C 109 -22.49 1.69 -6.69
CA HIS C 109 -23.62 1.65 -7.63
C HIS C 109 -24.47 2.93 -7.60
N LEU C 110 -24.34 3.75 -6.57
CA LEU C 110 -25.12 4.98 -6.49
C LEU C 110 -24.57 6.09 -7.36
N GLU C 111 -23.33 6.04 -7.83
CA GLU C 111 -22.76 7.15 -8.60
C GLU C 111 -23.76 7.67 -9.62
N GLY C 112 -24.21 6.80 -10.53
CA GLY C 112 -25.09 7.24 -11.59
C GLY C 112 -26.37 7.86 -11.07
N HIS C 113 -27.01 7.21 -10.10
CA HIS C 113 -28.21 7.81 -9.58
C HIS C 113 -27.94 9.19 -8.97
N ILE C 114 -26.75 9.37 -8.42
CA ILE C 114 -26.39 10.62 -7.76
C ILE C 114 -26.09 11.69 -8.80
N GLU C 115 -25.35 11.32 -9.87
CA GLU C 115 -25.08 12.27 -10.96
C GLU C 115 -26.38 12.77 -11.55
N GLU C 116 -27.33 11.86 -11.74
CA GLU C 116 -28.60 12.21 -12.32
C GLU C 116 -29.33 13.23 -11.47
N ILE C 117 -29.32 13.03 -10.15
CA ILE C 117 -29.99 13.95 -9.22
C ILE C 117 -29.30 15.32 -9.24
N ALA C 118 -27.96 15.33 -9.22
CA ALA C 118 -27.25 16.61 -9.26
C ALA C 118 -27.58 17.35 -10.55
N ASP C 119 -27.59 16.63 -11.68
CA ASP C 119 -28.01 17.21 -12.95
C ASP C 119 -29.41 17.81 -12.85
N TYR C 120 -30.37 17.05 -12.33
CA TYR C 120 -31.74 17.53 -12.29
C TYR C 120 -31.84 18.83 -11.49
N LEU C 121 -31.21 18.89 -10.32
CA LEU C 121 -31.36 20.06 -9.46
C LEU C 121 -30.76 21.30 -10.10
N LEU C 122 -29.66 21.13 -10.84
CA LEU C 122 -29.01 22.24 -11.51
C LEU C 122 -29.79 22.76 -12.72
N ASP C 123 -30.50 21.87 -13.45
CA ASP C 123 -31.33 22.34 -14.58
C ASP C 123 -32.53 23.16 -14.08
N GLU C 124 -33.01 22.88 -12.87
CA GLU C 124 -34.11 23.63 -12.28
C GLU C 124 -33.72 25.02 -11.89
N VAL C 125 -32.49 25.44 -12.17
CA VAL C 125 -32.01 26.79 -11.85
C VAL C 125 -31.18 27.32 -13.00
N SER C 126 -31.48 26.86 -14.22
CA SER C 126 -30.78 27.32 -15.42
C SER C 126 -31.22 28.74 -15.72
N SER C 127 -32.51 28.87 -16.10
CA SER C 127 -33.15 30.16 -16.38
C SER C 127 -33.28 31.04 -15.12
N LYS C 128 -32.98 30.52 -13.92
CA LYS C 128 -32.84 31.36 -12.72
C LYS C 128 -31.48 32.04 -12.75
N GLU C 129 -31.44 33.34 -12.45
CA GLU C 129 -30.17 34.05 -12.44
C GLU C 129 -29.48 34.02 -11.08
N LYS C 130 -30.17 33.54 -10.04
CA LYS C 130 -29.51 33.24 -8.78
C LYS C 130 -30.35 32.22 -8.03
N PHE C 131 -29.71 31.48 -7.14
CA PHE C 131 -30.39 30.38 -6.45
C PHE C 131 -29.68 30.02 -5.15
N ASP C 132 -30.45 29.48 -4.20
CA ASP C 132 -29.90 29.10 -2.90
C ASP C 132 -29.31 27.72 -3.02
N ILE C 133 -27.98 27.61 -2.90
CA ILE C 133 -27.36 26.30 -3.08
C ILE C 133 -27.80 25.35 -1.97
N VAL C 134 -28.34 25.87 -0.85
CA VAL C 134 -28.92 25.05 0.22
C VAL C 134 -30.27 24.50 -0.22
N GLU C 135 -31.24 25.39 -0.47
CA GLU C 135 -32.60 24.94 -0.75
C GLU C 135 -32.75 24.28 -2.11
N ASP C 136 -31.96 24.70 -3.08
CA ASP C 136 -32.18 24.25 -4.46
C ASP C 136 -31.32 23.06 -4.87
N PHE C 137 -30.19 22.85 -4.18
CA PHE C 137 -29.19 21.85 -4.55
C PHE C 137 -28.67 21.01 -3.36
N ALA C 138 -27.94 21.63 -2.44
CA ALA C 138 -27.26 20.85 -1.42
C ALA C 138 -28.21 20.27 -0.38
N GLY C 139 -29.33 20.92 -0.13
CA GLY C 139 -30.27 20.44 0.84
C GLY C 139 -30.98 19.23 0.29
N PRO C 140 -31.52 19.32 -0.92
CA PRO C 140 -32.22 18.16 -1.46
C PRO C 140 -31.34 16.97 -1.81
N LEU C 141 -30.17 17.19 -2.37
CA LEU C 141 -29.38 16.06 -2.85
C LEU C 141 -29.19 14.98 -1.79
N PRO C 142 -28.70 15.27 -0.59
CA PRO C 142 -28.54 14.18 0.39
C PRO C 142 -29.82 13.44 0.69
N ILE C 143 -30.94 14.15 0.76
CA ILE C 143 -32.25 13.54 1.05
C ILE C 143 -32.65 12.57 -0.07
N ILE C 144 -32.56 13.02 -1.32
CA ILE C 144 -32.95 12.15 -2.44
C ILE C 144 -32.03 10.93 -2.53
N VAL C 145 -30.74 11.14 -2.27
CA VAL C 145 -29.78 10.03 -2.43
C VAL C 145 -30.03 8.98 -1.38
N ILE C 146 -30.19 9.38 -0.12
CA ILE C 146 -30.35 8.38 0.90
C ILE C 146 -31.70 7.70 0.77
N ALA C 147 -32.65 8.36 0.11
CA ALA C 147 -33.94 7.74 -0.10
C ALA C 147 -33.84 6.57 -1.06
N GLU C 148 -33.11 6.75 -2.17
CA GLU C 148 -32.82 5.66 -3.09
C GLU C 148 -32.05 4.55 -2.38
N LEU C 149 -31.04 4.92 -1.60
CA LEU C 149 -30.29 3.98 -0.79
C LEU C 149 -31.21 3.20 0.13
N LEU C 150 -32.07 3.90 0.87
CA LEU C 150 -32.90 3.22 1.84
C LEU C 150 -33.99 2.36 1.16
N GLY C 151 -34.43 2.75 -0.03
CA GLY C 151 -35.51 2.10 -0.71
C GLY C 151 -36.86 2.77 -0.57
N VAL C 152 -36.89 4.08 -0.38
CA VAL C 152 -38.12 4.86 -0.32
C VAL C 152 -38.69 4.85 -1.72
N PRO C 153 -39.93 4.40 -1.95
CA PRO C 153 -40.47 4.51 -3.30
C PRO C 153 -40.57 5.96 -3.74
N ILE C 154 -40.42 6.15 -5.04
CA ILE C 154 -40.40 7.44 -5.68
C ILE C 154 -41.65 8.27 -5.36
N GLN C 155 -42.79 7.60 -5.18
CA GLN C 155 -44.03 8.32 -4.91
C GLN C 155 -44.13 8.79 -3.48
N ASP C 156 -43.16 8.42 -2.64
CA ASP C 156 -43.12 8.86 -1.26
C ASP C 156 -42.00 9.88 -1.06
N ARG C 157 -41.21 10.20 -2.10
CA ARG C 157 -40.10 11.14 -1.93
C ARG C 157 -40.59 12.47 -1.41
N ALA C 158 -41.74 12.92 -1.92
CA ALA C 158 -42.33 14.16 -1.43
C ALA C 158 -42.50 14.12 0.10
N LEU C 159 -43.27 13.16 0.61
CA LEU C 159 -43.48 13.05 2.04
C LEU C 159 -42.16 12.84 2.77
N PHE C 160 -41.33 11.97 2.22
CA PHE C 160 -40.06 11.68 2.86
C PHE C 160 -39.23 12.96 2.99
N LYS C 161 -39.06 13.71 1.90
CA LYS C 161 -38.26 14.93 2.01
C LYS C 161 -38.94 15.94 2.93
N LYS C 162 -40.27 16.08 2.84
CA LYS C 162 -40.98 17.04 3.67
C LYS C 162 -40.57 16.86 5.14
N TYR C 163 -40.66 15.63 5.63
CA TYR C 163 -40.34 15.36 7.02
C TYR C 163 -38.85 15.23 7.29
N SER C 164 -38.02 14.95 6.28
CA SER C 164 -36.57 15.05 6.48
C SER C 164 -36.16 16.49 6.66
N ASP C 165 -36.67 17.38 5.79
CA ASP C 165 -36.50 18.81 5.96
C ASP C 165 -36.88 19.23 7.36
N ASP C 166 -38.09 18.83 7.78
CA ASP C 166 -38.56 19.08 9.14
C ASP C 166 -37.60 18.54 10.22
N LEU C 167 -36.93 17.42 9.97
CA LEU C 167 -36.07 16.86 11.01
C LEU C 167 -35.07 17.86 11.56
N VAL C 168 -34.60 18.79 10.74
CA VAL C 168 -33.50 19.69 11.06
C VAL C 168 -33.95 21.11 10.79
N SER C 169 -35.25 21.36 10.92
CA SER C 169 -35.81 22.63 10.47
C SER C 169 -35.15 23.77 11.22
N GLY C 170 -35.23 24.95 10.64
CA GLY C 170 -34.57 26.03 11.33
C GLY C 170 -35.38 26.44 12.53
N ALA C 171 -35.28 27.72 12.87
CA ALA C 171 -36.04 28.37 13.90
C ALA C 171 -36.42 29.66 13.21
N GLU C 172 -37.15 30.54 13.89
CA GLU C 172 -37.63 31.75 13.21
C GLU C 172 -37.17 33.02 13.92
N ASN C 173 -37.75 33.40 15.07
CA ASN C 173 -36.99 34.22 16.02
C ASN C 173 -36.18 33.30 16.93
N ASN C 174 -35.29 33.90 17.74
CA ASN C 174 -34.49 33.12 18.69
C ASN C 174 -35.11 33.12 20.12
N SER C 175 -36.45 33.26 20.19
CA SER C 175 -37.25 33.30 21.41
C SER C 175 -37.43 31.94 22.07
N ASP C 176 -38.37 31.91 23.04
CA ASP C 176 -38.88 30.68 23.63
C ASP C 176 -39.97 30.04 22.75
N GLU C 177 -40.66 30.87 21.94
CA GLU C 177 -41.87 30.48 21.22
C GLU C 177 -41.61 29.93 19.81
N ALA C 178 -40.79 30.61 18.99
CA ALA C 178 -40.45 30.04 17.68
C ALA C 178 -39.37 28.96 17.77
N PHE C 179 -38.63 28.95 18.89
CA PHE C 179 -37.86 27.77 19.27
C PHE C 179 -38.77 26.61 19.57
N ALA C 180 -39.99 26.90 20.03
CA ALA C 180 -40.94 25.82 20.28
C ALA C 180 -41.64 25.37 19.01
N LYS C 181 -42.01 26.30 18.12
CA LYS C 181 -42.51 25.88 16.82
C LYS C 181 -41.53 24.96 16.10
N MET C 182 -40.22 25.27 16.20
CA MET C 182 -39.20 24.47 15.56
C MET C 182 -39.14 23.07 16.14
N MET C 183 -38.96 22.97 17.46
CA MET C 183 -38.80 21.69 18.12
C MET C 183 -40.05 20.84 17.95
N GLN C 184 -41.19 21.46 17.70
CA GLN C 184 -42.39 20.71 17.39
C GLN C 184 -42.26 20.02 16.03
N LYS C 185 -41.87 20.78 14.99
CA LYS C 185 -41.71 20.19 13.67
C LYS C 185 -40.69 19.07 13.69
N ARG C 186 -39.58 19.27 14.39
CA ARG C 186 -38.57 18.23 14.40
C ARG C 186 -39.17 16.97 14.99
N ASN C 187 -39.64 17.09 16.24
CA ASN C 187 -40.26 15.96 16.90
C ASN C 187 -41.37 15.39 16.04
N GLU C 188 -42.13 16.26 15.41
CA GLU C 188 -43.17 15.82 14.49
C GLU C 188 -42.58 15.02 13.33
N GLY C 189 -41.44 15.44 12.79
CA GLY C 189 -40.80 14.71 11.69
C GLY C 189 -40.21 13.37 12.11
N VAL C 190 -39.63 13.29 13.30
CA VAL C 190 -39.13 11.99 13.78
C VAL C 190 -40.29 11.03 13.92
N ILE C 191 -41.42 11.51 14.43
CA ILE C 191 -42.58 10.64 14.62
C ILE C 191 -43.00 10.09 13.27
N PHE C 192 -43.15 10.97 12.29
CA PHE C 192 -43.50 10.50 10.96
C PHE C 192 -42.48 9.48 10.47
N LEU C 193 -41.20 9.85 10.50
CA LEU C 193 -40.19 8.99 9.89
C LEU C 193 -40.13 7.64 10.59
N GLN C 194 -40.33 7.62 11.90
CA GLN C 194 -40.45 6.32 12.57
C GLN C 194 -41.61 5.54 11.99
N GLY C 195 -42.79 6.17 11.93
CA GLY C 195 -43.92 5.48 11.35
C GLY C 195 -43.66 5.06 9.92
N TYR C 196 -43.09 5.94 9.12
CA TYR C 196 -42.88 5.62 7.73
C TYR C 196 -41.96 4.41 7.57
N PHE C 197 -40.82 4.42 8.31
CA PHE C 197 -39.83 3.34 8.15
C PHE C 197 -40.31 2.03 8.74
N LYS C 198 -40.91 2.07 9.93
CA LYS C 198 -41.52 0.87 10.49
C LYS C 198 -42.30 0.15 9.42
N GLU C 199 -43.11 0.92 8.66
CA GLU C 199 -43.93 0.40 7.57
C GLU C 199 -43.07 -0.17 6.46
N ILE C 200 -41.99 0.53 6.10
CA ILE C 200 -41.13 0.03 5.03
C ILE C 200 -40.31 -1.17 5.52
N ILE C 201 -39.85 -1.13 6.78
CA ILE C 201 -39.09 -2.26 7.34
C ILE C 201 -39.91 -3.53 7.22
N ALA C 202 -41.17 -3.47 7.63
CA ALA C 202 -42.02 -4.65 7.64
C ALA C 202 -42.31 -5.15 6.22
N GLU C 203 -42.70 -4.26 5.30
CA GLU C 203 -42.85 -4.68 3.91
C GLU C 203 -41.63 -5.48 3.47
N ARG C 204 -40.42 -5.00 3.81
CA ARG C 204 -39.17 -5.62 3.37
C ARG C 204 -38.80 -6.84 4.19
N GLN C 205 -39.26 -6.92 5.45
CA GLN C 205 -39.04 -8.13 6.25
C GLN C 205 -39.65 -9.34 5.53
N GLN C 206 -40.92 -9.23 5.10
CA GLN C 206 -41.58 -10.34 4.43
C GLN C 206 -41.56 -10.17 2.93
N ASN C 207 -40.68 -9.29 2.42
CA ASN C 207 -40.36 -9.21 1.00
C ASN C 207 -39.16 -8.30 0.74
N LYS C 208 -38.02 -8.91 0.40
CA LYS C 208 -36.80 -8.17 0.17
C LYS C 208 -36.79 -7.53 -1.22
N GLN C 209 -36.10 -6.38 -1.29
CA GLN C 209 -35.84 -5.65 -2.51
C GLN C 209 -34.37 -5.26 -2.46
N GLU C 210 -33.82 -4.74 -3.56
CA GLU C 210 -32.37 -4.48 -3.63
C GLU C 210 -32.03 -3.08 -3.10
N ASP C 211 -32.26 -2.90 -1.79
CA ASP C 211 -32.07 -1.61 -1.15
C ASP C 211 -31.48 -1.80 0.24
N LEU C 212 -31.17 -0.69 0.91
CA LEU C 212 -30.40 -0.79 2.15
C LEU C 212 -31.21 -1.38 3.29
N ILE C 213 -32.48 -0.98 3.43
CA ILE C 213 -33.33 -1.57 4.45
C ILE C 213 -33.25 -3.09 4.42
N SER C 214 -33.34 -3.67 3.23
CA SER C 214 -33.34 -5.12 3.11
C SER C 214 -32.01 -5.70 3.54
N LEU C 215 -30.93 -5.14 3.05
CA LEU C 215 -29.61 -5.65 3.40
C LEU C 215 -29.41 -5.67 4.90
N LEU C 216 -29.93 -4.66 5.58
CA LEU C 216 -29.79 -4.56 7.02
C LEU C 216 -30.63 -5.62 7.72
N LEU C 217 -31.84 -5.89 7.20
CA LEU C 217 -32.66 -6.95 7.81
C LEU C 217 -32.01 -8.31 7.64
N GLU C 218 -31.26 -8.50 6.57
CA GLU C 218 -30.57 -9.75 6.35
C GLU C 218 -29.20 -9.83 7.04
N ALA C 219 -28.65 -8.71 7.49
CA ALA C 219 -27.28 -8.75 7.99
C ALA C 219 -27.17 -9.79 9.10
N GLU C 220 -26.09 -10.57 9.07
CA GLU C 220 -25.88 -11.60 10.09
C GLU C 220 -24.42 -11.78 10.43
N ILE C 221 -24.11 -11.83 11.72
CA ILE C 221 -22.82 -12.28 12.23
C ILE C 221 -23.06 -13.17 13.45
N ASP C 222 -22.37 -14.31 13.50
CA ASP C 222 -22.67 -15.35 14.51
C ASP C 222 -24.16 -15.62 14.59
N GLY C 223 -24.83 -15.66 13.44
CA GLY C 223 -26.25 -15.93 13.53
C GLY C 223 -27.10 -14.83 14.15
N GLU C 224 -26.52 -13.74 14.65
CA GLU C 224 -27.33 -12.65 15.18
C GLU C 224 -27.76 -11.74 14.05
N HIS C 225 -29.00 -11.26 14.14
CA HIS C 225 -29.56 -10.26 13.25
C HIS C 225 -29.86 -8.98 14.03
N LEU C 226 -30.05 -7.91 13.26
CA LEU C 226 -30.63 -6.71 13.81
C LEU C 226 -32.15 -6.86 13.97
N THR C 227 -32.68 -6.24 15.01
CA THR C 227 -34.12 -6.18 15.18
C THR C 227 -34.70 -5.09 14.32
N GLU C 228 -35.97 -5.25 13.96
CA GLU C 228 -36.64 -4.23 13.19
C GLU C 228 -36.57 -2.90 13.92
N GLU C 229 -36.64 -2.91 15.25
CA GLU C 229 -36.51 -1.66 15.99
C GLU C 229 -35.09 -1.14 15.88
N GLU C 230 -34.10 -2.02 15.89
CA GLU C 230 -32.73 -1.57 15.69
C GLU C 230 -32.55 -1.01 14.29
N VAL C 231 -33.09 -1.69 13.27
CA VAL C 231 -32.99 -1.15 11.90
C VAL C 231 -33.68 0.20 11.81
N LEU C 232 -34.88 0.30 12.33
CA LEU C 232 -35.60 1.56 12.36
C LEU C 232 -34.74 2.68 12.92
N GLY C 233 -34.17 2.45 14.10
CA GLY C 233 -33.37 3.48 14.74
C GLY C 233 -32.13 3.84 13.94
N PHE C 234 -31.54 2.86 13.29
CA PHE C 234 -30.37 3.14 12.48
C PHE C 234 -30.75 3.98 11.27
N CYS C 235 -31.94 3.74 10.72
CA CYS C 235 -32.43 4.55 9.59
C CYS C 235 -32.69 6.00 10.00
N ILE C 236 -33.18 6.24 11.21
CA ILE C 236 -33.37 7.61 11.67
C ILE C 236 -32.02 8.30 11.84
N LEU C 237 -31.01 7.55 12.34
CA LEU C 237 -29.65 8.05 12.49
C LEU C 237 -29.04 8.46 11.16
N LEU C 238 -29.18 7.61 10.14
CA LEU C 238 -28.68 7.98 8.83
C LEU C 238 -29.23 9.32 8.40
N LEU C 239 -30.47 9.63 8.78
CA LEU C 239 -31.04 10.87 8.33
C LEU C 239 -30.50 12.05 9.12
N VAL C 240 -30.47 11.94 10.44
CA VAL C 240 -29.99 13.02 11.30
C VAL C 240 -28.53 13.34 11.00
N ALA C 241 -27.68 12.32 10.91
CA ALA C 241 -26.26 12.52 10.71
C ALA C 241 -25.90 12.81 9.27
N GLY C 242 -26.71 12.36 8.33
CA GLY C 242 -26.24 12.29 6.97
C GLY C 242 -26.73 13.42 6.11
N ASN C 243 -27.88 13.99 6.45
CA ASN C 243 -28.44 14.95 5.52
C ASN C 243 -27.81 16.31 5.73
N GLU C 244 -28.00 16.89 6.92
CA GLU C 244 -27.56 18.27 7.09
C GLU C 244 -26.05 18.36 6.96
N THR C 245 -25.31 17.33 7.40
CA THR C 245 -23.86 17.35 7.32
C THR C 245 -23.38 17.36 5.88
N THR C 246 -23.84 16.40 5.08
CA THR C 246 -23.52 16.38 3.65
C THR C 246 -23.94 17.66 2.94
N THR C 247 -25.13 18.19 3.27
CA THR C 247 -25.60 19.48 2.78
C THR C 247 -24.66 20.62 3.15
N ASN C 248 -24.10 20.59 4.36
CA ASN C 248 -23.15 21.62 4.74
C ASN C 248 -21.83 21.43 4.00
N LEU C 249 -21.47 20.21 3.68
CA LEU C 249 -20.30 20.00 2.84
C LEU C 249 -20.44 20.75 1.52
N ILE C 250 -21.55 20.53 0.83
CA ILE C 250 -21.73 21.11 -0.49
C ILE C 250 -21.76 22.64 -0.39
N THR C 251 -22.55 23.15 0.55
CA THR C 251 -22.65 24.59 0.71
C THR C 251 -21.31 25.20 1.13
N ASN C 252 -20.71 24.65 2.19
CA ASN C 252 -19.43 25.14 2.68
C ASN C 252 -18.37 25.09 1.59
N GLY C 253 -18.34 24.03 0.80
CA GLY C 253 -17.41 24.01 -0.32
C GLY C 253 -17.74 25.08 -1.34
N VAL C 254 -19.01 25.15 -1.74
CA VAL C 254 -19.44 26.19 -2.69
C VAL C 254 -19.11 27.58 -2.14
N ARG C 255 -19.30 27.78 -0.83
CA ARG C 255 -18.91 29.03 -0.22
C ARG C 255 -17.42 29.28 -0.35
N TYR C 256 -16.58 28.35 0.09
CA TYR C 256 -15.15 28.61 -0.08
C TYR C 256 -14.85 28.88 -1.55
N MET C 257 -15.40 28.09 -2.45
CA MET C 257 -15.10 28.29 -3.86
C MET C 257 -15.61 29.63 -4.40
N THR C 258 -16.40 30.40 -3.65
CA THR C 258 -16.79 31.76 -4.06
C THR C 258 -16.05 32.85 -3.29
N GLU C 259 -15.49 32.52 -2.13
CA GLU C 259 -14.62 33.41 -1.36
C GLU C 259 -13.20 33.48 -1.92
N ASP C 260 -12.73 32.38 -2.51
CA ASP C 260 -11.41 32.23 -3.13
C ASP C 260 -11.71 31.57 -4.46
N VAL C 261 -11.92 32.38 -5.48
CA VAL C 261 -12.27 31.86 -6.80
C VAL C 261 -11.10 31.12 -7.46
N ASP C 262 -9.86 31.39 -7.09
CA ASP C 262 -8.77 30.66 -7.73
C ASP C 262 -9.01 29.17 -7.57
N VAL C 263 -9.38 28.77 -6.33
CA VAL C 263 -9.59 27.35 -6.03
C VAL C 263 -10.66 26.80 -6.93
N GLN C 264 -11.78 27.51 -7.02
CA GLN C 264 -12.85 27.08 -7.91
C GLN C 264 -12.30 26.84 -9.32
N ASN C 265 -11.50 27.78 -9.85
CA ASN C 265 -11.01 27.61 -11.22
C ASN C 265 -9.98 26.50 -11.33
N GLU C 266 -9.13 26.39 -10.31
CA GLU C 266 -8.11 25.35 -10.31
C GLU C 266 -8.76 23.98 -10.46
N VAL C 267 -9.83 23.72 -9.69
CA VAL C 267 -10.55 22.42 -9.67
C VAL C 267 -11.47 22.22 -10.89
N ARG C 268 -12.06 23.28 -11.44
CA ARG C 268 -12.85 23.12 -12.68
C ARG C 268 -11.98 22.55 -13.79
N ARG C 269 -10.79 23.16 -13.98
CA ARG C 269 -9.89 22.75 -15.05
C ARG C 269 -9.22 21.41 -14.74
N ASP C 270 -8.84 21.17 -13.48
CA ASP C 270 -8.28 19.87 -13.09
C ASP C 270 -9.31 19.15 -12.22
N ILE C 271 -10.27 18.51 -12.89
CA ILE C 271 -11.36 17.90 -12.16
C ILE C 271 -10.87 16.75 -11.29
N SER C 272 -9.71 16.18 -11.57
CA SER C 272 -9.19 15.12 -10.72
C SER C 272 -8.93 15.60 -9.31
N LEU C 273 -8.92 16.91 -9.09
CA LEU C 273 -8.73 17.50 -7.78
C LEU C 273 -9.97 17.51 -6.91
N VAL C 274 -11.14 17.14 -7.43
CA VAL C 274 -12.35 17.24 -6.63
C VAL C 274 -12.20 16.46 -5.33
N PRO C 275 -11.65 15.23 -5.31
CA PRO C 275 -11.45 14.57 -4.01
C PRO C 275 -10.65 15.41 -3.07
N ASN C 276 -9.65 16.16 -3.54
CA ASN C 276 -8.89 17.02 -2.62
C ASN C 276 -9.77 18.14 -2.10
N LEU C 277 -10.63 18.67 -2.96
CA LEU C 277 -11.53 19.73 -2.56
C LEU C 277 -12.48 19.28 -1.49
N VAL C 278 -12.99 18.08 -1.61
CA VAL C 278 -13.93 17.64 -0.60
C VAL C 278 -13.22 17.53 0.76
N GLU C 279 -12.01 16.97 0.77
CA GLU C 279 -11.30 16.78 2.01
C GLU C 279 -10.90 18.11 2.62
N GLU C 280 -10.53 19.09 1.79
CA GLU C 280 -10.14 20.40 2.31
C GLU C 280 -11.34 21.20 2.80
N THR C 281 -12.49 21.08 2.14
CA THR C 281 -13.71 21.65 2.71
C THR C 281 -13.97 21.00 4.05
N LEU C 282 -13.81 19.69 4.13
CA LEU C 282 -13.97 19.02 5.41
C LEU C 282 -13.02 19.56 6.48
N ARG C 283 -11.76 19.83 6.13
CA ARG C 283 -10.81 20.38 7.10
C ARG C 283 -11.11 21.84 7.40
N TYR C 284 -11.27 22.62 6.35
CA TYR C 284 -11.32 24.07 6.48
C TYR C 284 -12.68 24.55 6.95
N TYR C 285 -13.74 23.94 6.42
CA TYR C 285 -15.11 24.31 6.75
C TYR C 285 -15.88 23.11 7.26
N PRO C 286 -15.43 22.51 8.34
CA PRO C 286 -16.02 21.25 8.79
C PRO C 286 -17.51 21.38 9.07
N PRO C 287 -18.34 20.59 8.37
CA PRO C 287 -19.77 20.59 8.71
C PRO C 287 -20.01 20.34 10.18
N ILE C 288 -19.25 19.44 10.79
CA ILE C 288 -19.34 19.19 12.23
C ILE C 288 -18.10 19.80 12.86
N GLN C 289 -18.27 20.84 13.66
CA GLN C 289 -17.09 21.51 14.19
C GLN C 289 -16.73 21.03 15.59
N ALA C 290 -17.58 20.26 16.24
CA ALA C 290 -17.29 19.78 17.58
C ALA C 290 -17.90 18.40 17.76
N ILE C 291 -17.22 17.57 18.55
CA ILE C 291 -17.64 16.22 18.91
C ILE C 291 -17.71 16.17 20.43
N GLY C 292 -18.85 15.72 20.95
CA GLY C 292 -19.03 15.59 22.40
C GLY C 292 -18.75 14.20 22.93
N ARG C 293 -18.24 14.15 24.14
CA ARG C 293 -18.05 12.90 24.88
C ARG C 293 -18.40 13.14 26.33
N ILE C 294 -18.71 12.06 27.04
CA ILE C 294 -18.88 12.09 28.49
C ILE C 294 -17.71 11.33 29.09
N ALA C 295 -17.03 11.93 30.06
CA ALA C 295 -15.96 11.21 30.72
C ALA C 295 -16.55 10.05 31.52
N ALA C 296 -15.97 8.86 31.35
CA ALA C 296 -16.43 7.66 32.06
C ALA C 296 -15.63 7.34 33.33
N GLU C 297 -14.42 7.91 33.44
CA GLU C 297 -13.54 7.89 34.61
C GLU C 297 -13.05 9.31 34.82
N ASP C 298 -12.43 9.55 35.97
CA ASP C 298 -11.58 10.72 36.09
C ASP C 298 -10.39 10.54 35.18
N VAL C 299 -10.00 11.57 34.45
CA VAL C 299 -8.85 11.43 33.58
C VAL C 299 -8.08 12.73 33.53
N GLU C 300 -6.77 12.61 33.58
CA GLU C 300 -5.90 13.77 33.41
C GLU C 300 -5.59 13.87 31.93
N LEU C 301 -5.95 15.00 31.36
CA LEU C 301 -5.45 15.40 30.06
C LEU C 301 -4.46 16.52 30.31
N GLY C 302 -3.22 16.34 29.87
CA GLY C 302 -2.24 17.31 30.26
C GLY C 302 -2.36 17.54 31.77
N GLU C 303 -2.60 18.79 32.20
CA GLU C 303 -2.69 19.12 33.61
C GLU C 303 -4.12 19.31 34.09
N CYS C 304 -5.09 19.17 33.21
CA CYS C 304 -6.48 19.42 33.57
C CYS C 304 -7.11 18.14 34.06
N LYS C 305 -7.62 18.16 35.29
CA LYS C 305 -8.19 16.96 35.86
C LYS C 305 -9.64 16.86 35.39
N ILE C 306 -9.91 15.87 34.56
CA ILE C 306 -11.25 15.66 34.03
C ILE C 306 -11.97 14.73 35.00
N LYS C 307 -13.15 15.12 35.44
CA LYS C 307 -13.89 14.32 36.42
C LYS C 307 -15.01 13.49 35.79
N ARG C 308 -15.25 12.33 36.39
CA ARG C 308 -16.21 11.40 35.84
C ARG C 308 -17.57 12.07 35.82
N GLY C 309 -18.32 11.82 34.74
CA GLY C 309 -19.60 12.45 34.52
C GLY C 309 -19.57 13.78 33.77
N GLN C 310 -18.40 14.33 33.44
CA GLN C 310 -18.29 15.66 32.83
C GLN C 310 -18.25 15.61 31.32
N GLN C 311 -18.73 16.68 30.69
CA GLN C 311 -18.73 16.80 29.24
C GLN C 311 -17.39 17.21 28.65
N VAL C 312 -16.93 16.51 27.62
CA VAL C 312 -15.66 16.81 26.97
C VAL C 312 -15.91 17.02 25.47
N ILE C 313 -16.05 18.28 25.08
CA ILE C 313 -16.26 18.65 23.70
C ILE C 313 -14.90 18.77 23.03
N SER C 314 -14.69 17.96 21.98
CA SER C 314 -13.48 18.05 21.18
C SER C 314 -13.78 18.84 19.91
N TRP C 315 -13.01 19.90 19.64
CA TRP C 315 -13.34 20.84 18.57
C TRP C 315 -12.55 20.48 17.33
N ALA C 316 -13.19 19.80 16.40
CA ALA C 316 -12.54 19.45 15.15
C ALA C 316 -12.23 20.68 14.30
N ALA C 317 -12.96 21.79 14.47
CA ALA C 317 -12.63 22.98 13.68
C ALA C 317 -11.24 23.49 14.04
N SER C 318 -10.90 23.45 15.34
CA SER C 318 -9.56 23.80 15.83
C SER C 318 -8.55 22.72 15.49
N ALA C 319 -8.81 21.46 15.89
CA ALA C 319 -7.89 20.36 15.59
C ALA C 319 -7.54 20.31 14.11
N ASN C 320 -8.52 20.53 13.23
CA ASN C 320 -8.22 20.50 11.80
C ASN C 320 -7.27 21.59 11.37
N ARG C 321 -7.01 22.57 12.23
CA ARG C 321 -6.14 23.68 11.91
C ARG C 321 -4.93 23.69 12.81
N ASP C 322 -4.67 22.58 13.49
CA ASP C 322 -3.59 22.48 14.47
C ASP C 322 -2.26 22.64 13.74
N SER C 323 -1.52 23.67 14.12
CA SER C 323 -0.19 24.00 13.67
C SER C 323 0.62 22.68 13.52
N ALA C 324 0.41 21.77 14.48
CA ALA C 324 1.24 20.61 14.68
C ALA C 324 1.01 19.57 13.63
N LYS C 325 -0.11 19.62 12.97
CA LYS C 325 -0.48 18.51 12.12
C LYS C 325 -0.66 18.96 10.70
N PHE C 326 -1.06 20.20 10.51
CA PHE C 326 -1.25 20.76 9.19
C PHE C 326 -0.34 21.90 8.83
N GLU C 327 0.22 21.83 7.65
CA GLU C 327 1.10 22.85 7.15
C GLU C 327 0.24 23.86 6.45
N TRP C 328 0.15 25.09 6.93
CA TRP C 328 -0.71 26.15 6.35
C TRP C 328 -2.16 25.90 6.79
N PRO C 329 -2.34 25.71 8.08
CA PRO C 329 -3.63 25.37 8.65
C PRO C 329 -4.72 26.40 8.43
N ASP C 330 -4.40 27.59 7.98
CA ASP C 330 -5.45 28.56 7.78
C ASP C 330 -5.52 29.00 6.33
N THR C 331 -5.04 28.12 5.46
CA THR C 331 -5.09 28.32 4.02
C THR C 331 -5.78 27.12 3.41
N PHE C 332 -6.59 27.39 2.42
CA PHE C 332 -7.27 26.34 1.68
C PHE C 332 -6.33 25.90 0.58
N VAL C 333 -5.84 24.67 0.67
CA VAL C 333 -4.92 24.12 -0.31
C VAL C 333 -5.56 22.89 -0.92
N VAL C 334 -5.64 22.85 -2.24
CA VAL C 334 -6.20 21.69 -2.88
C VAL C 334 -5.13 20.74 -3.40
N HIS C 335 -3.87 20.94 -3.05
CA HIS C 335 -2.81 20.07 -3.55
C HIS C 335 -2.13 19.37 -2.39
N ARG C 336 -2.86 19.27 -1.29
CA ARG C 336 -2.32 18.64 -0.10
C ARG C 336 -2.02 17.18 -0.36
N LYS C 337 -0.97 16.71 0.28
CA LYS C 337 -0.50 15.37 0.06
C LYS C 337 -1.12 14.40 1.06
N THR C 338 -1.28 14.85 2.30
CA THR C 338 -2.15 14.21 3.28
C THR C 338 -3.06 15.26 3.91
N ASN C 339 -4.25 14.81 4.27
CA ASN C 339 -5.25 15.69 4.90
C ASN C 339 -5.91 14.88 5.99
N PRO C 340 -5.23 14.67 7.07
CA PRO C 340 -5.73 13.80 8.14
C PRO C 340 -6.65 14.52 9.15
N HIS C 341 -7.64 15.23 8.62
CA HIS C 341 -8.62 15.89 9.47
C HIS C 341 -9.41 14.87 10.31
N VAL C 342 -10.14 15.38 11.30
CA VAL C 342 -10.97 14.53 12.14
C VAL C 342 -12.43 14.96 11.94
N SER C 343 -12.75 15.47 10.76
CA SER C 343 -14.10 15.92 10.46
C SER C 343 -15.10 14.77 10.40
N PHE C 344 -14.65 13.57 10.09
CA PHE C 344 -15.50 12.40 10.22
C PHE C 344 -15.27 11.70 11.56
N GLY C 345 -14.55 12.34 12.49
CA GLY C 345 -14.15 11.75 13.75
C GLY C 345 -12.87 10.93 13.63
N PHE C 346 -12.70 10.04 14.61
CA PHE C 346 -11.56 9.15 14.67
C PHE C 346 -11.86 8.00 15.61
N GLY C 347 -11.42 6.82 15.22
CA GLY C 347 -11.67 5.64 16.02
C GLY C 347 -12.94 4.87 15.71
N ILE C 348 -13.54 4.24 16.71
CA ILE C 348 -14.58 3.24 16.46
C ILE C 348 -15.84 3.86 15.89
N HIS C 349 -16.06 5.15 16.12
CA HIS C 349 -17.23 5.89 15.70
C HIS C 349 -17.03 6.65 14.40
N PHE C 350 -15.91 6.48 13.72
CA PHE C 350 -15.64 7.24 12.51
C PHE C 350 -16.86 7.20 11.58
N CYS C 351 -17.18 8.33 10.98
CA CYS C 351 -18.40 8.43 10.20
C CYS C 351 -18.57 7.23 9.30
N LEU C 352 -19.67 6.53 9.53
CA LEU C 352 -20.03 5.39 8.71
C LEU C 352 -20.38 5.81 7.29
N GLY C 353 -20.81 7.04 7.12
CA GLY C 353 -21.23 7.48 5.83
C GLY C 353 -20.24 8.32 5.10
N ALA C 354 -19.00 8.38 5.54
CA ALA C 354 -18.01 9.20 4.86
C ALA C 354 -17.86 8.85 3.38
N PRO C 355 -17.85 7.58 2.97
CA PRO C 355 -17.75 7.32 1.55
C PRO C 355 -18.90 7.93 0.78
N LEU C 356 -20.11 7.79 1.32
CA LEU C 356 -21.27 8.36 0.67
C LEU C 356 -21.19 9.87 0.64
N ALA C 357 -20.86 10.50 1.77
CA ALA C 357 -20.70 11.95 1.77
C ALA C 357 -19.60 12.38 0.81
N ARG C 358 -18.50 11.63 0.78
CA ARG C 358 -17.46 11.99 -0.17
C ARG C 358 -17.99 11.88 -1.60
N MET C 359 -18.83 10.87 -1.86
CA MET C 359 -19.32 10.69 -3.22
C MET C 359 -20.32 11.76 -3.58
N GLU C 360 -21.27 12.03 -2.71
CA GLU C 360 -22.21 13.10 -2.97
C GLU C 360 -21.51 14.45 -3.10
N GLY C 361 -20.50 14.70 -2.27
CA GLY C 361 -19.74 15.94 -2.37
C GLY C 361 -19.01 16.05 -3.70
N LYS C 362 -18.29 15.00 -4.07
CA LYS C 362 -17.54 14.99 -5.32
C LYS C 362 -18.45 15.24 -6.51
N ILE C 363 -19.58 14.53 -6.57
CA ILE C 363 -20.49 14.64 -7.71
C ILE C 363 -21.18 16.00 -7.73
N ALA C 364 -21.59 16.47 -6.54
CA ALA C 364 -22.20 17.79 -6.46
C ALA C 364 -21.22 18.84 -6.91
N PHE C 365 -20.02 18.84 -6.32
CA PHE C 365 -19.02 19.81 -6.72
C PHE C 365 -18.68 19.69 -8.21
N THR C 366 -18.65 18.47 -8.75
CA THR C 366 -18.27 18.32 -10.15
C THR C 366 -19.28 18.98 -11.08
N LYS C 367 -20.53 18.53 -11.01
CA LYS C 367 -21.59 19.09 -11.84
C LYS C 367 -21.64 20.61 -11.69
N LEU C 368 -21.47 21.13 -10.48
CA LEU C 368 -21.47 22.58 -10.32
C LEU C 368 -20.34 23.21 -11.14
N LEU C 369 -19.12 22.68 -11.01
CA LEU C 369 -17.99 23.28 -11.72
C LEU C 369 -18.15 23.16 -13.23
N GLU C 370 -18.69 22.03 -13.70
CA GLU C 370 -18.89 21.83 -15.15
C GLU C 370 -20.00 22.72 -15.70
N LYS C 371 -21.03 23.03 -14.91
CA LYS C 371 -22.04 23.98 -15.36
C LYS C 371 -21.37 25.32 -15.67
N GLY C 372 -20.22 25.57 -15.09
CA GLY C 372 -19.42 26.73 -15.40
C GLY C 372 -19.18 27.57 -14.17
N GLY C 373 -18.28 28.53 -14.33
CA GLY C 373 -17.95 29.43 -13.26
C GLY C 373 -19.16 29.97 -12.56
N PHE C 374 -19.02 30.19 -11.26
CA PHE C 374 -20.09 30.73 -10.46
C PHE C 374 -19.53 31.67 -9.39
N SER C 375 -20.37 32.57 -8.90
CA SER C 375 -19.94 33.61 -8.00
C SER C 375 -20.93 33.73 -6.86
N LYS C 376 -20.47 34.26 -5.75
CA LYS C 376 -21.35 34.56 -4.64
C LYS C 376 -22.25 35.71 -5.01
N VAL C 377 -23.52 35.62 -4.59
CA VAL C 377 -24.41 36.77 -4.72
C VAL C 377 -24.03 37.82 -3.68
N GLN C 378 -24.00 39.06 -4.14
CA GLN C 378 -23.45 40.12 -3.32
C GLN C 378 -24.46 40.57 -2.29
N ASN C 379 -23.94 41.01 -1.15
CA ASN C 379 -24.81 41.54 -0.11
C ASN C 379 -25.79 40.46 0.33
N GLN C 380 -25.23 39.42 0.97
CA GLN C 380 -26.05 38.48 1.72
C GLN C 380 -25.90 38.69 3.22
N SER C 381 -26.97 38.40 3.94
CA SER C 381 -26.92 38.39 5.39
C SER C 381 -26.96 36.92 5.80
N LEU C 382 -25.82 36.24 5.61
CA LEU C 382 -25.72 34.80 5.84
C LEU C 382 -26.01 34.48 7.31
N LYS C 383 -27.00 33.63 7.54
CA LYS C 383 -27.44 33.30 8.87
C LYS C 383 -26.91 31.92 9.20
N PRO C 384 -25.99 31.76 10.17
CA PRO C 384 -25.43 30.43 10.45
C PRO C 384 -26.45 29.44 10.99
N ILE C 385 -26.15 28.16 10.81
CA ILE C 385 -26.97 27.14 11.43
C ILE C 385 -26.96 27.33 12.94
N ASP C 386 -28.13 27.20 13.54
CA ASP C 386 -28.32 27.57 14.95
C ASP C 386 -27.30 26.90 15.87
N SER C 387 -27.08 25.59 15.68
CA SER C 387 -26.26 24.80 16.60
C SER C 387 -24.82 25.30 16.68
N PRO C 388 -24.19 25.24 17.85
CA PRO C 388 -22.76 25.57 17.92
C PRO C 388 -21.82 24.40 17.60
N PHE C 389 -22.34 23.18 17.45
CA PHE C 389 -21.59 22.00 17.02
C PHE C 389 -21.55 21.86 15.52
N VAL C 390 -22.39 22.62 14.82
CA VAL C 390 -22.47 22.60 13.37
C VAL C 390 -21.82 23.86 12.82
N PHE C 391 -21.27 23.72 11.64
CA PHE C 391 -20.75 24.87 10.92
C PHE C 391 -21.33 24.85 9.51
N GLY C 392 -22.19 25.80 9.21
CA GLY C 392 -22.72 25.91 7.88
C GLY C 392 -23.78 26.95 7.91
N VAL C 393 -24.31 27.26 6.75
CA VAL C 393 -25.24 28.38 6.64
C VAL C 393 -26.63 27.87 6.26
N LYS C 394 -27.66 28.62 6.68
CA LYS C 394 -29.02 28.25 6.32
C LYS C 394 -29.32 28.54 4.85
N LYS C 395 -28.62 29.51 4.28
CA LYS C 395 -28.90 29.95 2.94
C LYS C 395 -27.60 30.54 2.41
N TYR C 396 -27.30 30.25 1.15
CA TYR C 396 -26.09 30.75 0.47
C TYR C 396 -26.39 30.86 -1.01
N GLU C 397 -26.59 32.08 -1.49
CA GLU C 397 -27.02 32.33 -2.87
C GLU C 397 -25.81 32.51 -3.77
N ILE C 398 -25.84 31.84 -4.92
CA ILE C 398 -24.82 32.00 -5.95
C ILE C 398 -25.54 32.20 -7.28
N ALA C 399 -24.74 32.45 -8.30
CA ALA C 399 -25.26 32.61 -9.64
C ALA C 399 -24.16 32.23 -10.60
N PHE C 400 -24.55 31.74 -11.78
CA PHE C 400 -23.59 31.43 -12.83
C PHE C 400 -23.28 32.67 -13.69
N ASN C 401 -22.16 32.57 -14.39
CA ASN C 401 -21.69 33.65 -15.26
C ASN C 401 -22.23 33.50 -16.70
N LEU D 15 8.22 -27.03 -29.21
CA LEU D 15 7.32 -28.16 -29.41
C LEU D 15 7.68 -29.39 -28.53
N ILE D 16 8.51 -29.14 -27.52
CA ILE D 16 8.84 -30.07 -26.42
C ILE D 16 8.66 -29.22 -25.16
N PRO D 17 8.05 -29.69 -24.07
CA PRO D 17 7.82 -28.80 -22.94
C PRO D 17 9.11 -28.47 -22.19
N MET D 18 9.09 -27.31 -21.52
CA MET D 18 10.26 -26.80 -20.80
C MET D 18 10.41 -27.47 -19.43
N GLN D 19 11.66 -27.73 -19.03
CA GLN D 19 11.91 -28.64 -17.91
C GLN D 19 11.24 -28.16 -16.62
N GLU D 20 10.98 -26.86 -16.49
CA GLU D 20 10.31 -26.35 -15.31
C GLU D 20 8.91 -26.92 -15.18
N ILE D 21 8.30 -27.29 -16.30
CA ILE D 21 7.00 -27.93 -16.26
C ILE D 21 7.27 -29.40 -15.99
N LYS D 22 7.04 -29.80 -14.73
CA LYS D 22 7.33 -31.16 -14.26
C LYS D 22 6.08 -32.05 -14.32
N SER D 23 5.11 -31.78 -13.46
CA SER D 23 3.94 -32.62 -13.32
C SER D 23 2.86 -32.28 -14.33
N VAL D 24 1.86 -33.15 -14.41
CA VAL D 24 0.66 -32.74 -15.14
C VAL D 24 -0.05 -31.61 -14.38
N GLU D 25 0.13 -31.52 -13.07
CA GLU D 25 -0.54 -30.45 -12.36
C GLU D 25 0.04 -29.10 -12.76
N GLN D 26 1.28 -29.08 -13.24
CA GLN D 26 1.87 -27.84 -13.74
C GLN D 26 1.40 -27.52 -15.16
N GLN D 27 1.28 -28.54 -16.02
CA GLN D 27 0.73 -28.31 -17.35
C GLN D 27 -0.66 -27.69 -17.24
N LEU D 28 -1.42 -28.05 -16.21
CA LEU D 28 -2.76 -27.54 -16.04
C LEU D 28 -2.77 -26.20 -15.32
N TYR D 29 -1.67 -25.81 -14.69
CA TYR D 29 -1.50 -24.46 -14.14
C TYR D 29 -0.02 -24.12 -14.08
N PRO D 30 0.56 -23.74 -15.21
CA PRO D 30 1.98 -23.40 -15.25
C PRO D 30 2.33 -21.94 -14.97
N PHE D 31 1.35 -21.11 -14.67
CA PHE D 31 1.56 -19.67 -14.67
C PHE D 31 2.47 -19.21 -13.54
N ASP D 32 2.42 -19.86 -12.35
CA ASP D 32 3.44 -19.58 -11.32
C ASP D 32 4.85 -19.96 -11.78
N ILE D 33 5.02 -21.10 -12.47
CA ILE D 33 6.31 -21.43 -13.09
C ILE D 33 6.71 -20.31 -14.05
N TYR D 34 5.76 -19.93 -14.94
CA TYR D 34 6.03 -18.87 -15.90
C TYR D 34 6.29 -17.57 -15.18
N ASN D 35 5.58 -17.33 -14.09
CA ASN D 35 5.81 -16.10 -13.36
C ASN D 35 7.23 -16.06 -12.78
N SER D 36 7.62 -17.09 -12.04
CA SER D 36 8.97 -17.14 -11.48
C SER D 36 10.03 -16.93 -12.56
N LEU D 37 9.98 -17.74 -13.62
CA LEU D 37 11.01 -17.64 -14.65
C LEU D 37 11.13 -16.21 -15.12
N ARG D 38 10.01 -15.53 -15.23
CA ARG D 38 10.03 -14.12 -15.60
C ARG D 38 10.76 -13.25 -14.59
N GLN D 39 10.73 -13.62 -13.30
CA GLN D 39 11.43 -12.84 -12.30
C GLN D 39 12.95 -13.08 -12.44
N GLU D 40 13.37 -14.34 -12.62
CA GLU D 40 14.79 -14.70 -12.67
C GLU D 40 15.43 -14.21 -13.98
N ALA D 41 14.99 -14.77 -15.10
CA ALA D 41 15.47 -14.38 -16.42
C ALA D 41 14.28 -14.05 -17.33
N PRO D 42 13.92 -12.77 -17.51
CA PRO D 42 12.90 -12.42 -18.51
C PRO D 42 13.17 -12.95 -19.90
N ILE D 43 14.42 -13.03 -20.32
CA ILE D 43 14.80 -13.73 -21.53
C ILE D 43 15.86 -14.77 -21.17
N ARG D 44 15.65 -16.00 -21.61
CA ARG D 44 16.59 -17.04 -21.30
C ARG D 44 16.64 -18.03 -22.46
N TYR D 45 17.81 -18.67 -22.64
CA TYR D 45 18.04 -19.74 -23.60
C TYR D 45 17.91 -21.09 -22.92
N ASP D 46 17.01 -21.94 -23.42
CA ASP D 46 16.78 -23.27 -22.87
C ASP D 46 17.54 -24.22 -23.78
N GLU D 47 18.72 -24.67 -23.31
CA GLU D 47 19.57 -25.57 -24.10
C GLU D 47 18.81 -26.81 -24.52
N SER D 48 17.95 -27.31 -23.63
CA SER D 48 17.12 -28.48 -23.92
C SER D 48 16.24 -28.24 -25.15
N ARG D 49 15.52 -27.12 -25.19
CA ARG D 49 14.60 -26.82 -26.28
C ARG D 49 15.22 -26.03 -27.42
N ASN D 50 16.49 -25.60 -27.28
CA ASN D 50 17.26 -25.00 -28.39
C ASN D 50 16.63 -23.68 -28.87
N CYS D 51 16.21 -22.87 -27.93
CA CYS D 51 15.42 -21.71 -28.25
C CYS D 51 15.51 -20.72 -27.12
N TRP D 52 15.13 -19.49 -27.42
CA TRP D 52 14.95 -18.47 -26.42
C TRP D 52 13.51 -18.34 -25.95
N ASP D 53 13.35 -18.16 -24.63
CA ASP D 53 12.07 -17.82 -24.05
C ASP D 53 12.01 -16.36 -23.72
N VAL D 54 10.92 -15.70 -24.07
CA VAL D 54 10.70 -14.33 -23.65
C VAL D 54 9.45 -14.34 -22.81
N PHE D 55 9.55 -13.84 -21.58
CA PHE D 55 8.48 -13.92 -20.60
C PHE D 55 7.86 -12.59 -20.25
N ASP D 56 8.56 -11.48 -20.41
CA ASP D 56 8.03 -10.19 -20.01
C ASP D 56 7.23 -9.60 -21.17
N TYR D 57 6.24 -8.76 -20.81
CA TYR D 57 5.27 -8.26 -21.77
C TYR D 57 5.91 -7.40 -22.86
N GLU D 58 6.78 -6.44 -22.47
CA GLU D 58 7.25 -5.44 -23.44
C GLU D 58 8.16 -6.04 -24.50
N THR D 59 8.98 -7.04 -24.14
CA THR D 59 9.81 -7.75 -25.11
C THR D 59 9.02 -8.79 -25.90
N VAL D 60 7.99 -9.42 -25.32
CA VAL D 60 7.01 -10.15 -26.15
C VAL D 60 6.34 -9.19 -27.12
N LYS D 61 5.85 -8.06 -26.62
CA LYS D 61 5.26 -7.06 -27.51
C LYS D 61 6.24 -6.68 -28.61
N TYR D 62 7.53 -6.49 -28.27
CA TYR D 62 8.50 -5.97 -29.24
C TYR D 62 8.81 -6.97 -30.33
N ILE D 63 9.00 -8.24 -29.99
CA ILE D 63 9.19 -9.22 -31.04
C ILE D 63 8.08 -9.15 -32.07
N LEU D 64 6.83 -9.28 -31.61
CA LEU D 64 5.70 -9.36 -32.52
C LEU D 64 5.55 -8.08 -33.31
N LYS D 65 5.94 -6.96 -32.70
CA LYS D 65 5.88 -5.65 -33.34
C LYS D 65 6.88 -5.57 -34.50
N ASN D 66 7.97 -6.31 -34.41
CA ASN D 66 9.06 -6.21 -35.36
C ASN D 66 9.21 -7.40 -36.29
N PRO D 67 8.37 -7.52 -37.31
CA PRO D 67 8.53 -8.65 -38.23
C PRO D 67 9.89 -8.74 -38.94
N SER D 68 10.55 -7.62 -39.31
CA SER D 68 11.80 -7.80 -40.05
C SER D 68 12.86 -8.47 -39.20
N LEU D 69 12.84 -8.20 -37.91
CA LEU D 69 13.80 -8.88 -37.06
C LEU D 69 13.35 -10.30 -36.74
N PHE D 70 12.04 -10.51 -36.57
CA PHE D 70 11.50 -11.77 -36.03
C PHE D 70 10.41 -12.34 -36.92
N SER D 71 10.74 -13.44 -37.57
CA SER D 71 10.02 -13.94 -38.72
C SER D 71 8.97 -14.97 -38.33
N SER D 72 7.91 -15.00 -39.13
CA SER D 72 6.88 -16.01 -39.08
C SER D 72 7.09 -17.14 -40.07
N LYS D 73 8.15 -17.08 -40.88
CA LYS D 73 8.45 -18.11 -41.86
C LYS D 73 8.87 -19.43 -41.22
N ARG D 74 8.69 -20.52 -41.96
CA ARG D 74 9.13 -21.84 -41.52
C ARG D 74 9.78 -22.56 -42.70
N ALA D 75 10.69 -23.49 -42.37
CA ALA D 75 11.38 -24.28 -43.40
C ALA D 75 10.38 -24.87 -44.38
N MET D 76 10.73 -24.82 -45.69
CA MET D 76 9.82 -25.23 -46.76
C MET D 76 9.45 -26.71 -46.70
N GLU D 77 10.27 -27.54 -46.01
CA GLU D 77 9.93 -28.95 -45.79
C GLU D 77 8.70 -29.13 -44.89
N GLU D 78 8.55 -28.30 -43.85
CA GLU D 78 7.29 -28.20 -43.11
C GLU D 78 6.16 -27.56 -43.94
N ARG D 79 4.93 -27.91 -43.59
CA ARG D 79 3.75 -27.47 -44.33
C ARG D 79 3.43 -26.00 -44.07
N GLN D 80 3.15 -25.28 -45.17
CA GLN D 80 3.03 -23.81 -45.17
C GLN D 80 1.56 -23.44 -44.98
N GLU D 81 1.21 -23.03 -43.75
CA GLU D 81 -0.16 -22.63 -43.39
C GLU D 81 -0.41 -21.16 -43.75
N SER D 82 -0.62 -20.90 -45.04
CA SER D 82 -1.15 -19.63 -45.53
C SER D 82 -0.40 -18.47 -44.88
N ILE D 83 -1.09 -17.45 -44.39
CA ILE D 83 -0.48 -16.19 -44.00
C ILE D 83 0.30 -16.29 -42.72
N LEU D 84 -0.07 -17.24 -41.86
CA LEU D 84 0.57 -17.39 -40.56
C LEU D 84 2.07 -17.58 -40.68
N MET D 85 2.53 -18.14 -41.79
CA MET D 85 3.94 -18.50 -41.95
C MET D 85 4.59 -17.71 -43.07
N MET D 86 4.12 -16.48 -43.28
CA MET D 86 4.61 -15.53 -44.26
C MET D 86 5.11 -14.28 -43.56
N ASP D 87 6.05 -13.60 -44.17
CA ASP D 87 6.54 -12.31 -43.72
C ASP D 87 6.14 -11.23 -44.71
N PRO D 88 6.24 -9.96 -44.33
CA PRO D 88 6.01 -9.01 -45.43
C PRO D 88 7.06 -9.14 -46.57
N PRO D 89 6.71 -8.75 -47.82
CA PRO D 89 5.41 -8.19 -48.24
C PRO D 89 4.36 -9.23 -48.63
N LYS D 90 4.70 -10.51 -48.80
CA LYS D 90 3.70 -11.50 -49.21
C LYS D 90 2.54 -11.56 -48.22
N HIS D 91 2.85 -11.57 -46.92
CA HIS D 91 1.82 -11.62 -45.88
C HIS D 91 0.85 -10.48 -46.03
N THR D 92 1.36 -9.31 -46.39
CA THR D 92 0.55 -8.13 -46.48
C THR D 92 -0.47 -8.23 -47.63
N LYS D 93 -0.03 -8.70 -48.80
CA LYS D 93 -0.97 -8.94 -49.90
C LYS D 93 -2.09 -9.85 -49.43
N LEU D 94 -1.74 -11.05 -48.97
CA LEU D 94 -2.73 -12.07 -48.72
C LEU D 94 -3.65 -11.70 -47.57
N ARG D 95 -3.08 -11.26 -46.45
CA ARG D 95 -3.94 -10.78 -45.37
C ARG D 95 -4.91 -9.72 -45.85
N ASN D 96 -4.44 -8.73 -46.60
CA ASN D 96 -5.34 -7.68 -47.04
C ASN D 96 -6.47 -8.27 -47.89
N LEU D 97 -6.17 -9.35 -48.60
CA LEU D 97 -7.19 -9.95 -49.45
C LEU D 97 -8.26 -10.64 -48.62
N VAL D 98 -7.86 -11.32 -47.54
CA VAL D 98 -8.83 -12.07 -46.74
C VAL D 98 -9.45 -11.17 -45.66
N ASN D 99 -8.83 -9.99 -45.39
CA ASN D 99 -9.20 -9.13 -44.27
C ASN D 99 -10.69 -8.83 -44.16
N LYS D 100 -11.26 -8.25 -45.22
CA LYS D 100 -12.58 -7.62 -45.20
C LYS D 100 -13.69 -8.54 -44.62
N ALA D 101 -13.42 -9.84 -44.56
CA ALA D 101 -14.43 -10.81 -44.23
C ALA D 101 -14.54 -11.09 -42.74
N PHE D 102 -13.64 -10.55 -41.92
CA PHE D 102 -13.53 -10.90 -40.52
C PHE D 102 -13.65 -9.67 -39.63
N THR D 103 -14.30 -8.70 -40.08
CA THR D 103 -14.49 -7.52 -39.23
C THR D 103 -15.57 -7.82 -38.20
N PRO D 104 -15.58 -7.13 -37.02
CA PRO D 104 -16.72 -7.30 -36.12
C PRO D 104 -18.00 -7.10 -36.92
N ARG D 105 -17.97 -6.12 -37.86
CA ARG D 105 -19.14 -5.77 -38.67
C ARG D 105 -19.48 -6.87 -39.72
N ALA D 106 -18.47 -7.37 -40.46
CA ALA D 106 -18.71 -8.39 -41.50
C ALA D 106 -19.36 -9.67 -40.94
N ILE D 107 -18.91 -10.12 -39.75
CA ILE D 107 -19.34 -11.40 -39.16
C ILE D 107 -20.49 -11.24 -38.17
N GLN D 108 -20.94 -10.01 -37.91
CA GLN D 108 -22.05 -9.78 -36.98
C GLN D 108 -23.39 -10.15 -37.58
N HIS D 109 -23.43 -10.66 -38.80
CA HIS D 109 -24.66 -11.35 -39.19
C HIS D 109 -24.69 -12.79 -38.69
N LEU D 110 -23.52 -13.37 -38.34
CA LEU D 110 -23.50 -14.74 -37.83
C LEU D 110 -23.99 -14.85 -36.40
N GLU D 111 -24.12 -13.73 -35.67
CA GLU D 111 -24.58 -13.78 -34.28
C GLU D 111 -25.71 -14.81 -34.12
N GLY D 112 -26.87 -14.54 -34.74
CA GLY D 112 -28.01 -15.43 -34.68
C GLY D 112 -27.73 -16.81 -35.22
N HIS D 113 -26.73 -16.94 -36.11
CA HIS D 113 -26.35 -18.24 -36.64
C HIS D 113 -25.59 -19.05 -35.61
N ILE D 114 -24.56 -18.44 -35.03
CA ILE D 114 -23.78 -19.08 -33.98
C ILE D 114 -24.66 -19.33 -32.78
N GLU D 115 -25.54 -18.39 -32.48
CA GLU D 115 -26.52 -18.57 -31.41
C GLU D 115 -27.39 -19.79 -31.64
N GLU D 116 -27.78 -20.01 -32.89
CA GLU D 116 -28.60 -21.17 -33.26
C GLU D 116 -27.86 -22.48 -33.00
N ILE D 117 -26.55 -22.51 -33.31
CA ILE D 117 -25.74 -23.71 -33.09
C ILE D 117 -25.59 -24.00 -31.61
N ALA D 118 -25.26 -23.00 -30.82
CA ALA D 118 -25.08 -23.22 -29.39
C ALA D 118 -26.39 -23.70 -28.75
N ASP D 119 -27.52 -23.09 -29.14
CA ASP D 119 -28.80 -23.58 -28.65
C ASP D 119 -28.96 -25.06 -28.94
N TYR D 120 -28.71 -25.45 -30.19
CA TYR D 120 -28.88 -26.86 -30.57
C TYR D 120 -28.00 -27.76 -29.71
N LEU D 121 -26.74 -27.40 -29.54
CA LEU D 121 -25.85 -28.29 -28.81
C LEU D 121 -26.25 -28.42 -27.34
N LEU D 122 -26.76 -27.35 -26.73
CA LEU D 122 -27.21 -27.40 -25.34
C LEU D 122 -28.52 -28.17 -25.17
N ASP D 123 -29.38 -28.15 -26.20
CA ASP D 123 -30.61 -28.94 -26.17
C ASP D 123 -30.31 -30.43 -26.16
N GLU D 124 -29.18 -30.83 -26.78
CA GLU D 124 -28.67 -32.20 -26.87
C GLU D 124 -28.01 -32.72 -25.59
N VAL D 125 -28.01 -31.98 -24.48
CA VAL D 125 -27.45 -32.45 -23.22
C VAL D 125 -28.39 -32.09 -22.07
N SER D 126 -29.70 -32.02 -22.37
CA SER D 126 -30.73 -31.73 -21.36
C SER D 126 -30.95 -32.93 -20.44
N SER D 127 -31.37 -34.07 -21.03
CA SER D 127 -31.49 -35.31 -20.27
C SER D 127 -30.13 -35.82 -19.76
N LYS D 128 -29.03 -35.17 -20.16
CA LYS D 128 -27.74 -35.42 -19.55
C LYS D 128 -27.67 -34.68 -18.24
N GLU D 129 -27.26 -35.39 -17.21
CA GLU D 129 -27.00 -34.78 -15.93
C GLU D 129 -25.56 -34.32 -15.82
N LYS D 130 -24.67 -34.86 -16.66
CA LYS D 130 -23.30 -34.36 -16.77
C LYS D 130 -22.75 -34.66 -18.16
N PHE D 131 -21.82 -33.81 -18.58
CA PHE D 131 -21.32 -33.92 -19.95
C PHE D 131 -19.96 -33.25 -20.06
N ASP D 132 -19.24 -33.67 -21.11
CA ASP D 132 -17.94 -33.13 -21.43
C ASP D 132 -18.17 -31.86 -22.23
N ILE D 133 -17.78 -30.72 -21.67
CA ILE D 133 -18.03 -29.47 -22.39
C ILE D 133 -17.20 -29.41 -23.67
N VAL D 134 -16.12 -30.21 -23.80
CA VAL D 134 -15.37 -30.23 -25.06
C VAL D 134 -16.15 -30.99 -26.13
N GLU D 135 -16.44 -32.28 -25.89
CA GLU D 135 -16.99 -33.12 -26.96
C GLU D 135 -18.43 -32.73 -27.31
N ASP D 136 -19.18 -32.25 -26.34
CA ASP D 136 -20.59 -31.98 -26.57
C ASP D 136 -20.88 -30.54 -26.97
N PHE D 137 -20.04 -29.59 -26.58
CA PHE D 137 -20.31 -28.16 -26.81
C PHE D 137 -19.14 -27.37 -27.41
N ALA D 138 -18.06 -27.22 -26.67
CA ALA D 138 -17.02 -26.29 -27.09
C ALA D 138 -16.26 -26.79 -28.31
N GLY D 139 -16.17 -28.09 -28.49
CA GLY D 139 -15.48 -28.59 -29.66
C GLY D 139 -16.29 -28.43 -30.94
N PRO D 140 -17.56 -28.83 -30.89
CA PRO D 140 -18.39 -28.77 -32.08
C PRO D 140 -18.68 -27.36 -32.54
N LEU D 141 -18.92 -26.43 -31.61
CA LEU D 141 -19.32 -25.08 -31.99
C LEU D 141 -18.33 -24.42 -32.95
N PRO D 142 -17.02 -24.32 -32.66
CA PRO D 142 -16.13 -23.74 -33.70
C PRO D 142 -16.21 -24.47 -35.01
N ILE D 143 -16.37 -25.80 -34.98
CA ILE D 143 -16.41 -26.58 -36.21
C ILE D 143 -17.63 -26.21 -37.05
N ILE D 144 -18.81 -26.29 -36.44
CA ILE D 144 -20.04 -25.96 -37.12
C ILE D 144 -20.06 -24.50 -37.60
N VAL D 145 -19.52 -23.58 -36.80
CA VAL D 145 -19.57 -22.16 -37.15
C VAL D 145 -18.72 -21.90 -38.38
N ILE D 146 -17.50 -22.42 -38.41
CA ILE D 146 -16.66 -22.14 -39.54
C ILE D 146 -17.25 -22.80 -40.77
N ALA D 147 -18.07 -23.83 -40.58
CA ALA D 147 -18.71 -24.49 -41.69
C ALA D 147 -19.78 -23.58 -42.30
N GLU D 148 -20.60 -22.95 -41.47
CA GLU D 148 -21.56 -22.01 -42.02
C GLU D 148 -20.84 -20.92 -42.78
N LEU D 149 -19.82 -20.35 -42.17
CA LEU D 149 -19.13 -19.23 -42.80
C LEU D 149 -18.54 -19.65 -44.14
N LEU D 150 -17.79 -20.74 -44.15
CA LEU D 150 -17.11 -21.14 -45.37
C LEU D 150 -18.12 -21.49 -46.47
N GLY D 151 -19.30 -21.98 -46.09
CA GLY D 151 -20.26 -22.45 -47.07
C GLY D 151 -20.26 -23.95 -47.24
N VAL D 152 -20.09 -24.70 -46.14
CA VAL D 152 -20.17 -26.16 -46.16
C VAL D 152 -21.64 -26.55 -46.15
N PRO D 153 -22.14 -27.27 -47.17
CA PRO D 153 -23.56 -27.60 -47.19
C PRO D 153 -23.95 -28.29 -45.89
N ILE D 154 -25.22 -28.15 -45.53
CA ILE D 154 -25.70 -28.69 -44.25
C ILE D 154 -25.49 -30.22 -44.20
N GLN D 155 -25.64 -30.89 -45.35
CA GLN D 155 -25.64 -32.35 -45.47
C GLN D 155 -24.24 -32.94 -45.34
N ASP D 156 -23.20 -32.10 -45.28
CA ASP D 156 -21.81 -32.55 -45.16
C ASP D 156 -21.18 -32.28 -43.81
N ARG D 157 -21.93 -31.69 -42.86
CA ARG D 157 -21.34 -31.35 -41.57
C ARG D 157 -20.74 -32.56 -40.88
N ALA D 158 -21.46 -33.68 -40.86
CA ALA D 158 -20.93 -34.86 -40.21
C ALA D 158 -19.52 -35.16 -40.71
N LEU D 159 -19.33 -35.29 -42.02
CA LEU D 159 -18.00 -35.68 -42.47
C LEU D 159 -17.02 -34.52 -42.31
N PHE D 160 -17.51 -33.29 -42.18
CA PHE D 160 -16.63 -32.16 -41.93
C PHE D 160 -16.07 -32.24 -40.53
N LYS D 161 -16.95 -32.46 -39.57
CA LYS D 161 -16.57 -32.55 -38.18
C LYS D 161 -15.66 -33.74 -37.93
N LYS D 162 -15.97 -34.90 -38.53
CA LYS D 162 -15.11 -36.07 -38.36
C LYS D 162 -13.67 -35.74 -38.71
N TYR D 163 -13.44 -35.13 -39.88
CA TYR D 163 -12.05 -34.84 -40.24
C TYR D 163 -11.49 -33.58 -39.60
N SER D 164 -12.34 -32.61 -39.26
CA SER D 164 -11.85 -31.48 -38.46
C SER D 164 -11.45 -31.96 -37.08
N ASP D 165 -12.26 -32.85 -36.51
CA ASP D 165 -11.89 -33.52 -35.26
C ASP D 165 -10.51 -34.18 -35.40
N ASP D 166 -10.33 -35.01 -36.43
CA ASP D 166 -9.05 -35.67 -36.70
C ASP D 166 -7.88 -34.71 -36.76
N LEU D 167 -8.11 -33.50 -37.26
CA LEU D 167 -7.05 -32.51 -37.45
C LEU D 167 -6.26 -32.23 -36.20
N VAL D 168 -6.91 -32.37 -35.05
CA VAL D 168 -6.34 -31.95 -33.78
C VAL D 168 -6.46 -33.08 -32.77
N SER D 169 -6.54 -34.32 -33.26
CA SER D 169 -6.82 -35.43 -32.34
C SER D 169 -5.61 -35.68 -31.42
N GLY D 170 -5.89 -36.35 -30.29
CA GLY D 170 -4.94 -36.75 -29.26
C GLY D 170 -4.08 -37.97 -29.55
N ALA D 171 -3.80 -38.72 -28.49
CA ALA D 171 -3.08 -39.97 -28.60
C ALA D 171 -3.75 -40.93 -27.63
N GLU D 172 -3.27 -42.17 -27.61
CA GLU D 172 -3.55 -43.06 -26.49
C GLU D 172 -2.54 -42.83 -25.36
N ASN D 173 -1.25 -42.72 -25.71
CA ASN D 173 -0.09 -42.46 -24.85
C ASN D 173 0.92 -41.56 -25.62
N ASN D 174 2.00 -41.10 -24.93
CA ASN D 174 3.06 -40.32 -25.61
C ASN D 174 4.20 -41.22 -26.10
N SER D 175 3.87 -42.49 -26.39
CA SER D 175 4.81 -43.46 -26.92
C SER D 175 5.14 -43.11 -28.39
N ASP D 176 5.87 -44.01 -29.05
CA ASP D 176 6.19 -43.83 -30.47
C ASP D 176 5.08 -44.31 -31.40
N GLU D 177 4.34 -45.35 -31.04
CA GLU D 177 3.29 -45.83 -31.95
C GLU D 177 2.04 -44.94 -31.89
N ALA D 178 1.74 -44.38 -30.70
CA ALA D 178 0.61 -43.46 -30.52
C ALA D 178 0.88 -42.09 -31.12
N PHE D 179 2.06 -41.51 -30.84
CA PHE D 179 2.46 -40.28 -31.53
C PHE D 179 2.40 -40.48 -33.04
N ALA D 180 2.97 -41.59 -33.51
CA ALA D 180 2.90 -41.92 -34.94
C ALA D 180 1.44 -42.08 -35.40
N LYS D 181 0.65 -42.92 -34.70
CA LYS D 181 -0.78 -43.02 -35.02
C LYS D 181 -1.42 -41.65 -35.08
N MET D 182 -1.25 -40.84 -34.02
CA MET D 182 -1.91 -39.54 -33.95
C MET D 182 -1.53 -38.69 -35.15
N MET D 183 -0.24 -38.60 -35.44
CA MET D 183 0.22 -37.75 -36.52
C MET D 183 -0.35 -38.18 -37.86
N GLN D 184 -0.57 -39.48 -38.05
CA GLN D 184 -1.23 -39.94 -39.26
C GLN D 184 -2.69 -39.48 -39.29
N LYS D 185 -3.39 -39.56 -38.15
CA LYS D 185 -4.79 -39.13 -38.15
C LYS D 185 -4.92 -37.64 -38.41
N ARG D 186 -3.98 -36.84 -37.93
CA ARG D 186 -3.94 -35.43 -38.34
C ARG D 186 -3.74 -35.35 -39.84
N ASN D 187 -2.68 -35.99 -40.33
CA ASN D 187 -2.39 -35.99 -41.76
C ASN D 187 -3.60 -36.41 -42.57
N GLU D 188 -4.30 -37.45 -42.11
CA GLU D 188 -5.50 -37.92 -42.79
C GLU D 188 -6.56 -36.84 -42.83
N GLY D 189 -6.73 -36.07 -41.74
CA GLY D 189 -7.73 -35.04 -41.72
C GLY D 189 -7.38 -33.87 -42.63
N VAL D 190 -6.10 -33.51 -42.69
CA VAL D 190 -5.65 -32.46 -43.59
C VAL D 190 -5.90 -32.85 -45.04
N ILE D 191 -5.61 -34.10 -45.40
CA ILE D 191 -5.79 -34.56 -46.77
C ILE D 191 -7.26 -34.48 -47.15
N PHE D 192 -8.11 -35.08 -46.35
CA PHE D 192 -9.53 -35.05 -46.65
C PHE D 192 -9.99 -33.61 -46.84
N LEU D 193 -9.72 -32.75 -45.86
CA LEU D 193 -10.22 -31.39 -45.93
C LEU D 193 -9.64 -30.63 -47.12
N GLN D 194 -8.37 -30.88 -47.47
CA GLN D 194 -7.81 -30.29 -48.71
C GLN D 194 -8.57 -30.79 -49.95
N GLY D 195 -8.72 -32.10 -50.08
CA GLY D 195 -9.48 -32.61 -51.20
C GLY D 195 -10.90 -32.08 -51.17
N TYR D 196 -11.50 -32.07 -49.97
CA TYR D 196 -12.88 -31.61 -49.80
C TYR D 196 -13.03 -30.13 -50.18
N PHE D 197 -12.08 -29.29 -49.78
CA PHE D 197 -12.23 -27.89 -50.12
C PHE D 197 -11.98 -27.64 -51.60
N LYS D 198 -11.05 -28.36 -52.21
CA LYS D 198 -10.78 -28.17 -53.64
C LYS D 198 -12.07 -28.29 -54.42
N GLU D 199 -12.76 -29.41 -54.23
CA GLU D 199 -14.09 -29.57 -54.78
C GLU D 199 -14.99 -28.37 -54.46
N ILE D 200 -14.99 -27.89 -53.22
CA ILE D 200 -15.95 -26.83 -52.87
C ILE D 200 -15.53 -25.50 -53.49
N ILE D 201 -14.22 -25.21 -53.48
CA ILE D 201 -13.73 -24.02 -54.14
C ILE D 201 -14.10 -24.00 -55.61
N ALA D 202 -13.89 -25.12 -56.29
CA ALA D 202 -14.23 -25.19 -57.70
C ALA D 202 -15.73 -24.97 -57.93
N GLU D 203 -16.58 -25.67 -57.16
CA GLU D 203 -18.02 -25.42 -57.24
C GLU D 203 -18.29 -23.92 -57.23
N ARG D 204 -17.63 -23.21 -56.33
CA ARG D 204 -17.80 -21.79 -56.16
C ARG D 204 -16.97 -20.97 -57.14
N GLN D 205 -15.88 -21.52 -57.70
CA GLN D 205 -15.16 -20.79 -58.75
C GLN D 205 -15.99 -20.57 -60.02
N GLN D 206 -17.12 -21.27 -60.19
CA GLN D 206 -17.96 -21.04 -61.36
C GLN D 206 -19.45 -21.07 -60.98
N ASN D 207 -19.71 -20.64 -59.76
CA ASN D 207 -21.00 -20.44 -59.11
C ASN D 207 -20.70 -19.81 -57.76
N LYS D 208 -21.45 -18.80 -57.35
CA LYS D 208 -21.07 -18.11 -56.13
C LYS D 208 -22.21 -18.25 -55.15
N GLN D 209 -21.91 -18.31 -53.86
CA GLN D 209 -22.96 -18.43 -52.88
C GLN D 209 -22.67 -17.39 -51.81
N GLU D 210 -23.63 -17.18 -50.93
CA GLU D 210 -23.45 -16.19 -49.89
C GLU D 210 -22.72 -16.79 -48.68
N ASP D 211 -21.47 -17.17 -48.96
CA ASP D 211 -20.60 -17.83 -48.00
C ASP D 211 -19.17 -17.34 -48.22
N LEU D 212 -18.27 -17.77 -47.33
CA LEU D 212 -16.94 -17.16 -47.27
C LEU D 212 -16.04 -17.60 -48.42
N ILE D 213 -16.10 -18.87 -48.82
CA ILE D 213 -15.30 -19.31 -49.97
C ILE D 213 -15.54 -18.39 -51.15
N SER D 214 -16.81 -18.08 -51.42
CA SER D 214 -17.13 -17.24 -52.56
C SER D 214 -16.52 -15.86 -52.40
N LEU D 215 -16.76 -15.23 -51.26
CA LEU D 215 -16.20 -13.90 -51.01
C LEU D 215 -14.68 -13.91 -51.15
N LEU D 216 -14.01 -14.98 -50.75
CA LEU D 216 -12.57 -14.98 -50.89
C LEU D 216 -12.17 -15.02 -52.36
N LEU D 217 -12.89 -15.82 -53.17
CA LEU D 217 -12.60 -15.91 -54.59
C LEU D 217 -12.88 -14.62 -55.33
N GLU D 218 -13.85 -13.82 -54.88
CA GLU D 218 -14.16 -12.57 -55.55
C GLU D 218 -13.21 -11.45 -55.14
N ALA D 219 -12.41 -11.65 -54.10
CA ALA D 219 -11.55 -10.61 -53.54
C ALA D 219 -10.59 -10.01 -54.54
N GLU D 220 -10.41 -8.68 -54.49
CA GLU D 220 -9.46 -7.99 -55.37
C GLU D 220 -8.84 -6.75 -54.69
N ILE D 221 -7.50 -6.71 -54.64
CA ILE D 221 -6.72 -5.50 -54.26
C ILE D 221 -5.66 -5.26 -55.33
N ASP D 222 -5.74 -4.08 -56.00
CA ASP D 222 -4.80 -3.71 -57.08
C ASP D 222 -4.90 -4.71 -58.23
N GLY D 223 -6.13 -5.13 -58.56
CA GLY D 223 -6.39 -6.06 -59.64
C GLY D 223 -5.98 -7.51 -59.38
N GLU D 224 -5.37 -7.81 -58.23
CA GLU D 224 -4.95 -9.16 -57.88
C GLU D 224 -6.10 -9.91 -57.19
N HIS D 225 -6.18 -11.22 -57.47
CA HIS D 225 -7.04 -12.16 -56.78
C HIS D 225 -6.20 -13.20 -56.04
N LEU D 226 -6.84 -13.94 -55.13
CA LEU D 226 -6.21 -15.12 -54.52
C LEU D 226 -6.27 -16.30 -55.48
N THR D 227 -5.21 -17.10 -55.51
CA THR D 227 -5.26 -18.30 -56.33
C THR D 227 -6.16 -19.35 -55.67
N GLU D 228 -6.77 -20.23 -56.46
CA GLU D 228 -7.53 -21.29 -55.82
C GLU D 228 -6.69 -22.07 -54.82
N GLU D 229 -5.38 -22.09 -54.99
CA GLU D 229 -4.52 -22.73 -54.01
C GLU D 229 -4.23 -21.85 -52.79
N GLU D 230 -4.40 -20.53 -52.90
CA GLU D 230 -4.30 -19.68 -51.72
C GLU D 230 -5.60 -19.75 -50.91
N VAL D 231 -6.76 -19.69 -51.57
CA VAL D 231 -8.03 -19.85 -50.86
C VAL D 231 -8.07 -21.20 -50.18
N LEU D 232 -7.64 -22.24 -50.88
CA LEU D 232 -7.54 -23.56 -50.29
C LEU D 232 -6.70 -23.54 -49.01
N GLY D 233 -5.49 -22.98 -49.08
CA GLY D 233 -4.62 -23.00 -47.93
C GLY D 233 -5.15 -22.19 -46.76
N PHE D 234 -5.81 -21.07 -47.06
CA PHE D 234 -6.42 -20.24 -46.03
C PHE D 234 -7.67 -20.90 -45.45
N CYS D 235 -8.40 -21.65 -46.25
CA CYS D 235 -9.50 -22.41 -45.69
C CYS D 235 -9.03 -23.45 -44.68
N ILE D 236 -7.89 -24.09 -44.94
CA ILE D 236 -7.38 -25.05 -43.97
C ILE D 236 -6.91 -24.32 -42.73
N LEU D 237 -6.29 -23.16 -42.93
CA LEU D 237 -5.77 -22.39 -41.79
C LEU D 237 -6.89 -21.95 -40.86
N LEU D 238 -8.02 -21.49 -41.40
CA LEU D 238 -9.14 -21.11 -40.56
C LEU D 238 -9.51 -22.22 -39.60
N LEU D 239 -9.30 -23.47 -40.03
CA LEU D 239 -9.61 -24.61 -39.18
C LEU D 239 -8.50 -24.83 -38.17
N VAL D 240 -7.26 -24.92 -38.65
CA VAL D 240 -6.14 -25.17 -37.75
C VAL D 240 -6.05 -24.07 -36.71
N ALA D 241 -6.11 -22.82 -37.13
CA ALA D 241 -5.98 -21.71 -36.21
C ALA D 241 -7.22 -21.48 -35.37
N GLY D 242 -8.39 -21.90 -35.83
CA GLY D 242 -9.63 -21.46 -35.23
C GLY D 242 -10.41 -22.46 -34.40
N ASN D 243 -10.21 -23.74 -34.65
CA ASN D 243 -11.07 -24.72 -34.00
C ASN D 243 -10.63 -24.99 -32.58
N GLU D 244 -9.41 -25.50 -32.39
CA GLU D 244 -8.95 -25.90 -31.04
C GLU D 244 -8.83 -24.70 -30.10
N THR D 245 -8.38 -23.55 -30.61
CA THR D 245 -8.23 -22.39 -29.76
C THR D 245 -9.57 -21.89 -29.22
N THR D 246 -10.52 -21.63 -30.12
CA THR D 246 -11.86 -21.25 -29.69
C THR D 246 -12.43 -22.30 -28.73
N THR D 247 -12.28 -23.59 -29.03
CA THR D 247 -12.71 -24.62 -28.10
C THR D 247 -12.02 -24.46 -26.75
N ASN D 248 -10.72 -24.14 -26.75
CA ASN D 248 -10.01 -23.94 -25.48
C ASN D 248 -10.43 -22.63 -24.81
N LEU D 249 -10.71 -21.59 -25.58
CA LEU D 249 -11.30 -20.42 -24.97
C LEU D 249 -12.55 -20.80 -24.18
N ILE D 250 -13.49 -21.49 -24.83
CA ILE D 250 -14.76 -21.86 -24.20
C ILE D 250 -14.52 -22.82 -23.06
N THR D 251 -13.72 -23.86 -23.29
CA THR D 251 -13.48 -24.85 -22.26
C THR D 251 -12.78 -24.20 -21.07
N ASN D 252 -11.67 -23.50 -21.33
CA ASN D 252 -10.94 -22.83 -20.24
C ASN D 252 -11.82 -21.84 -19.47
N GLY D 253 -12.69 -21.11 -20.15
CA GLY D 253 -13.64 -20.23 -19.46
C GLY D 253 -14.62 -20.99 -18.60
N VAL D 254 -15.20 -22.05 -19.15
CA VAL D 254 -16.07 -22.93 -18.36
C VAL D 254 -15.28 -23.49 -17.18
N ARG D 255 -14.05 -23.93 -17.42
CA ARG D 255 -13.23 -24.40 -16.30
C ARG D 255 -13.08 -23.32 -15.24
N TYR D 256 -12.60 -22.13 -15.61
CA TYR D 256 -12.46 -21.12 -14.56
C TYR D 256 -13.78 -20.88 -13.85
N MET D 257 -14.87 -20.64 -14.59
CA MET D 257 -16.13 -20.34 -13.90
C MET D 257 -16.61 -21.43 -12.97
N THR D 258 -16.03 -22.62 -13.04
CA THR D 258 -16.37 -23.69 -12.12
C THR D 258 -15.33 -23.88 -11.01
N GLU D 259 -14.10 -23.37 -11.22
CA GLU D 259 -13.04 -23.27 -10.20
C GLU D 259 -13.30 -22.11 -9.23
N ASP D 260 -13.97 -21.04 -9.71
CA ASP D 260 -14.32 -19.84 -8.97
C ASP D 260 -15.79 -19.55 -9.28
N VAL D 261 -16.68 -20.05 -8.43
CA VAL D 261 -18.09 -19.94 -8.75
C VAL D 261 -18.62 -18.54 -8.59
N ASP D 262 -18.02 -17.73 -7.71
CA ASP D 262 -18.52 -16.37 -7.50
C ASP D 262 -18.48 -15.57 -8.79
N VAL D 263 -17.40 -15.74 -9.58
CA VAL D 263 -17.32 -15.08 -10.89
C VAL D 263 -18.47 -15.56 -11.75
N GLN D 264 -18.67 -16.87 -11.80
CA GLN D 264 -19.75 -17.42 -12.59
C GLN D 264 -21.05 -16.72 -12.27
N ASN D 265 -21.39 -16.63 -10.99
CA ASN D 265 -22.67 -16.03 -10.64
C ASN D 265 -22.64 -14.54 -10.96
N GLU D 266 -21.48 -13.91 -10.77
CA GLU D 266 -21.42 -12.49 -11.09
C GLU D 266 -21.82 -12.26 -12.55
N VAL D 267 -21.19 -12.99 -13.48
CA VAL D 267 -21.45 -12.68 -14.88
C VAL D 267 -22.83 -13.14 -15.27
N ARG D 268 -23.28 -14.29 -14.75
CA ARG D 268 -24.65 -14.69 -15.00
C ARG D 268 -25.62 -13.61 -14.51
N ARG D 269 -25.34 -13.02 -13.34
CA ARG D 269 -26.21 -11.93 -12.86
C ARG D 269 -26.02 -10.64 -13.64
N ASP D 270 -24.88 -10.41 -14.29
CA ASP D 270 -24.73 -9.26 -15.20
C ASP D 270 -24.09 -9.73 -16.51
N ILE D 271 -24.94 -10.14 -17.45
CA ILE D 271 -24.46 -10.73 -18.69
C ILE D 271 -23.62 -9.74 -19.51
N SER D 272 -23.68 -8.44 -19.16
CA SER D 272 -22.85 -7.43 -19.83
C SER D 272 -21.37 -7.61 -19.57
N LEU D 273 -21.03 -8.39 -18.55
CA LEU D 273 -19.66 -8.70 -18.17
C LEU D 273 -19.05 -9.82 -19.02
N VAL D 274 -19.86 -10.48 -19.85
CA VAL D 274 -19.36 -11.61 -20.64
C VAL D 274 -18.20 -11.17 -21.51
N PRO D 275 -18.28 -10.08 -22.27
CA PRO D 275 -17.12 -9.71 -23.07
C PRO D 275 -15.88 -9.55 -22.24
N ASN D 276 -16.00 -9.07 -21.00
CA ASN D 276 -14.87 -9.04 -20.08
C ASN D 276 -14.46 -10.45 -19.64
N LEU D 277 -15.45 -11.32 -19.43
CA LEU D 277 -15.13 -12.70 -19.12
C LEU D 277 -14.27 -13.31 -20.21
N VAL D 278 -14.63 -13.04 -21.48
CA VAL D 278 -13.92 -13.63 -22.61
C VAL D 278 -12.48 -13.15 -22.67
N GLU D 279 -12.28 -11.83 -22.45
CA GLU D 279 -10.94 -11.25 -22.52
C GLU D 279 -10.06 -11.75 -21.40
N GLU D 280 -10.65 -11.91 -20.21
CA GLU D 280 -9.94 -12.36 -19.04
C GLU D 280 -9.64 -13.83 -19.10
N THR D 281 -10.53 -14.63 -19.68
CA THR D 281 -10.16 -16.02 -19.91
C THR D 281 -8.95 -16.10 -20.82
N LEU D 282 -8.97 -15.31 -21.89
CA LEU D 282 -7.84 -15.19 -22.79
C LEU D 282 -6.57 -14.77 -22.07
N ARG D 283 -6.67 -13.82 -21.14
CA ARG D 283 -5.49 -13.38 -20.40
C ARG D 283 -5.00 -14.44 -19.44
N TYR D 284 -5.90 -14.89 -18.57
CA TYR D 284 -5.64 -15.79 -17.46
C TYR D 284 -5.45 -17.21 -17.96
N TYR D 285 -6.26 -17.67 -18.90
CA TYR D 285 -6.15 -19.03 -19.40
C TYR D 285 -5.99 -19.00 -20.92
N PRO D 286 -4.88 -18.45 -21.43
CA PRO D 286 -4.69 -18.29 -22.88
C PRO D 286 -4.71 -19.61 -23.63
N PRO D 287 -5.57 -19.77 -24.66
CA PRO D 287 -5.50 -20.97 -25.51
C PRO D 287 -4.17 -21.19 -26.18
N ILE D 288 -3.54 -20.13 -26.63
CA ILE D 288 -2.20 -20.19 -27.20
C ILE D 288 -1.34 -19.58 -26.13
N GLN D 289 -0.51 -20.37 -25.47
CA GLN D 289 0.27 -19.77 -24.39
C GLN D 289 1.63 -19.30 -24.86
N ALA D 290 2.00 -19.63 -26.10
CA ALA D 290 3.27 -19.29 -26.72
C ALA D 290 3.10 -19.00 -28.21
N ILE D 291 3.90 -18.05 -28.68
CA ILE D 291 3.97 -17.64 -30.07
C ILE D 291 5.39 -17.92 -30.59
N GLY D 292 5.49 -18.59 -31.73
CA GLY D 292 6.78 -18.89 -32.30
C GLY D 292 7.27 -17.78 -33.23
N ARG D 293 8.59 -17.57 -33.22
CA ARG D 293 9.25 -16.67 -34.15
C ARG D 293 10.64 -17.22 -34.46
N ILE D 294 11.18 -16.82 -35.62
CA ILE D 294 12.58 -17.10 -35.99
C ILE D 294 13.31 -15.78 -36.16
N ALA D 295 14.48 -15.64 -35.52
CA ALA D 295 15.29 -14.46 -35.71
C ALA D 295 15.84 -14.39 -37.13
N ALA D 296 15.75 -13.21 -37.73
CA ALA D 296 16.25 -12.94 -39.07
C ALA D 296 17.62 -12.25 -39.09
N GLU D 297 17.97 -11.58 -38.01
CA GLU D 297 19.24 -10.90 -37.80
C GLU D 297 19.76 -11.31 -36.43
N ASP D 298 21.00 -10.97 -36.14
CA ASP D 298 21.39 -10.91 -34.75
C ASP D 298 20.65 -9.73 -34.12
N VAL D 299 20.14 -9.90 -32.90
CA VAL D 299 19.52 -8.78 -32.18
C VAL D 299 19.80 -8.92 -30.71
N GLU D 300 20.07 -7.77 -30.07
CA GLU D 300 20.28 -7.69 -28.63
C GLU D 300 18.98 -7.23 -27.99
N LEU D 301 18.39 -8.13 -27.18
CA LEU D 301 17.30 -7.84 -26.25
C LEU D 301 17.91 -7.80 -24.86
N GLY D 302 17.70 -6.68 -24.15
CA GLY D 302 18.37 -6.46 -22.89
C GLY D 302 19.82 -6.82 -23.07
N GLU D 303 20.34 -7.74 -22.25
CA GLU D 303 21.72 -8.20 -22.36
C GLU D 303 21.79 -9.54 -23.07
N CYS D 304 20.65 -10.05 -23.49
CA CYS D 304 20.59 -11.33 -24.15
C CYS D 304 20.99 -11.20 -25.60
N LYS D 305 21.74 -12.18 -26.06
CA LYS D 305 22.32 -12.22 -27.38
C LYS D 305 21.70 -13.20 -28.37
N ILE D 306 20.73 -12.78 -29.14
CA ILE D 306 20.11 -13.69 -30.08
C ILE D 306 20.66 -13.48 -31.49
N LYS D 307 20.97 -14.61 -32.11
CA LYS D 307 21.54 -14.74 -33.43
C LYS D 307 20.45 -15.07 -34.44
N ARG D 308 20.67 -14.62 -35.68
CA ARG D 308 19.98 -15.13 -36.88
C ARG D 308 19.67 -16.63 -36.79
N GLY D 309 18.44 -17.02 -37.11
CA GLY D 309 18.10 -18.41 -37.29
C GLY D 309 17.61 -19.11 -36.05
N GLN D 310 17.62 -18.42 -34.91
CA GLN D 310 17.29 -19.03 -33.62
C GLN D 310 15.80 -18.85 -33.31
N GLN D 311 15.26 -19.84 -32.62
CA GLN D 311 13.86 -19.85 -32.23
C GLN D 311 13.67 -18.92 -31.06
N VAL D 312 12.64 -18.06 -31.15
CA VAL D 312 12.32 -17.05 -30.14
C VAL D 312 10.84 -17.27 -29.77
N ILE D 313 10.61 -18.00 -28.67
CA ILE D 313 9.27 -18.30 -28.21
C ILE D 313 8.88 -17.17 -27.26
N SER D 314 7.79 -16.46 -27.57
CA SER D 314 7.23 -15.40 -26.74
C SER D 314 6.06 -15.97 -25.96
N TRP D 315 6.09 -15.88 -24.64
CA TRP D 315 5.11 -16.60 -23.83
C TRP D 315 3.99 -15.63 -23.47
N ALA D 316 2.90 -15.71 -24.21
CA ALA D 316 1.75 -14.88 -23.89
C ALA D 316 1.18 -15.24 -22.53
N ALA D 317 1.37 -16.49 -22.09
CA ALA D 317 0.92 -16.93 -20.76
C ALA D 317 1.67 -16.23 -19.64
N SER D 318 2.96 -16.03 -19.84
CA SER D 318 3.75 -15.22 -18.95
C SER D 318 3.42 -13.72 -19.10
N ALA D 319 3.50 -13.20 -20.32
CA ALA D 319 3.25 -11.78 -20.56
C ALA D 319 1.93 -11.32 -19.99
N ASN D 320 0.89 -12.15 -20.11
CA ASN D 320 -0.42 -11.77 -19.65
C ASN D 320 -0.51 -11.58 -18.16
N ARG D 321 0.49 -12.06 -17.42
CA ARG D 321 0.53 -11.98 -15.96
C ARG D 321 1.69 -11.09 -15.49
N ASP D 322 2.25 -10.27 -16.40
CA ASP D 322 3.35 -9.35 -16.09
C ASP D 322 2.86 -8.26 -15.15
N SER D 323 3.35 -8.27 -13.89
CA SER D 323 3.05 -7.22 -12.90
C SER D 323 3.30 -5.82 -13.44
N ALA D 324 4.13 -5.69 -14.47
CA ALA D 324 4.43 -4.40 -15.06
C ALA D 324 3.27 -3.85 -15.88
N LYS D 325 2.35 -4.70 -16.33
CA LYS D 325 1.29 -4.30 -17.24
C LYS D 325 -0.09 -4.58 -16.70
N PHE D 326 -0.22 -5.54 -15.78
CA PHE D 326 -1.50 -5.95 -15.22
C PHE D 326 -1.48 -5.87 -13.70
N GLU D 327 -2.38 -5.07 -13.14
CA GLU D 327 -2.62 -5.14 -11.71
C GLU D 327 -3.29 -6.48 -11.45
N TRP D 328 -3.10 -7.03 -10.24
CA TRP D 328 -3.65 -8.33 -9.85
C TRP D 328 -3.46 -9.29 -11.02
N PRO D 329 -2.23 -9.55 -11.43
CA PRO D 329 -1.99 -10.30 -12.66
C PRO D 329 -2.36 -11.78 -12.57
N ASP D 330 -2.58 -12.28 -11.35
CA ASP D 330 -2.84 -13.69 -11.08
C ASP D 330 -4.20 -13.89 -10.43
N THR D 331 -5.09 -12.91 -10.62
CA THR D 331 -6.47 -12.98 -10.14
C THR D 331 -7.35 -12.79 -11.36
N PHE D 332 -8.43 -13.55 -11.41
CA PHE D 332 -9.35 -13.49 -12.54
C PHE D 332 -10.32 -12.37 -12.25
N VAL D 333 -10.17 -11.28 -12.96
CA VAL D 333 -10.94 -10.08 -12.67
C VAL D 333 -11.84 -9.84 -13.86
N VAL D 334 -13.15 -9.81 -13.61
CA VAL D 334 -14.13 -9.57 -14.64
C VAL D 334 -14.54 -8.10 -14.68
N HIS D 335 -13.82 -7.23 -13.97
CA HIS D 335 -14.10 -5.81 -13.92
C HIS D 335 -12.92 -4.95 -14.35
N ARG D 336 -11.98 -5.50 -15.09
CA ARG D 336 -10.85 -4.70 -15.52
C ARG D 336 -11.33 -3.56 -16.41
N LYS D 337 -10.61 -2.44 -16.35
CA LYS D 337 -10.97 -1.30 -17.20
C LYS D 337 -10.34 -1.44 -18.58
N THR D 338 -9.22 -2.12 -18.63
CA THR D 338 -8.54 -2.47 -19.87
C THR D 338 -7.93 -3.85 -19.67
N ASN D 339 -7.75 -4.57 -20.77
CA ASN D 339 -7.12 -5.89 -20.75
C ASN D 339 -6.23 -6.06 -21.96
N PRO D 340 -5.04 -5.46 -21.95
CA PRO D 340 -4.14 -5.54 -23.10
C PRO D 340 -3.30 -6.81 -23.16
N HIS D 341 -3.96 -7.95 -23.00
CA HIS D 341 -3.31 -9.23 -23.20
C HIS D 341 -2.84 -9.39 -24.63
N VAL D 342 -2.02 -10.40 -24.84
CA VAL D 342 -1.47 -10.71 -26.15
C VAL D 342 -1.89 -12.13 -26.50
N SER D 343 -3.07 -12.52 -26.06
CA SER D 343 -3.60 -13.84 -26.38
C SER D 343 -3.97 -13.99 -27.86
N PHE D 344 -4.25 -12.89 -28.55
CA PHE D 344 -4.42 -12.91 -30.00
C PHE D 344 -3.16 -12.46 -30.74
N GLY D 345 -2.05 -12.38 -30.06
CA GLY D 345 -0.83 -11.88 -30.64
C GLY D 345 -0.75 -10.37 -30.59
N PHE D 346 0.08 -9.85 -31.48
CA PHE D 346 0.22 -8.41 -31.60
C PHE D 346 0.91 -8.10 -32.90
N GLY D 347 0.44 -7.03 -33.54
CA GLY D 347 1.06 -6.60 -34.77
C GLY D 347 0.39 -7.12 -36.02
N ILE D 348 1.20 -7.41 -37.04
CA ILE D 348 0.61 -7.65 -38.33
C ILE D 348 -0.12 -8.98 -38.38
N HIS D 349 0.24 -9.94 -37.52
CA HIS D 349 -0.39 -11.26 -37.50
C HIS D 349 -1.47 -11.38 -36.45
N PHE D 350 -1.87 -10.29 -35.81
CA PHE D 350 -2.90 -10.36 -34.80
C PHE D 350 -4.10 -11.11 -35.34
N CYS D 351 -4.60 -12.06 -34.55
CA CYS D 351 -5.58 -13.05 -34.97
C CYS D 351 -6.66 -12.47 -35.86
N LEU D 352 -6.74 -12.99 -37.08
CA LEU D 352 -7.79 -12.57 -37.99
C LEU D 352 -9.15 -12.96 -37.44
N GLY D 353 -9.20 -14.00 -36.62
CA GLY D 353 -10.45 -14.52 -36.12
C GLY D 353 -10.75 -14.07 -34.71
N ALA D 354 -10.05 -13.03 -34.24
CA ALA D 354 -10.32 -12.53 -32.90
C ALA D 354 -11.76 -12.05 -32.76
N PRO D 355 -12.34 -11.31 -33.70
CA PRO D 355 -13.76 -10.95 -33.54
C PRO D 355 -14.65 -12.17 -33.54
N LEU D 356 -14.39 -13.12 -34.43
CA LEU D 356 -15.19 -14.33 -34.47
C LEU D 356 -15.05 -15.11 -33.17
N ALA D 357 -13.79 -15.31 -32.72
CA ALA D 357 -13.55 -16.04 -31.49
C ALA D 357 -14.22 -15.36 -30.32
N ARG D 358 -14.12 -14.04 -30.29
CA ARG D 358 -14.75 -13.27 -29.23
C ARG D 358 -16.25 -13.46 -29.23
N MET D 359 -16.85 -13.63 -30.41
CA MET D 359 -18.28 -13.81 -30.54
C MET D 359 -18.67 -15.21 -30.14
N GLU D 360 -17.96 -16.20 -30.67
CA GLU D 360 -18.24 -17.55 -30.25
C GLU D 360 -18.08 -17.66 -28.73
N GLY D 361 -17.02 -17.08 -28.18
CA GLY D 361 -16.91 -17.07 -26.75
C GLY D 361 -18.10 -16.39 -26.11
N LYS D 362 -18.43 -15.18 -26.56
CA LYS D 362 -19.55 -14.43 -25.97
C LYS D 362 -20.84 -15.22 -26.03
N ILE D 363 -21.13 -15.84 -27.17
CA ILE D 363 -22.33 -16.63 -27.33
C ILE D 363 -22.30 -17.84 -26.38
N ALA D 364 -21.17 -18.52 -26.34
CA ALA D 364 -21.08 -19.77 -25.58
C ALA D 364 -21.25 -19.55 -24.07
N PHE D 365 -20.40 -18.71 -23.46
CA PHE D 365 -20.55 -18.47 -22.04
C PHE D 365 -21.95 -17.96 -21.78
N THR D 366 -22.44 -17.09 -22.63
CA THR D 366 -23.73 -16.47 -22.44
C THR D 366 -24.82 -17.55 -22.42
N LYS D 367 -24.86 -18.40 -23.44
CA LYS D 367 -25.81 -19.52 -23.49
C LYS D 367 -25.65 -20.45 -22.29
N LEU D 368 -24.41 -20.75 -21.89
CA LEU D 368 -24.17 -21.62 -20.75
C LEU D 368 -24.72 -21.03 -19.45
N LEU D 369 -24.50 -19.74 -19.24
CA LEU D 369 -24.96 -19.10 -18.03
C LEU D 369 -26.47 -19.06 -17.97
N GLU D 370 -27.11 -18.83 -19.12
CA GLU D 370 -28.56 -18.74 -19.17
C GLU D 370 -29.22 -20.09 -18.92
N LYS D 371 -28.55 -21.18 -19.29
CA LYS D 371 -29.01 -22.51 -18.94
C LYS D 371 -28.99 -22.76 -17.42
N GLY D 372 -28.22 -22.00 -16.67
CA GLY D 372 -28.26 -22.04 -15.21
C GLY D 372 -26.93 -22.42 -14.60
N GLY D 373 -26.86 -22.25 -13.29
CA GLY D 373 -25.63 -22.52 -12.55
C GLY D 373 -25.02 -23.83 -13.00
N PHE D 374 -23.69 -23.93 -13.04
CA PHE D 374 -23.06 -25.18 -13.40
C PHE D 374 -21.81 -25.40 -12.56
N SER D 375 -21.45 -26.67 -12.44
CA SER D 375 -20.45 -27.09 -11.49
C SER D 375 -19.50 -28.09 -12.12
N LYS D 376 -18.28 -28.09 -11.62
CA LYS D 376 -17.30 -29.07 -12.02
C LYS D 376 -17.70 -30.43 -11.48
N VAL D 377 -17.52 -31.44 -12.30
CA VAL D 377 -17.63 -32.79 -11.81
C VAL D 377 -16.38 -33.05 -10.96
N GLN D 378 -16.61 -33.50 -9.72
CA GLN D 378 -15.55 -33.78 -8.75
C GLN D 378 -14.66 -34.94 -9.22
N ASN D 379 -13.40 -34.92 -8.77
CA ASN D 379 -12.44 -35.99 -9.03
C ASN D 379 -12.42 -36.35 -10.53
N GLN D 380 -11.93 -35.38 -11.30
CA GLN D 380 -11.56 -35.64 -12.69
C GLN D 380 -10.05 -35.71 -12.79
N SER D 381 -9.59 -36.43 -13.82
CA SER D 381 -8.17 -36.47 -14.17
C SER D 381 -8.01 -35.59 -15.42
N LEU D 382 -7.91 -34.29 -15.20
CA LEU D 382 -7.78 -33.40 -16.34
C LEU D 382 -6.46 -33.72 -17.05
N LYS D 383 -6.55 -34.13 -18.31
CA LYS D 383 -5.36 -34.38 -19.11
C LYS D 383 -5.16 -33.17 -20.02
N PRO D 384 -4.04 -32.47 -19.95
CA PRO D 384 -3.86 -31.28 -20.79
C PRO D 384 -3.62 -31.67 -22.24
N ILE D 385 -3.89 -30.70 -23.12
CA ILE D 385 -3.56 -30.86 -24.52
C ILE D 385 -2.07 -31.15 -24.63
N ASP D 386 -1.72 -32.02 -25.59
CA ASP D 386 -0.34 -32.50 -25.69
C ASP D 386 0.65 -31.34 -25.78
N SER D 387 0.36 -30.34 -26.63
CA SER D 387 1.34 -29.31 -26.95
C SER D 387 1.69 -28.44 -25.74
N PRO D 388 2.94 -27.95 -25.68
CA PRO D 388 3.31 -26.96 -24.68
C PRO D 388 3.09 -25.52 -25.11
N PHE D 389 2.68 -25.26 -26.37
CA PHE D 389 2.25 -23.94 -26.82
C PHE D 389 0.75 -23.74 -26.60
N VAL D 390 0.02 -24.83 -26.41
CA VAL D 390 -1.42 -24.76 -26.24
C VAL D 390 -1.67 -24.93 -24.76
N PHE D 391 -2.73 -24.31 -24.28
CA PHE D 391 -3.14 -24.50 -22.91
C PHE D 391 -4.60 -24.91 -22.93
N GLY D 392 -4.85 -26.13 -22.52
CA GLY D 392 -6.23 -26.59 -22.45
C GLY D 392 -6.28 -28.05 -22.08
N VAL D 393 -7.52 -28.52 -21.92
CA VAL D 393 -7.78 -29.88 -21.47
C VAL D 393 -8.48 -30.68 -22.57
N LYS D 394 -8.22 -31.98 -22.59
CA LYS D 394 -8.84 -32.86 -23.57
C LYS D 394 -10.29 -33.15 -23.26
N LYS D 395 -10.67 -32.97 -21.99
CA LYS D 395 -11.98 -33.29 -21.47
C LYS D 395 -12.22 -32.43 -20.25
N TYR D 396 -13.45 -31.97 -20.07
CA TYR D 396 -13.80 -31.21 -18.88
C TYR D 396 -15.31 -31.39 -18.66
N GLU D 397 -15.67 -32.22 -17.69
CA GLU D 397 -17.08 -32.55 -17.43
C GLU D 397 -17.69 -31.57 -16.44
N ILE D 398 -18.88 -31.10 -16.74
CA ILE D 398 -19.62 -30.24 -15.84
C ILE D 398 -21.02 -30.82 -15.69
N ALA D 399 -21.85 -30.14 -14.85
CA ALA D 399 -23.24 -30.49 -14.65
C ALA D 399 -24.02 -29.24 -14.26
N PHE D 400 -25.26 -29.14 -14.74
CA PHE D 400 -26.12 -28.06 -14.31
C PHE D 400 -26.87 -28.47 -13.05
N ASN D 401 -27.30 -27.48 -12.27
CA ASN D 401 -27.80 -27.72 -10.90
C ASN D 401 -29.29 -28.20 -10.82
CHA HEM E . 8.50 -17.52 10.45
CHB HEM E . 8.01 -18.38 15.08
CHC HEM E . 5.95 -14.06 15.68
CHD HEM E . 6.04 -13.52 11.01
C1A HEM E . 8.64 -18.11 11.68
C2A HEM E . 9.35 -19.34 11.96
C3A HEM E . 9.20 -19.55 13.23
C4A HEM E . 8.39 -18.51 13.78
CMA HEM E . 9.81 -20.74 13.96
CAA HEM E . 10.17 -20.21 10.99
CBA HEM E . 9.36 -21.40 10.50
CGA HEM E . 10.05 -22.20 9.43
O1A HEM E . 11.30 -22.10 9.41
O2A HEM E . 9.38 -22.89 8.61
C1B HEM E . 7.45 -17.26 15.64
C2B HEM E . 7.27 -17.02 17.06
C3B HEM E . 6.69 -15.83 17.20
C4B HEM E . 6.50 -15.29 15.89
CMB HEM E . 7.67 -17.98 18.19
CAB HEM E . 6.31 -15.04 18.46
CBB HEM E . 6.89 -15.26 19.65
C1C HEM E . 5.79 -13.52 14.46
C2C HEM E . 5.25 -12.25 14.20
C3C HEM E . 5.25 -12.09 12.90
C4C HEM E . 5.84 -13.29 12.34
CMC HEM E . 4.76 -11.30 15.28
CAC HEM E . 4.75 -10.89 12.08
CBC HEM E . 3.84 -10.02 12.54
C1D HEM E . 6.69 -14.56 10.44
C2D HEM E . 6.89 -14.78 9.03
C3D HEM E . 7.55 -15.90 8.88
C4D HEM E . 7.80 -16.40 10.20
CMD HEM E . 6.39 -13.88 7.89
CAD HEM E . 7.98 -16.54 7.55
CBD HEM E . 9.43 -16.17 7.25
CGD HEM E . 9.88 -16.99 6.10
O1D HEM E . 10.88 -16.57 5.47
O2D HEM E . 9.25 -18.03 5.83
NA HEM E . 8.04 -17.63 12.81
NB HEM E . 6.95 -16.19 14.93
NC HEM E . 6.17 -14.16 13.33
ND HEM E . 7.29 -15.59 11.14
FE HEM E . 7.11 -16.04 13.09
OH2 1PE F . 6.50 -25.03 43.82
C12 1PE F . 7.07 -23.74 43.91
C22 1PE F . 8.56 -23.81 43.59
OH3 1PE F . 8.69 -23.46 42.23
C13 1PE F . 10.33 -23.00 40.48
C23 1PE F . 9.83 -22.67 41.90
OH4 1PE F . 9.27 -23.47 39.67
C14 1PE F . 8.43 -23.57 37.43
C24 1PE F . 9.61 -23.90 38.36
OH5 1PE F . 8.20 -24.60 36.48
C15 1PE F . 6.65 -26.04 35.38
C25 1PE F . 6.89 -25.08 36.53
OH6 1PE F . 7.42 -27.20 35.49
C16 1PE F . 5.96 -29.15 36.03
C26 1PE F . 6.93 -28.44 35.03
OH7 1PE F . 5.50 -30.31 35.39
OH2 1PE G . -8.70 0.71 -10.53
C12 1PE G . -9.55 0.30 -9.51
C22 1PE G . -11.00 0.79 -9.72
OH3 1PE G . -11.92 -0.16 -9.22
C13 1PE G . -11.91 -1.59 -11.24
C23 1PE G . -12.72 -0.92 -10.10
OH4 1PE G . -11.37 -2.81 -10.83
C14 1PE G . -9.63 -4.43 -11.19
C24 1PE G . -10.00 -2.95 -11.12
OH5 1PE G . -8.75 -4.77 -10.16
C15 1PE G . -9.34 -6.09 -8.26
C25 1PE G . -9.33 -4.71 -8.89
OH6 1PE G . -10.36 -6.11 -7.29
C16 1PE G . -9.86 -5.95 -5.00
C26 1PE G . -10.30 -5.18 -6.22
OH7 1PE G . -9.42 -7.16 -5.52
S SO4 H . 26.12 -20.40 12.58
O1 SO4 H . 27.49 -20.77 12.27
O2 SO4 H . 25.52 -19.84 11.38
O3 SO4 H . 25.95 -19.56 13.76
O4 SO4 H . 25.49 -21.65 12.89
S SO4 I . 17.73 -1.20 9.08
O1 SO4 I . 18.46 0.03 8.84
O2 SO4 I . 17.79 -2.05 7.90
O3 SO4 I . 16.35 -0.83 9.36
O4 SO4 I . 18.29 -1.98 10.16
CHA HEM J . 20.33 28.62 6.46
CHB HEM J . 21.03 23.92 5.94
CHC HEM J . 22.86 24.44 1.54
CHD HEM J . 22.67 29.14 2.35
C1A HEM J . 20.31 27.29 6.67
C2A HEM J . 19.72 26.64 7.80
C3A HEM J . 19.91 25.36 7.66
C4A HEM J . 20.64 25.14 6.43
CMA HEM J . 19.42 24.29 8.64
CAA HEM J . 18.95 27.31 8.96
CBA HEM J . 19.83 27.40 10.20
CGA HEM J . 19.09 28.15 11.25
O1A HEM J . 17.85 28.24 11.15
O2A HEM J . 19.76 28.68 12.15
C1B HEM J . 21.55 23.64 4.71
C2B HEM J . 21.82 22.32 4.17
C3B HEM J . 22.34 22.51 2.97
C4B HEM J . 22.40 23.90 2.71
CMB HEM J . 21.56 21.00 4.94
CAB HEM J . 22.83 21.53 1.91
CBB HEM J . 22.47 20.27 1.88
C1C HEM J . 22.98 25.78 1.39
C2C HEM J . 23.51 26.45 0.23
C3C HEM J . 23.44 27.74 0.47
C4C HEM J . 22.87 27.91 1.77
CMC HEM J . 24.06 25.74 -1.02
CAC HEM J . 23.88 28.90 -0.41
CBC HEM J . 24.77 28.78 -1.39
C1D HEM J . 22.05 29.42 3.53
C2D HEM J . 21.86 30.73 4.10
C3D HEM J . 21.21 30.59 5.22
C4D HEM J . 20.98 29.19 5.42
CMD HEM J . 22.32 32.08 3.51
CAD HEM J . 20.78 31.71 6.16
CBD HEM J . 19.35 32.10 5.84
CGD HEM J . 18.84 33.03 6.88
O1D HEM J . 17.88 33.76 6.64
O2D HEM J . 19.38 33.04 7.99
NA HEM J . 20.87 26.35 5.85
NB HEM J . 21.91 24.59 3.79
NC HEM J . 22.57 26.69 2.32
ND HEM J . 21.51 28.49 4.36
FE HEM J . 21.80 26.49 4.21
OH2 1PE K . 19.49 -3.72 1.67
C12 1PE K . 19.17 -3.80 3.03
C22 1PE K . 20.25 -3.10 3.89
OH3 1PE K . 19.79 -1.81 4.26
C13 1PE K . 20.32 0.32 5.32
C23 1PE K . 20.82 -1.05 4.80
OH4 1PE K . 21.47 1.10 5.51
C14 1PE K . 22.80 1.94 7.34
C24 1PE K . 21.46 1.99 6.57
OH5 1PE K . 22.50 1.70 8.69
C15 1PE K . 22.91 1.88 10.98
C25 1PE K . 23.43 2.16 9.59
OH6 1PE K . 24.01 2.08 11.82
C16 1PE K . 26.03 0.70 12.27
C26 1PE K . 24.54 1.00 12.57
OH7 1PE K . 26.81 1.83 12.57
S SO4 L . 9.99 33.54 -8.58
O1 SO4 L . 11.38 33.52 -9.04
O2 SO4 L . 9.72 32.27 -7.92
O3 SO4 L . 9.86 34.62 -7.60
O4 SO4 L . 9.08 33.73 -9.71
OH2 1PE M . -7.71 -0.03 21.69
C12 1PE M . -8.27 1.23 21.70
C22 1PE M . -7.42 2.09 22.65
OH3 1PE M . -6.58 2.95 21.95
C13 1PE M . -4.47 2.90 20.98
C23 1PE M . -5.23 3.04 22.29
OH4 1PE M . -3.63 3.97 20.77
C14 1PE M . -2.78 4.23 18.49
C24 1PE M . -2.53 3.74 19.93
OH5 1PE M . -2.83 5.63 18.47
C15 1PE M . -2.72 7.93 17.35
C25 1PE M . -2.96 6.37 17.26
OH6 1PE M . -3.33 8.65 18.41
C16 1PE M . -3.11 9.95 20.53
C26 1PE M . -2.62 9.68 19.08
OH7 1PE M . -2.04 10.02 21.43
OH2 1PE N . -9.23 9.59 1.17
C12 1PE N . -10.24 9.23 2.10
C22 1PE N . -10.57 7.72 2.17
OH3 1PE N . -9.44 6.98 2.51
C13 1PE N . -8.35 4.98 3.24
C23 1PE N . -9.67 5.64 2.82
OH4 1PE N . -7.76 5.69 4.31
C14 1PE N . -6.20 5.70 6.21
C24 1PE N . -6.97 4.91 5.16
OH5 1PE N . -5.81 7.02 5.88
C15 1PE N . -6.34 9.40 6.45
C25 1PE N . -5.85 7.99 6.91
OH6 1PE N . -7.32 10.01 7.28
C16 1PE N . -9.38 11.35 7.40
C26 1PE N . -8.03 11.10 6.72
OH7 1PE N . -10.26 10.28 7.05
CHA HEM O . -20.81 9.51 12.66
CHB HEM O . -19.62 13.66 10.43
CHC HEM O . -22.21 12.30 6.56
CHD HEM O . -23.81 8.51 9.03
C1A HEM O . -20.20 10.72 12.39
C2A HEM O . -19.22 11.37 13.22
C3A HEM O . -18.87 12.49 12.60
C4A HEM O . -19.64 12.62 11.36
CMA HEM O . -17.85 13.54 13.11
CAA HEM O . -18.65 10.78 14.55
CBA HEM O . -19.31 11.37 15.79
CGA HEM O . -18.80 10.68 17.06
O1A HEM O . -17.67 10.15 17.04
O2A HEM O . -19.50 10.66 18.09
C1B HEM O . -20.19 13.63 9.16
C2B HEM O . -19.89 14.54 8.06
C3B HEM O . -20.64 14.17 7.00
C4B HEM O . -21.36 13.00 7.39
CMB HEM O . -18.94 15.74 8.21
CAB HEM O . -20.76 14.73 5.57
CBB HEM O . -19.84 15.48 5.02
C1C HEM O . -22.82 11.12 6.86
C2C HEM O . -23.54 10.29 5.96
C3C HEM O . -23.98 9.23 6.64
C4C HEM O . -23.55 9.39 8.01
CMC HEM O . -23.73 10.58 4.45
CAC HEM O . -24.82 8.02 6.16
CBC HEM O . -25.61 8.04 5.10
C1D HEM O . -23.16 8.43 10.23
C2D HEM O . -23.31 7.41 11.25
C3D HEM O . -22.48 7.70 12.27
C4D HEM O . -21.76 8.89 11.90
CMD HEM O . -24.28 6.22 11.22
CAD HEM O . -22.33 6.89 13.58
CBD HEM O . -21.12 5.95 13.51
CGD HEM O . -20.86 5.31 14.87
O1D HEM O . -20.14 4.29 14.95
O2D HEM O . -21.33 5.82 15.90
NA HEM O . -20.45 11.51 11.29
NB HEM O . -21.07 12.69 8.69
NC HEM O . -22.84 10.56 8.11
ND HEM O . -22.20 9.31 10.66
FE HEM O . -21.59 11.02 9.79
CHA HEM P . -3.44 -15.71 -35.91
CHB HEM P . -4.78 -17.03 -31.49
CHC HEM P . -9.21 -18.00 -33.01
CHD HEM P . -7.72 -17.34 -37.54
C1A HEM P . -3.41 -15.87 -34.55
C2A HEM P . -2.36 -15.49 -33.63
C3A HEM P . -2.78 -15.86 -32.40
C4A HEM P . -4.06 -16.49 -32.53
CMA HEM P . -2.04 -15.69 -31.06
CAA HEM P . -1.06 -14.75 -34.01
CBA HEM P . 0.15 -15.68 -34.11
CGA HEM P . 1.36 -14.92 -34.53
O1A HEM P . 1.46 -13.70 -34.26
O2A HEM P . 2.27 -15.53 -35.12
C1B HEM P . -6.09 -17.37 -31.51
C2B HEM P . -6.89 -17.72 -30.37
C3B HEM P . -8.13 -17.96 -30.80
C4B HEM P . -8.12 -17.82 -32.23
CMB HEM P . -6.38 -17.75 -28.93
CAB HEM P . -9.38 -18.38 -30.02
CBB HEM P . -9.53 -18.27 -28.70
C1C HEM P . -9.19 -17.91 -34.38
C2C HEM P . -10.31 -18.15 -35.26
C3C HEM P . -9.89 -17.98 -36.51
C4C HEM P . -8.49 -17.61 -36.45
CMC HEM P . -11.71 -18.55 -34.79
CAC HEM P . -10.65 -18.11 -37.83
CBC HEM P . -11.75 -18.83 -37.97
C1D HEM P . -6.43 -16.87 -37.49
C2D HEM P . -5.60 -16.63 -38.64
C3D HEM P . -4.43 -16.18 -38.21
C4D HEM P . -4.47 -16.13 -36.76
CMD HEM P . -6.01 -16.84 -40.11
CAD HEM P . -3.23 -15.79 -39.09
CBD HEM P . -3.30 -14.28 -39.24
CGD HEM P . -2.07 -13.65 -39.84
O1D HEM P . -2.22 -12.47 -40.28
O2D HEM P . -0.97 -14.28 -39.83
NA HEM P . -4.41 -16.49 -33.83
NB HEM P . -6.86 -17.45 -32.64
NC HEM P . -8.09 -17.58 -35.12
ND HEM P . -5.72 -16.56 -36.35
FE HEM P . -6.10 -17.06 -34.37
#